data_7XC5
# 
_entry.id   7XC5 
# 
_audit_conform.dict_name       mmcif_pdbx.dic 
_audit_conform.dict_version    5.392 
_audit_conform.dict_location   http://mmcif.pdb.org/dictionaries/ascii/mmcif_pdbx.dic 
# 
loop_
_database_2.database_id 
_database_2.database_code 
_database_2.pdbx_database_accession 
_database_2.pdbx_DOI 
PDB   7XC5         pdb_00007xc5 10.2210/pdb7xc5/pdb 
WWPDB D_1300028508 ?            ?                   
# 
loop_
_pdbx_audit_revision_history.ordinal 
_pdbx_audit_revision_history.data_content_type 
_pdbx_audit_revision_history.major_revision 
_pdbx_audit_revision_history.minor_revision 
_pdbx_audit_revision_history.revision_date 
1 'Structure model' 1 0 2023-01-18 
2 'Structure model' 1 1 2023-08-02 
3 'Structure model' 1 2 2024-05-29 
# 
_pdbx_audit_revision_details.ordinal             1 
_pdbx_audit_revision_details.revision_ordinal    1 
_pdbx_audit_revision_details.data_content_type   'Structure model' 
_pdbx_audit_revision_details.provider            repository 
_pdbx_audit_revision_details.type                'Initial release' 
_pdbx_audit_revision_details.description         ? 
_pdbx_audit_revision_details.details             ? 
# 
loop_
_pdbx_audit_revision_group.ordinal 
_pdbx_audit_revision_group.revision_ordinal 
_pdbx_audit_revision_group.data_content_type 
_pdbx_audit_revision_group.group 
1 2 'Structure model' 'Database references' 
2 3 'Structure model' 'Data collection'     
# 
loop_
_pdbx_audit_revision_category.ordinal 
_pdbx_audit_revision_category.revision_ordinal 
_pdbx_audit_revision_category.data_content_type 
_pdbx_audit_revision_category.category 
1 2 'Structure model' citation        
2 2 'Structure model' citation_author 
3 3 'Structure model' chem_comp_atom  
4 3 'Structure model' chem_comp_bond  
# 
loop_
_pdbx_audit_revision_item.ordinal 
_pdbx_audit_revision_item.revision_ordinal 
_pdbx_audit_revision_item.data_content_type 
_pdbx_audit_revision_item.item 
1  2 'Structure model' '_citation.country'                 
2  2 'Structure model' '_citation.journal_abbrev'          
3  2 'Structure model' '_citation.journal_id_CSD'          
4  2 'Structure model' '_citation.journal_id_ISSN'         
5  2 'Structure model' '_citation.journal_volume'          
6  2 'Structure model' '_citation.page_first'              
7  2 'Structure model' '_citation.page_last'               
8  2 'Structure model' '_citation.pdbx_database_id_DOI'    
9  2 'Structure model' '_citation.pdbx_database_id_PubMed' 
10 2 'Structure model' '_citation.title'                   
11 2 'Structure model' '_citation.year'                    
12 2 'Structure model' '_citation_author.identifier_ORCID' 
# 
_pdbx_database_status.status_code                     REL 
_pdbx_database_status.status_code_sf                  REL 
_pdbx_database_status.status_code_mr                  ? 
_pdbx_database_status.entry_id                        7XC5 
_pdbx_database_status.recvd_initial_deposition_date   2022-03-23 
_pdbx_database_status.SG_entry                        N 
_pdbx_database_status.deposit_site                    PDBJ 
_pdbx_database_status.process_site                    PDBJ 
_pdbx_database_status.status_code_cs                  ? 
_pdbx_database_status.status_code_nmr_data            ? 
_pdbx_database_status.methods_development_category    ? 
_pdbx_database_status.pdb_format_compatible           Y 
# 
_pdbx_contact_author.id                 3 
_pdbx_contact_author.email              gaon@pku.edu.cn 
_pdbx_contact_author.name_first         Ning 
_pdbx_contact_author.name_last          Gao 
_pdbx_contact_author.name_mi            ? 
_pdbx_contact_author.role               'principal investigator/group leader' 
_pdbx_contact_author.identifier_ORCID   0000-0003-3067-9993 
# 
loop_
_audit_author.name 
_audit_author.pdbx_ordinal 
_audit_author.identifier_ORCID 
'Liu, Y.' 1 ? 
'Wu, D.'  2 ? 
'Lu, G.'  3 ? 
'Gao, N.' 4 ? 
'Lin, J.' 5 ? 
# 
_citation.abstract                  ? 
_citation.abstract_id_CAS           ? 
_citation.book_id_ISBN              ? 
_citation.book_publisher            ? 
_citation.book_publisher_city       ? 
_citation.book_title                ? 
_citation.coordinate_linkage        ? 
_citation.country                   US 
_citation.database_id_Medline       ? 
_citation.details                   ? 
_citation.id                        primary 
_citation.journal_abbrev            'Plos Biol.' 
_citation.journal_id_ASTM           ? 
_citation.journal_id_CSD            ? 
_citation.journal_id_ISSN           1545-7885 
_citation.journal_full              ? 
_citation.journal_issue             ? 
_citation.journal_volume            21 
_citation.language                  ? 
_citation.page_first                e3001987 
_citation.page_last                 e3001987 
_citation.title                     
;Comprehensive structural characterization of the human AAA+ disaggregase CLPB in the apo- and substrate-bound states reveals a unique mode of action driven by oligomerization.
;
_citation.year                      2023 
_citation.database_id_CSD           ? 
_citation.pdbx_database_id_DOI      10.1371/journal.pbio.3001987 
_citation.pdbx_database_id_PubMed   36745679 
_citation.pdbx_database_id_patent   ? 
_citation.unpublished_flag          ? 
# 
loop_
_citation_author.citation_id 
_citation_author.name 
_citation_author.ordinal 
_citation_author.identifier_ORCID 
primary 'Wu, D.'   1 ?                   
primary 'Liu, Y.'  2 ?                   
primary 'Dai, Y.'  3 ?                   
primary 'Wang, G.' 4 ?                   
primary 'Lu, G.'   5 ?                   
primary 'Chen, Y.' 6 ?                   
primary 'Li, N.'   7 ?                   
primary 'Lin, J.'  8 0000-0001-5666-8526 
primary 'Gao, N.'  9 0000-0003-3067-9993 
# 
loop_
_entity.id 
_entity.type 
_entity.src_method 
_entity.pdbx_description 
_entity.formula_weight 
_entity.pdbx_number_of_molecules 
_entity.pdbx_ec 
_entity.pdbx_mutation 
_entity.pdbx_fragment 
_entity.details 
1 polymer man 'Isoform 2 of Caseinolytic peptidase B protein homolog' 22189.711 1  3.6.1.- ? ? ? 
2 water   nat water                                                   18.015    29 ?       ? ? ? 
# 
_entity_name_com.entity_id   1 
_entity_name_com.name        'Suppressor of potassium transport defect 3' 
# 
_entity_poly.entity_id                      1 
_entity_poly.type                           'polypeptide(L)' 
_entity_poly.nstd_linkage                   no 
_entity_poly.nstd_monomer                   no 
_entity_poly.pdbx_seq_one_letter_code       
;MSYYHHHHHHDYDIPTTENLYFQGAMGSSKSPSNKDAALLEAARANNMQEVSRLLSEGADVNAKHRLGWTALMVAAINRN
NSVVQVLLAAGADPNLGDDFSSVYKTAKEQGIHSLEVLITREDDFNNRLNNRASFKGCTALHYAVLADDYRTVKELLDGG
ANPLQRNEMGHTPLDYAREGEVMKLLRTSEAKYQEKQR
;
_entity_poly.pdbx_seq_one_letter_code_can   
;MSYYHHHHHHDYDIPTTENLYFQGAMGSSKSPSNKDAALLEAARANNMQEVSRLLSEGADVNAKHRLGWTALMVAAINRN
NSVVQVLLAAGADPNLGDDFSSVYKTAKEQGIHSLEVLITREDDFNNRLNNRASFKGCTALHYAVLADDYRTVKELLDGG
ANPLQRNEMGHTPLDYAREGEVMKLLRTSEAKYQEKQR
;
_entity_poly.pdbx_strand_id                 A 
_entity_poly.pdbx_target_identifier         ? 
# 
_pdbx_entity_nonpoly.entity_id   2 
_pdbx_entity_nonpoly.name        water 
_pdbx_entity_nonpoly.comp_id     HOH 
# 
loop_
_entity_poly_seq.entity_id 
_entity_poly_seq.num 
_entity_poly_seq.mon_id 
_entity_poly_seq.hetero 
1 1   MET n 
1 2   SER n 
1 3   TYR n 
1 4   TYR n 
1 5   HIS n 
1 6   HIS n 
1 7   HIS n 
1 8   HIS n 
1 9   HIS n 
1 10  HIS n 
1 11  ASP n 
1 12  TYR n 
1 13  ASP n 
1 14  ILE n 
1 15  PRO n 
1 16  THR n 
1 17  THR n 
1 18  GLU n 
1 19  ASN n 
1 20  LEU n 
1 21  TYR n 
1 22  PHE n 
1 23  GLN n 
1 24  GLY n 
1 25  ALA n 
1 26  MET n 
1 27  GLY n 
1 28  SER n 
1 29  SER n 
1 30  LYS n 
1 31  SER n 
1 32  PRO n 
1 33  SER n 
1 34  ASN n 
1 35  LYS n 
1 36  ASP n 
1 37  ALA n 
1 38  ALA n 
1 39  LEU n 
1 40  LEU n 
1 41  GLU n 
1 42  ALA n 
1 43  ALA n 
1 44  ARG n 
1 45  ALA n 
1 46  ASN n 
1 47  ASN n 
1 48  MET n 
1 49  GLN n 
1 50  GLU n 
1 51  VAL n 
1 52  SER n 
1 53  ARG n 
1 54  LEU n 
1 55  LEU n 
1 56  SER n 
1 57  GLU n 
1 58  GLY n 
1 59  ALA n 
1 60  ASP n 
1 61  VAL n 
1 62  ASN n 
1 63  ALA n 
1 64  LYS n 
1 65  HIS n 
1 66  ARG n 
1 67  LEU n 
1 68  GLY n 
1 69  TRP n 
1 70  THR n 
1 71  ALA n 
1 72  LEU n 
1 73  MET n 
1 74  VAL n 
1 75  ALA n 
1 76  ALA n 
1 77  ILE n 
1 78  ASN n 
1 79  ARG n 
1 80  ASN n 
1 81  ASN n 
1 82  SER n 
1 83  VAL n 
1 84  VAL n 
1 85  GLN n 
1 86  VAL n 
1 87  LEU n 
1 88  LEU n 
1 89  ALA n 
1 90  ALA n 
1 91  GLY n 
1 92  ALA n 
1 93  ASP n 
1 94  PRO n 
1 95  ASN n 
1 96  LEU n 
1 97  GLY n 
1 98  ASP n 
1 99  ASP n 
1 100 PHE n 
1 101 SER n 
1 102 SER n 
1 103 VAL n 
1 104 TYR n 
1 105 LYS n 
1 106 THR n 
1 107 ALA n 
1 108 LYS n 
1 109 GLU n 
1 110 GLN n 
1 111 GLY n 
1 112 ILE n 
1 113 HIS n 
1 114 SER n 
1 115 LEU n 
1 116 GLU n 
1 117 VAL n 
1 118 LEU n 
1 119 ILE n 
1 120 THR n 
1 121 ARG n 
1 122 GLU n 
1 123 ASP n 
1 124 ASP n 
1 125 PHE n 
1 126 ASN n 
1 127 ASN n 
1 128 ARG n 
1 129 LEU n 
1 130 ASN n 
1 131 ASN n 
1 132 ARG n 
1 133 ALA n 
1 134 SER n 
1 135 PHE n 
1 136 LYS n 
1 137 GLY n 
1 138 CYS n 
1 139 THR n 
1 140 ALA n 
1 141 LEU n 
1 142 HIS n 
1 143 TYR n 
1 144 ALA n 
1 145 VAL n 
1 146 LEU n 
1 147 ALA n 
1 148 ASP n 
1 149 ASP n 
1 150 TYR n 
1 151 ARG n 
1 152 THR n 
1 153 VAL n 
1 154 LYS n 
1 155 GLU n 
1 156 LEU n 
1 157 LEU n 
1 158 ASP n 
1 159 GLY n 
1 160 GLY n 
1 161 ALA n 
1 162 ASN n 
1 163 PRO n 
1 164 LEU n 
1 165 GLN n 
1 166 ARG n 
1 167 ASN n 
1 168 GLU n 
1 169 MET n 
1 170 GLY n 
1 171 HIS n 
1 172 THR n 
1 173 PRO n 
1 174 LEU n 
1 175 ASP n 
1 176 TYR n 
1 177 ALA n 
1 178 ARG n 
1 179 GLU n 
1 180 GLY n 
1 181 GLU n 
1 182 VAL n 
1 183 MET n 
1 184 LYS n 
1 185 LEU n 
1 186 LEU n 
1 187 ARG n 
1 188 THR n 
1 189 SER n 
1 190 GLU n 
1 191 ALA n 
1 192 LYS n 
1 193 TYR n 
1 194 GLN n 
1 195 GLU n 
1 196 LYS n 
1 197 GLN n 
1 198 ARG n 
# 
_entity_src_gen.entity_id                          1 
_entity_src_gen.pdbx_src_id                        1 
_entity_src_gen.pdbx_alt_source_flag               sample 
_entity_src_gen.pdbx_seq_type                      'Biological sequence' 
_entity_src_gen.pdbx_beg_seq_num                   1 
_entity_src_gen.pdbx_end_seq_num                   198 
_entity_src_gen.gene_src_common_name               human 
_entity_src_gen.gene_src_genus                     ? 
_entity_src_gen.pdbx_gene_src_gene                 'CLPB, HSP78, SKD3' 
_entity_src_gen.gene_src_species                   ? 
_entity_src_gen.gene_src_strain                    ? 
_entity_src_gen.gene_src_tissue                    ? 
_entity_src_gen.gene_src_tissue_fraction           ? 
_entity_src_gen.gene_src_details                   ? 
_entity_src_gen.pdbx_gene_src_fragment             ? 
_entity_src_gen.pdbx_gene_src_scientific_name      'Homo sapiens' 
_entity_src_gen.pdbx_gene_src_ncbi_taxonomy_id     9606 
_entity_src_gen.pdbx_gene_src_variant              ? 
_entity_src_gen.pdbx_gene_src_cell_line            ? 
_entity_src_gen.pdbx_gene_src_atcc                 ? 
_entity_src_gen.pdbx_gene_src_organ                ? 
_entity_src_gen.pdbx_gene_src_organelle            ? 
_entity_src_gen.pdbx_gene_src_cell                 ? 
_entity_src_gen.pdbx_gene_src_cellular_location    ? 
_entity_src_gen.host_org_common_name               ? 
_entity_src_gen.pdbx_host_org_scientific_name      'Escherichia coli BL21(DE3)' 
_entity_src_gen.pdbx_host_org_ncbi_taxonomy_id     469008 
_entity_src_gen.host_org_genus                     ? 
_entity_src_gen.pdbx_host_org_gene                 ? 
_entity_src_gen.pdbx_host_org_organ                ? 
_entity_src_gen.host_org_species                   ? 
_entity_src_gen.pdbx_host_org_tissue               ? 
_entity_src_gen.pdbx_host_org_tissue_fraction      ? 
_entity_src_gen.pdbx_host_org_strain               ? 
_entity_src_gen.pdbx_host_org_variant              ? 
_entity_src_gen.pdbx_host_org_cell_line            ? 
_entity_src_gen.pdbx_host_org_atcc                 ? 
_entity_src_gen.pdbx_host_org_culture_collection   ? 
_entity_src_gen.pdbx_host_org_cell                 ? 
_entity_src_gen.pdbx_host_org_organelle            ? 
_entity_src_gen.pdbx_host_org_cellular_location    ? 
_entity_src_gen.pdbx_host_org_vector_type          plasmid 
_entity_src_gen.pdbx_host_org_vector               ? 
_entity_src_gen.host_org_details                   ? 
_entity_src_gen.expression_system_id               ? 
_entity_src_gen.plasmid_name                       pET22 
_entity_src_gen.plasmid_details                    ? 
_entity_src_gen.pdbx_description                   ? 
# 
loop_
_chem_comp.id 
_chem_comp.type 
_chem_comp.mon_nstd_flag 
_chem_comp.name 
_chem_comp.pdbx_synonyms 
_chem_comp.formula 
_chem_comp.formula_weight 
ALA 'L-peptide linking' y ALANINE         ? 'C3 H7 N O2'     89.093  
ARG 'L-peptide linking' y ARGININE        ? 'C6 H15 N4 O2 1' 175.209 
ASN 'L-peptide linking' y ASPARAGINE      ? 'C4 H8 N2 O3'    132.118 
ASP 'L-peptide linking' y 'ASPARTIC ACID' ? 'C4 H7 N O4'     133.103 
CYS 'L-peptide linking' y CYSTEINE        ? 'C3 H7 N O2 S'   121.158 
GLN 'L-peptide linking' y GLUTAMINE       ? 'C5 H10 N2 O3'   146.144 
GLU 'L-peptide linking' y 'GLUTAMIC ACID' ? 'C5 H9 N O4'     147.129 
GLY 'peptide linking'   y GLYCINE         ? 'C2 H5 N O2'     75.067  
HIS 'L-peptide linking' y HISTIDINE       ? 'C6 H10 N3 O2 1' 156.162 
HOH non-polymer         . WATER           ? 'H2 O'           18.015  
ILE 'L-peptide linking' y ISOLEUCINE      ? 'C6 H13 N O2'    131.173 
LEU 'L-peptide linking' y LEUCINE         ? 'C6 H13 N O2'    131.173 
LYS 'L-peptide linking' y LYSINE          ? 'C6 H15 N2 O2 1' 147.195 
MET 'L-peptide linking' y METHIONINE      ? 'C5 H11 N O2 S'  149.211 
PHE 'L-peptide linking' y PHENYLALANINE   ? 'C9 H11 N O2'    165.189 
PRO 'L-peptide linking' y PROLINE         ? 'C5 H9 N O2'     115.130 
SER 'L-peptide linking' y SERINE          ? 'C3 H7 N O3'     105.093 
THR 'L-peptide linking' y THREONINE       ? 'C4 H9 N O3'     119.119 
TRP 'L-peptide linking' y TRYPTOPHAN      ? 'C11 H12 N2 O2'  204.225 
TYR 'L-peptide linking' y TYROSINE        ? 'C9 H11 N O3'    181.189 
VAL 'L-peptide linking' y VALINE          ? 'C5 H11 N O2'    117.146 
# 
loop_
_pdbx_poly_seq_scheme.asym_id 
_pdbx_poly_seq_scheme.entity_id 
_pdbx_poly_seq_scheme.seq_id 
_pdbx_poly_seq_scheme.mon_id 
_pdbx_poly_seq_scheme.ndb_seq_num 
_pdbx_poly_seq_scheme.pdb_seq_num 
_pdbx_poly_seq_scheme.auth_seq_num 
_pdbx_poly_seq_scheme.pdb_mon_id 
_pdbx_poly_seq_scheme.auth_mon_id 
_pdbx_poly_seq_scheme.pdb_strand_id 
_pdbx_poly_seq_scheme.pdb_ins_code 
_pdbx_poly_seq_scheme.hetero 
A 1 1   MET 1   100 ?   ?   ?   A . n 
A 1 2   SER 2   101 ?   ?   ?   A . n 
A 1 3   TYR 3   102 ?   ?   ?   A . n 
A 1 4   TYR 4   103 ?   ?   ?   A . n 
A 1 5   HIS 5   104 ?   ?   ?   A . n 
A 1 6   HIS 6   105 ?   ?   ?   A . n 
A 1 7   HIS 7   106 ?   ?   ?   A . n 
A 1 8   HIS 8   107 ?   ?   ?   A . n 
A 1 9   HIS 9   108 ?   ?   ?   A . n 
A 1 10  HIS 10  109 ?   ?   ?   A . n 
A 1 11  ASP 11  110 ?   ?   ?   A . n 
A 1 12  TYR 12  111 ?   ?   ?   A . n 
A 1 13  ASP 13  112 ?   ?   ?   A . n 
A 1 14  ILE 14  113 ?   ?   ?   A . n 
A 1 15  PRO 15  114 ?   ?   ?   A . n 
A 1 16  THR 16  115 ?   ?   ?   A . n 
A 1 17  THR 17  116 ?   ?   ?   A . n 
A 1 18  GLU 18  117 ?   ?   ?   A . n 
A 1 19  ASN 19  118 ?   ?   ?   A . n 
A 1 20  LEU 20  119 ?   ?   ?   A . n 
A 1 21  TYR 21  120 ?   ?   ?   A . n 
A 1 22  PHE 22  121 ?   ?   ?   A . n 
A 1 23  GLN 23  122 ?   ?   ?   A . n 
A 1 24  GLY 24  123 ?   ?   ?   A . n 
A 1 25  ALA 25  124 ?   ?   ?   A . n 
A 1 26  MET 26  125 ?   ?   ?   A . n 
A 1 27  GLY 27  126 ?   ?   ?   A . n 
A 1 28  SER 28  127 ?   ?   ?   A . n 
A 1 29  SER 29  128 ?   ?   ?   A . n 
A 1 30  LYS 30  129 ?   ?   ?   A . n 
A 1 31  SER 31  130 ?   ?   ?   A . n 
A 1 32  PRO 32  131 ?   ?   ?   A . n 
A 1 33  SER 33  132 132 SER SER A . n 
A 1 34  ASN 34  133 133 ASN ASN A . n 
A 1 35  LYS 35  134 134 LYS LYS A . n 
A 1 36  ASP 36  135 135 ASP ASP A . n 
A 1 37  ALA 37  136 136 ALA ALA A . n 
A 1 38  ALA 38  137 137 ALA ALA A . n 
A 1 39  LEU 39  138 138 LEU LEU A . n 
A 1 40  LEU 40  139 139 LEU LEU A . n 
A 1 41  GLU 41  140 140 GLU GLU A . n 
A 1 42  ALA 42  141 141 ALA ALA A . n 
A 1 43  ALA 43  142 142 ALA ALA A . n 
A 1 44  ARG 44  143 143 ARG ARG A . n 
A 1 45  ALA 45  144 144 ALA ALA A . n 
A 1 46  ASN 46  145 145 ASN ASN A . n 
A 1 47  ASN 47  146 146 ASN ASN A . n 
A 1 48  MET 48  147 147 MET MET A . n 
A 1 49  GLN 49  148 148 GLN GLN A . n 
A 1 50  GLU 50  149 149 GLU GLU A . n 
A 1 51  VAL 51  150 150 VAL VAL A . n 
A 1 52  SER 52  151 151 SER SER A . n 
A 1 53  ARG 53  152 152 ARG ARG A . n 
A 1 54  LEU 54  153 153 LEU LEU A . n 
A 1 55  LEU 55  154 154 LEU LEU A . n 
A 1 56  SER 56  155 155 SER SER A . n 
A 1 57  GLU 57  156 156 GLU GLU A . n 
A 1 58  GLY 58  157 157 GLY GLY A . n 
A 1 59  ALA 59  158 158 ALA ALA A . n 
A 1 60  ASP 60  159 159 ASP ASP A . n 
A 1 61  VAL 61  160 160 VAL VAL A . n 
A 1 62  ASN 62  161 161 ASN ASN A . n 
A 1 63  ALA 63  162 162 ALA ALA A . n 
A 1 64  LYS 64  163 163 LYS LYS A . n 
A 1 65  HIS 65  164 164 HIS HIS A . n 
A 1 66  ARG 66  165 165 ARG ARG A . n 
A 1 67  LEU 67  166 166 LEU LEU A . n 
A 1 68  GLY 68  167 167 GLY GLY A . n 
A 1 69  TRP 69  168 168 TRP TRP A . n 
A 1 70  THR 70  169 169 THR THR A . n 
A 1 71  ALA 71  170 170 ALA ALA A . n 
A 1 72  LEU 72  171 171 LEU LEU A . n 
A 1 73  MET 73  172 172 MET MET A . n 
A 1 74  VAL 74  173 173 VAL VAL A . n 
A 1 75  ALA 75  174 174 ALA ALA A . n 
A 1 76  ALA 76  175 175 ALA ALA A . n 
A 1 77  ILE 77  176 176 ILE ILE A . n 
A 1 78  ASN 78  177 177 ASN ASN A . n 
A 1 79  ARG 79  178 178 ARG ARG A . n 
A 1 80  ASN 80  179 179 ASN ASN A . n 
A 1 81  ASN 81  180 180 ASN ASN A . n 
A 1 82  SER 82  181 181 SER SER A . n 
A 1 83  VAL 83  182 182 VAL VAL A . n 
A 1 84  VAL 84  183 183 VAL VAL A . n 
A 1 85  GLN 85  184 184 GLN GLN A . n 
A 1 86  VAL 86  185 185 VAL VAL A . n 
A 1 87  LEU 87  186 186 LEU LEU A . n 
A 1 88  LEU 88  187 187 LEU LEU A . n 
A 1 89  ALA 89  188 188 ALA ALA A . n 
A 1 90  ALA 90  189 189 ALA ALA A . n 
A 1 91  GLY 91  190 190 GLY GLY A . n 
A 1 92  ALA 92  191 191 ALA ALA A . n 
A 1 93  ASP 93  192 192 ASP ASP A . n 
A 1 94  PRO 94  193 193 PRO PRO A . n 
A 1 95  ASN 95  194 194 ASN ASN A . n 
A 1 96  LEU 96  195 195 LEU LEU A . n 
A 1 97  GLY 97  196 196 GLY GLY A . n 
A 1 98  ASP 98  197 197 ASP ASP A . n 
A 1 99  ASP 99  198 198 ASP ASP A . n 
A 1 100 PHE 100 199 199 PHE PHE A . n 
A 1 101 SER 101 200 200 SER SER A . n 
A 1 102 SER 102 201 201 SER SER A . n 
A 1 103 VAL 103 202 202 VAL VAL A . n 
A 1 104 TYR 104 203 203 TYR TYR A . n 
A 1 105 LYS 105 204 204 LYS LYS A . n 
A 1 106 THR 106 205 205 THR THR A . n 
A 1 107 ALA 107 206 206 ALA ALA A . n 
A 1 108 LYS 108 207 207 LYS LYS A . n 
A 1 109 GLU 109 208 208 GLU GLU A . n 
A 1 110 GLN 110 209 209 GLN GLN A . n 
A 1 111 GLY 111 210 210 GLY GLY A . n 
A 1 112 ILE 112 211 211 ILE ILE A . n 
A 1 113 HIS 113 212 212 HIS HIS A . n 
A 1 114 SER 114 213 213 SER SER A . n 
A 1 115 LEU 115 214 214 LEU LEU A . n 
A 1 116 GLU 116 215 215 GLU GLU A . n 
A 1 117 VAL 117 216 216 VAL VAL A . n 
A 1 118 LEU 118 217 217 LEU LEU A . n 
A 1 119 ILE 119 218 218 ILE ILE A . n 
A 1 120 THR 120 219 219 THR THR A . n 
A 1 121 ARG 121 220 220 ARG ARG A . n 
A 1 122 GLU 122 221 221 GLU GLU A . n 
A 1 123 ASP 123 222 222 ASP ASP A . n 
A 1 124 ASP 124 223 223 ASP ASP A . n 
A 1 125 PHE 125 224 224 PHE PHE A . n 
A 1 126 ASN 126 225 225 ASN ASN A . n 
A 1 127 ASN 127 226 226 ASN ASN A . n 
A 1 128 ARG 128 227 227 ARG ARG A . n 
A 1 129 LEU 129 228 228 LEU LEU A . n 
A 1 130 ASN 130 229 229 ASN ASN A . n 
A 1 131 ASN 131 230 230 ASN ASN A . n 
A 1 132 ARG 132 231 231 ARG ARG A . n 
A 1 133 ALA 133 232 232 ALA ALA A . n 
A 1 134 SER 134 233 233 SER SER A . n 
A 1 135 PHE 135 234 234 PHE PHE A . n 
A 1 136 LYS 136 235 235 LYS LYS A . n 
A 1 137 GLY 137 236 236 GLY GLY A . n 
A 1 138 CYS 138 237 237 CYS CYS A . n 
A 1 139 THR 139 238 238 THR THR A . n 
A 1 140 ALA 140 239 239 ALA ALA A . n 
A 1 141 LEU 141 240 240 LEU LEU A . n 
A 1 142 HIS 142 241 241 HIS HIS A . n 
A 1 143 TYR 143 242 242 TYR TYR A . n 
A 1 144 ALA 144 243 243 ALA ALA A . n 
A 1 145 VAL 145 244 244 VAL VAL A . n 
A 1 146 LEU 146 245 245 LEU LEU A . n 
A 1 147 ALA 147 246 246 ALA ALA A . n 
A 1 148 ASP 148 247 247 ASP ASP A . n 
A 1 149 ASP 149 248 248 ASP ASP A . n 
A 1 150 TYR 150 249 249 TYR TYR A . n 
A 1 151 ARG 151 250 250 ARG ARG A . n 
A 1 152 THR 152 251 251 THR THR A . n 
A 1 153 VAL 153 252 252 VAL VAL A . n 
A 1 154 LYS 154 253 253 LYS LYS A . n 
A 1 155 GLU 155 254 254 GLU GLU A . n 
A 1 156 LEU 156 255 255 LEU LEU A . n 
A 1 157 LEU 157 256 256 LEU LEU A . n 
A 1 158 ASP 158 257 257 ASP ASP A . n 
A 1 159 GLY 159 258 258 GLY GLY A . n 
A 1 160 GLY 160 259 259 GLY GLY A . n 
A 1 161 ALA 161 260 260 ALA ALA A . n 
A 1 162 ASN 162 261 261 ASN ASN A . n 
A 1 163 PRO 163 262 262 PRO PRO A . n 
A 1 164 LEU 164 263 263 LEU LEU A . n 
A 1 165 GLN 165 264 264 GLN GLN A . n 
A 1 166 ARG 166 265 265 ARG ARG A . n 
A 1 167 ASN 167 266 266 ASN ASN A . n 
A 1 168 GLU 168 267 267 GLU GLU A . n 
A 1 169 MET 169 268 268 MET MET A . n 
A 1 170 GLY 170 269 269 GLY GLY A . n 
A 1 171 HIS 171 270 270 HIS HIS A . n 
A 1 172 THR 172 271 271 THR THR A . n 
A 1 173 PRO 173 272 272 PRO PRO A . n 
A 1 174 LEU 174 273 273 LEU LEU A . n 
A 1 175 ASP 175 274 274 ASP ASP A . n 
A 1 176 TYR 176 275 275 TYR TYR A . n 
A 1 177 ALA 177 276 276 ALA ALA A . n 
A 1 178 ARG 178 277 277 ARG ARG A . n 
A 1 179 GLU 179 278 278 GLU GLU A . n 
A 1 180 GLY 180 279 279 GLY GLY A . n 
A 1 181 GLU 181 280 280 GLU GLU A . n 
A 1 182 VAL 182 281 281 VAL VAL A . n 
A 1 183 MET 183 282 282 MET MET A . n 
A 1 184 LYS 184 283 283 LYS LYS A . n 
A 1 185 LEU 185 284 284 LEU LEU A . n 
A 1 186 LEU 186 285 285 LEU LEU A . n 
A 1 187 ARG 187 286 286 ARG ARG A . n 
A 1 188 THR 188 287 287 THR THR A . n 
A 1 189 SER 189 288 288 SER SER A . n 
A 1 190 GLU 190 289 289 GLU GLU A . n 
A 1 191 ALA 191 290 290 ALA ALA A . n 
A 1 192 LYS 192 291 291 LYS LYS A . n 
A 1 193 TYR 193 292 292 TYR TYR A . n 
A 1 194 GLN 194 293 293 GLN GLN A . n 
A 1 195 GLU 195 294 294 GLU GLU A . n 
A 1 196 LYS 196 295 295 LYS LYS A . n 
A 1 197 GLN 197 296 296 GLN GLN A . n 
A 1 198 ARG 198 297 297 ARG ARG A . n 
# 
loop_
_pdbx_nonpoly_scheme.asym_id 
_pdbx_nonpoly_scheme.entity_id 
_pdbx_nonpoly_scheme.mon_id 
_pdbx_nonpoly_scheme.ndb_seq_num 
_pdbx_nonpoly_scheme.pdb_seq_num 
_pdbx_nonpoly_scheme.auth_seq_num 
_pdbx_nonpoly_scheme.pdb_mon_id 
_pdbx_nonpoly_scheme.auth_mon_id 
_pdbx_nonpoly_scheme.pdb_strand_id 
_pdbx_nonpoly_scheme.pdb_ins_code 
B 2 HOH 1  301 22 HOH HOH A . 
B 2 HOH 2  302 7  HOH HOH A . 
B 2 HOH 3  303 28 HOH HOH A . 
B 2 HOH 4  304 35 HOH HOH A . 
B 2 HOH 5  305 32 HOH HOH A . 
B 2 HOH 6  306 19 HOH HOH A . 
B 2 HOH 7  307 20 HOH HOH A . 
B 2 HOH 8  308 5  HOH HOH A . 
B 2 HOH 9  309 2  HOH HOH A . 
B 2 HOH 10 310 11 HOH HOH A . 
B 2 HOH 11 311 6  HOH HOH A . 
B 2 HOH 12 312 27 HOH HOH A . 
B 2 HOH 13 313 17 HOH HOH A . 
B 2 HOH 14 314 21 HOH HOH A . 
B 2 HOH 15 315 4  HOH HOH A . 
B 2 HOH 16 316 34 HOH HOH A . 
B 2 HOH 17 317 3  HOH HOH A . 
B 2 HOH 18 318 10 HOH HOH A . 
B 2 HOH 19 319 18 HOH HOH A . 
B 2 HOH 20 320 1  HOH HOH A . 
B 2 HOH 21 321 36 HOH HOH A . 
B 2 HOH 22 322 30 HOH HOH A . 
B 2 HOH 23 323 9  HOH HOH A . 
B 2 HOH 24 324 25 HOH HOH A . 
B 2 HOH 25 325 14 HOH HOH A . 
B 2 HOH 26 326 15 HOH HOH A . 
B 2 HOH 27 327 8  HOH HOH A . 
B 2 HOH 28 328 31 HOH HOH A . 
B 2 HOH 29 329 33 HOH HOH A . 
# 
loop_
_pdbx_unobs_or_zero_occ_atoms.id 
_pdbx_unobs_or_zero_occ_atoms.PDB_model_num 
_pdbx_unobs_or_zero_occ_atoms.polymer_flag 
_pdbx_unobs_or_zero_occ_atoms.occupancy_flag 
_pdbx_unobs_or_zero_occ_atoms.auth_asym_id 
_pdbx_unobs_or_zero_occ_atoms.auth_comp_id 
_pdbx_unobs_or_zero_occ_atoms.auth_seq_id 
_pdbx_unobs_or_zero_occ_atoms.PDB_ins_code 
_pdbx_unobs_or_zero_occ_atoms.auth_atom_id 
_pdbx_unobs_or_zero_occ_atoms.label_alt_id 
_pdbx_unobs_or_zero_occ_atoms.label_asym_id 
_pdbx_unobs_or_zero_occ_atoms.label_comp_id 
_pdbx_unobs_or_zero_occ_atoms.label_seq_id 
_pdbx_unobs_or_zero_occ_atoms.label_atom_id 
1 1 Y 1 A LYS 291 ? CG ? A LYS 192 CG 
2 1 Y 1 A LYS 291 ? CD ? A LYS 192 CD 
3 1 Y 1 A LYS 291 ? CE ? A LYS 192 CE 
4 1 Y 1 A LYS 291 ? NZ ? A LYS 192 NZ 
# 
loop_
_software.citation_id 
_software.classification 
_software.compiler_name 
_software.compiler_version 
_software.contact_author 
_software.contact_author_email 
_software.date 
_software.description 
_software.dependencies 
_software.hardware 
_software.language 
_software.location 
_software.mods 
_software.name 
_software.os 
_software.os_version 
_software.type 
_software.version 
_software.pdbx_ordinal 
? 'data scaling'    ? ? ? ? ? ? ? ? ? ? ? Aimless     ? ? ? 0.7.7     1 
? refinement        ? ? ? ? ? ? ? ? ? ? ? PHENIX      ? ? ? 1.19_4092 2 
? 'data extraction' ? ? ? ? ? ? ? ? ? ? ? PDB_EXTRACT ? ? ? 3.27      3 
? 'data reduction'  ? ? ? ? ? ? ? ? ? ? ? XDS         ? ? ? .         4 
? phasing           ? ? ? ? ? ? ? ? ? ? ? PHASER      ? ? ? .         5 
# 
_cell.angle_alpha                  90.000 
_cell.angle_alpha_esd              ? 
_cell.angle_beta                   104.180 
_cell.angle_beta_esd               ? 
_cell.angle_gamma                  90.000 
_cell.angle_gamma_esd              ? 
_cell.entry_id                     7XC5 
_cell.details                      ? 
_cell.formula_units_Z              ? 
_cell.length_a                     87.160 
_cell.length_a_esd                 ? 
_cell.length_b                     67.680 
_cell.length_b_esd                 ? 
_cell.length_c                     30.310 
_cell.length_c_esd                 ? 
_cell.volume                       ? 
_cell.volume_esd                   ? 
_cell.Z_PDB                        4 
_cell.reciprocal_angle_alpha       ? 
_cell.reciprocal_angle_beta        ? 
_cell.reciprocal_angle_gamma       ? 
_cell.reciprocal_angle_alpha_esd   ? 
_cell.reciprocal_angle_beta_esd    ? 
_cell.reciprocal_angle_gamma_esd   ? 
_cell.reciprocal_length_a          ? 
_cell.reciprocal_length_b          ? 
_cell.reciprocal_length_c          ? 
_cell.reciprocal_length_a_esd      ? 
_cell.reciprocal_length_b_esd      ? 
_cell.reciprocal_length_c_esd      ? 
_cell.pdbx_unique_axis             ? 
# 
_symmetry.entry_id                         7XC5 
_symmetry.cell_setting                     ? 
_symmetry.Int_Tables_number                5 
_symmetry.space_group_name_Hall            ? 
_symmetry.space_group_name_H-M             'C 1 2 1' 
_symmetry.pdbx_full_space_group_name_H-M   ? 
# 
_exptl.absorpt_coefficient_mu     ? 
_exptl.absorpt_correction_T_max   ? 
_exptl.absorpt_correction_T_min   ? 
_exptl.absorpt_correction_type    ? 
_exptl.absorpt_process_details    ? 
_exptl.entry_id                   7XC5 
_exptl.crystals_number            1 
_exptl.details                    ? 
_exptl.method                     'X-RAY DIFFRACTION' 
_exptl.method_details             ? 
# 
_exptl_crystal.colour                      ? 
_exptl_crystal.density_diffrn              ? 
_exptl_crystal.density_Matthews            1.95 
_exptl_crystal.density_method              ? 
_exptl_crystal.density_percent_sol         37.02 
_exptl_crystal.description                 ? 
_exptl_crystal.F_000                       ? 
_exptl_crystal.id                          1 
_exptl_crystal.preparation                 ? 
_exptl_crystal.size_max                    ? 
_exptl_crystal.size_mid                    ? 
_exptl_crystal.size_min                    ? 
_exptl_crystal.size_rad                    ? 
_exptl_crystal.colour_lustre               ? 
_exptl_crystal.colour_modifier             ? 
_exptl_crystal.colour_primary              ? 
_exptl_crystal.density_meas                ? 
_exptl_crystal.density_meas_esd            ? 
_exptl_crystal.density_meas_gt             ? 
_exptl_crystal.density_meas_lt             ? 
_exptl_crystal.density_meas_temp           ? 
_exptl_crystal.density_meas_temp_esd       ? 
_exptl_crystal.density_meas_temp_gt        ? 
_exptl_crystal.density_meas_temp_lt        ? 
_exptl_crystal.pdbx_crystal_image_url      ? 
_exptl_crystal.pdbx_crystal_image_format   ? 
_exptl_crystal.pdbx_mosaicity              0.000 
_exptl_crystal.pdbx_mosaicity_esd          ? 
# 
_exptl_crystal_grow.apparatus       ? 
_exptl_crystal_grow.atmosphere      ? 
_exptl_crystal_grow.crystal_id      1 
_exptl_crystal_grow.details         ? 
_exptl_crystal_grow.method          EVAPORATION 
_exptl_crystal_grow.method_ref      ? 
_exptl_crystal_grow.pH              6.8 
_exptl_crystal_grow.pressure        ? 
_exptl_crystal_grow.pressure_esd    ? 
_exptl_crystal_grow.seeding         ? 
_exptl_crystal_grow.seeding_ref     ? 
_exptl_crystal_grow.temp            289 
_exptl_crystal_grow.temp_details    ? 
_exptl_crystal_grow.temp_esd        ? 
_exptl_crystal_grow.time            ? 
_exptl_crystal_grow.pdbx_details    'PEG 3350' 
_exptl_crystal_grow.pdbx_pH_range   ? 
# 
_diffrn.ambient_environment              ? 
_diffrn.ambient_temp                     100 
_diffrn.ambient_temp_details             ? 
_diffrn.ambient_temp_esd                 ? 
_diffrn.crystal_id                       1 
_diffrn.crystal_support                  ? 
_diffrn.crystal_treatment                ? 
_diffrn.details                          ? 
_diffrn.id                               1 
_diffrn.ambient_pressure                 ? 
_diffrn.ambient_pressure_esd             ? 
_diffrn.ambient_pressure_gt              ? 
_diffrn.ambient_pressure_lt              ? 
_diffrn.ambient_temp_gt                  ? 
_diffrn.ambient_temp_lt                  ? 
_diffrn.pdbx_serial_crystal_experiment   N 
# 
_diffrn_detector.details                      ? 
_diffrn_detector.detector                     PIXEL 
_diffrn_detector.diffrn_id                    1 
_diffrn_detector.type                         'DECTRIS PILATUS3 6M' 
_diffrn_detector.area_resol_mean              ? 
_diffrn_detector.dtime                        ? 
_diffrn_detector.pdbx_frames_total            ? 
_diffrn_detector.pdbx_collection_time_total   ? 
_diffrn_detector.pdbx_collection_date         2022-03-05 
_diffrn_detector.pdbx_frequency               ? 
# 
_diffrn_radiation.collimation                      ? 
_diffrn_radiation.diffrn_id                        1 
_diffrn_radiation.filter_edge                      ? 
_diffrn_radiation.inhomogeneity                    ? 
_diffrn_radiation.monochromator                    ? 
_diffrn_radiation.polarisn_norm                    ? 
_diffrn_radiation.polarisn_ratio                   ? 
_diffrn_radiation.probe                            ? 
_diffrn_radiation.type                             ? 
_diffrn_radiation.xray_symbol                      ? 
_diffrn_radiation.wavelength_id                    1 
_diffrn_radiation.pdbx_monochromatic_or_laue_m_l   M 
_diffrn_radiation.pdbx_wavelength_list             ? 
_diffrn_radiation.pdbx_wavelength                  ? 
_diffrn_radiation.pdbx_diffrn_protocol             'SINGLE WAVELENGTH' 
_diffrn_radiation.pdbx_analyzer                    ? 
_diffrn_radiation.pdbx_scattering_type             x-ray 
# 
_diffrn_radiation_wavelength.id           1 
_diffrn_radiation_wavelength.wavelength   0.97915 
_diffrn_radiation_wavelength.wt           1.0 
# 
_diffrn_source.current                     ? 
_diffrn_source.details                     ? 
_diffrn_source.diffrn_id                   1 
_diffrn_source.power                       ? 
_diffrn_source.size                        ? 
_diffrn_source.source                      SYNCHROTRON 
_diffrn_source.target                      ? 
_diffrn_source.type                        'SSRF BEAMLINE BL18U1' 
_diffrn_source.voltage                     ? 
_diffrn_source.take-off_angle              ? 
_diffrn_source.pdbx_wavelength_list        0.97915 
_diffrn_source.pdbx_wavelength             ? 
_diffrn_source.pdbx_synchrotron_beamline   BL18U1 
_diffrn_source.pdbx_synchrotron_site       SSRF 
# 
_reflns.B_iso_Wilson_estimate                          34.700 
_reflns.entry_id                                       7XC5 
_reflns.data_reduction_details                         ? 
_reflns.data_reduction_method                          ? 
_reflns.d_resolution_high                              1.990 
_reflns.d_resolution_low                               33.840 
_reflns.details                                        ? 
_reflns.limit_h_max                                    ? 
_reflns.limit_h_min                                    ? 
_reflns.limit_k_max                                    ? 
_reflns.limit_k_min                                    ? 
_reflns.limit_l_max                                    ? 
_reflns.limit_l_min                                    ? 
_reflns.number_all                                     ? 
_reflns.number_obs                                     11694 
_reflns.observed_criterion                             ? 
_reflns.observed_criterion_F_max                       ? 
_reflns.observed_criterion_F_min                       ? 
_reflns.observed_criterion_I_max                       ? 
_reflns.observed_criterion_I_min                       ? 
_reflns.observed_criterion_sigma_F                     ? 
_reflns.observed_criterion_sigma_I                     ? 
_reflns.percent_possible_obs                           99.400 
_reflns.R_free_details                                 ? 
_reflns.Rmerge_F_all                                   ? 
_reflns.Rmerge_F_obs                                   ? 
_reflns.Friedel_coverage                               ? 
_reflns.number_gt                                      ? 
_reflns.threshold_expression                           ? 
_reflns.pdbx_redundancy                                3.300 
_reflns.pdbx_Rmerge_I_obs                              0.058 
_reflns.pdbx_Rmerge_I_all                              ? 
_reflns.pdbx_Rsym_value                                ? 
_reflns.pdbx_netI_over_av_sigmaI                       ? 
_reflns.pdbx_netI_over_sigmaI                          11.200 
_reflns.pdbx_res_netI_over_av_sigmaI_2                 ? 
_reflns.pdbx_res_netI_over_sigmaI_2                    ? 
_reflns.pdbx_chi_squared                               ? 
_reflns.pdbx_scaling_rejects                           2 
_reflns.pdbx_d_res_high_opt                            ? 
_reflns.pdbx_d_res_low_opt                             ? 
_reflns.pdbx_d_res_opt_method                          ? 
_reflns.phase_calculation_details                      ? 
_reflns.pdbx_Rrim_I_all                                0.070 
_reflns.pdbx_Rpim_I_all                                0.038 
_reflns.pdbx_d_opt                                     ? 
_reflns.pdbx_number_measured_all                       38740 
_reflns.pdbx_diffrn_id                                 1 
_reflns.pdbx_ordinal                                   1 
_reflns.pdbx_CC_half                                   0.998 
_reflns.pdbx_CC_star                                   ? 
_reflns.pdbx_R_split                                   ? 
_reflns.pdbx_aniso_diffraction_limit_axis_1_ortho[1]   ? 
_reflns.pdbx_aniso_diffraction_limit_axis_1_ortho[2]   ? 
_reflns.pdbx_aniso_diffraction_limit_axis_1_ortho[3]   ? 
_reflns.pdbx_aniso_diffraction_limit_axis_2_ortho[1]   ? 
_reflns.pdbx_aniso_diffraction_limit_axis_2_ortho[2]   ? 
_reflns.pdbx_aniso_diffraction_limit_axis_2_ortho[3]   ? 
_reflns.pdbx_aniso_diffraction_limit_axis_3_ortho[1]   ? 
_reflns.pdbx_aniso_diffraction_limit_axis_3_ortho[2]   ? 
_reflns.pdbx_aniso_diffraction_limit_axis_3_ortho[3]   ? 
_reflns.pdbx_aniso_diffraction_limit_1                 ? 
_reflns.pdbx_aniso_diffraction_limit_2                 ? 
_reflns.pdbx_aniso_diffraction_limit_3                 ? 
_reflns.pdbx_aniso_B_tensor_eigenvector_1_ortho[1]     ? 
_reflns.pdbx_aniso_B_tensor_eigenvector_1_ortho[2]     ? 
_reflns.pdbx_aniso_B_tensor_eigenvector_1_ortho[3]     ? 
_reflns.pdbx_aniso_B_tensor_eigenvector_2_ortho[1]     ? 
_reflns.pdbx_aniso_B_tensor_eigenvector_2_ortho[2]     ? 
_reflns.pdbx_aniso_B_tensor_eigenvector_2_ortho[3]     ? 
_reflns.pdbx_aniso_B_tensor_eigenvector_3_ortho[1]     ? 
_reflns.pdbx_aniso_B_tensor_eigenvector_3_ortho[2]     ? 
_reflns.pdbx_aniso_B_tensor_eigenvector_3_ortho[3]     ? 
_reflns.pdbx_aniso_B_tensor_eigenvalue_1               ? 
_reflns.pdbx_aniso_B_tensor_eigenvalue_2               ? 
_reflns.pdbx_aniso_B_tensor_eigenvalue_3               ? 
_reflns.pdbx_orthogonalization_convention              ? 
_reflns.pdbx_percent_possible_ellipsoidal              ? 
_reflns.pdbx_percent_possible_spherical                ? 
_reflns.pdbx_percent_possible_ellipsoidal_anomalous    ? 
_reflns.pdbx_percent_possible_spherical_anomalous      ? 
_reflns.pdbx_redundancy_anomalous                      ? 
_reflns.pdbx_CC_half_anomalous                         ? 
_reflns.pdbx_absDiff_over_sigma_anomalous              ? 
_reflns.pdbx_percent_possible_anomalous                ? 
_reflns.pdbx_observed_signal_threshold                 ? 
_reflns.pdbx_signal_type                               ? 
_reflns.pdbx_signal_details                            ? 
_reflns.pdbx_signal_software_id                        ? 
# 
loop_
_reflns_shell.d_res_high 
_reflns_shell.d_res_low 
_reflns_shell.meanI_over_sigI_all 
_reflns_shell.meanI_over_sigI_obs 
_reflns_shell.number_measured_all 
_reflns_shell.number_measured_obs 
_reflns_shell.number_possible 
_reflns_shell.number_unique_all 
_reflns_shell.number_unique_obs 
_reflns_shell.percent_possible_all 
_reflns_shell.percent_possible_obs 
_reflns_shell.Rmerge_F_all 
_reflns_shell.Rmerge_F_obs 
_reflns_shell.Rmerge_I_all 
_reflns_shell.Rmerge_I_obs 
_reflns_shell.meanI_over_sigI_gt 
_reflns_shell.meanI_over_uI_all 
_reflns_shell.meanI_over_uI_gt 
_reflns_shell.number_measured_gt 
_reflns_shell.number_unique_gt 
_reflns_shell.percent_possible_gt 
_reflns_shell.Rmerge_F_gt 
_reflns_shell.Rmerge_I_gt 
_reflns_shell.pdbx_redundancy 
_reflns_shell.pdbx_Rsym_value 
_reflns_shell.pdbx_chi_squared 
_reflns_shell.pdbx_netI_over_sigmaI_all 
_reflns_shell.pdbx_netI_over_sigmaI_obs 
_reflns_shell.pdbx_Rrim_I_all 
_reflns_shell.pdbx_Rpim_I_all 
_reflns_shell.pdbx_rejects 
_reflns_shell.pdbx_ordinal 
_reflns_shell.pdbx_diffrn_id 
_reflns_shell.pdbx_CC_half 
_reflns_shell.pdbx_CC_star 
_reflns_shell.pdbx_R_split 
_reflns_shell.pdbx_percent_possible_ellipsoidal 
_reflns_shell.pdbx_percent_possible_spherical 
_reflns_shell.pdbx_percent_possible_ellipsoidal_anomalous 
_reflns_shell.pdbx_percent_possible_spherical_anomalous 
_reflns_shell.pdbx_redundancy_anomalous 
_reflns_shell.pdbx_CC_half_anomalous 
_reflns_shell.pdbx_absDiff_over_sigma_anomalous 
_reflns_shell.pdbx_percent_possible_anomalous 
1.990 2.040  ? ? 2903 ? ? ? 860 99.500 ? ? ? ? 0.623 ? ? ? ? ? ? ? ? 3.400 ? ? ? 1.900  0.739 0.395 ? 1 1 0.865 ? ? ? ? ? ? ? ? ? 
? 
8.900 33.840 ? ? 425  ? ? ? 141 96.200 ? ? ? ? 0.025 ? ? ? ? ? ? ? ? 3.000 ? ? ? 30.600 0.030 0.017 ? 2 1 0.999 ? ? ? ? ? ? ? ? ? 
? 
# 
_refine.aniso_B[1][1]                            ? 
_refine.aniso_B[1][2]                            ? 
_refine.aniso_B[1][3]                            ? 
_refine.aniso_B[2][2]                            ? 
_refine.aniso_B[2][3]                            ? 
_refine.aniso_B[3][3]                            ? 
_refine.B_iso_max                                119.900 
_refine.B_iso_mean                               48.9111 
_refine.B_iso_min                                23.110 
_refine.correlation_coeff_Fo_to_Fc               ? 
_refine.correlation_coeff_Fo_to_Fc_free          ? 
_refine.details                                  ? 
_refine.diff_density_max                         ? 
_refine.diff_density_max_esd                     ? 
_refine.diff_density_min                         ? 
_refine.diff_density_min_esd                     ? 
_refine.diff_density_rms                         ? 
_refine.diff_density_rms_esd                     ? 
_refine.entry_id                                 7XC5 
_refine.pdbx_refine_id                           'X-RAY DIFFRACTION' 
_refine.ls_abs_structure_details                 ? 
_refine.ls_abs_structure_Flack                   ? 
_refine.ls_abs_structure_Flack_esd               ? 
_refine.ls_abs_structure_Rogers                  ? 
_refine.ls_abs_structure_Rogers_esd              ? 
_refine.ls_d_res_high                            2.1000 
_refine.ls_d_res_low                             33.8400 
_refine.ls_extinction_coef                       ? 
_refine.ls_extinction_coef_esd                   ? 
_refine.ls_extinction_expression                 ? 
_refine.ls_extinction_method                     ? 
_refine.ls_goodness_of_fit_all                   ? 
_refine.ls_goodness_of_fit_all_esd               ? 
_refine.ls_goodness_of_fit_obs                   ? 
_refine.ls_goodness_of_fit_obs_esd               ? 
_refine.ls_hydrogen_treatment                    ? 
_refine.ls_matrix_type                           ? 
_refine.ls_number_constraints                    ? 
_refine.ls_number_parameters                     ? 
_refine.ls_number_reflns_all                     ? 
_refine.ls_number_reflns_obs                     9966 
_refine.ls_number_reflns_R_free                  447 
_refine.ls_number_reflns_R_work                  9519 
_refine.ls_number_restraints                     ? 
_refine.ls_percent_reflns_obs                    99.1600 
_refine.ls_percent_reflns_R_free                 4.4900 
_refine.ls_R_factor_all                          ? 
_refine.ls_R_factor_obs                          0.2074 
_refine.ls_R_factor_R_free                       0.2362 
_refine.ls_R_factor_R_free_error                 ? 
_refine.ls_R_factor_R_free_error_details         ? 
_refine.ls_R_factor_R_work                       0.2060 
_refine.ls_R_Fsqd_factor_obs                     ? 
_refine.ls_R_I_factor_obs                        ? 
_refine.ls_redundancy_reflns_all                 ? 
_refine.ls_redundancy_reflns_obs                 ? 
_refine.ls_restrained_S_all                      ? 
_refine.ls_restrained_S_obs                      ? 
_refine.ls_shift_over_esd_max                    ? 
_refine.ls_shift_over_esd_mean                   ? 
_refine.ls_structure_factor_coef                 ? 
_refine.ls_weighting_details                     ? 
_refine.ls_weighting_scheme                      ? 
_refine.ls_wR_factor_all                         ? 
_refine.ls_wR_factor_obs                         ? 
_refine.ls_wR_factor_R_free                      ? 
_refine.ls_wR_factor_R_work                      ? 
_refine.occupancy_max                            ? 
_refine.occupancy_min                            ? 
_refine.solvent_model_details                    'FLAT BULK SOLVENT MODEL' 
_refine.solvent_model_param_bsol                 ? 
_refine.solvent_model_param_ksol                 ? 
_refine.pdbx_R_complete                          ? 
_refine.ls_R_factor_gt                           ? 
_refine.ls_goodness_of_fit_gt                    ? 
_refine.ls_goodness_of_fit_ref                   ? 
_refine.ls_shift_over_su_max                     ? 
_refine.ls_shift_over_su_max_lt                  ? 
_refine.ls_shift_over_su_mean                    ? 
_refine.ls_shift_over_su_mean_lt                 ? 
_refine.pdbx_ls_sigma_I                          ? 
_refine.pdbx_ls_sigma_F                          1.360 
_refine.pdbx_ls_sigma_Fsqd                       ? 
_refine.pdbx_data_cutoff_high_absF               ? 
_refine.pdbx_data_cutoff_high_rms_absF           ? 
_refine.pdbx_data_cutoff_low_absF                ? 
_refine.pdbx_isotropic_thermal_model             ? 
_refine.pdbx_ls_cross_valid_method               THROUGHOUT 
_refine.pdbx_method_to_determine_struct          'MOLECULAR REPLACEMENT' 
_refine.pdbx_starting_model                      ? 
_refine.pdbx_stereochemistry_target_values       ML 
_refine.pdbx_R_Free_selection_details            ? 
_refine.pdbx_stereochem_target_val_spec_case     ? 
_refine.pdbx_overall_ESU_R                       ? 
_refine.pdbx_overall_ESU_R_Free                  ? 
_refine.pdbx_solvent_vdw_probe_radii             1.1100 
_refine.pdbx_solvent_ion_probe_radii             ? 
_refine.pdbx_solvent_shrinkage_radii             0.9000 
_refine.pdbx_real_space_R                        ? 
_refine.pdbx_density_correlation                 ? 
_refine.pdbx_pd_number_of_powder_patterns        ? 
_refine.pdbx_pd_number_of_points                 ? 
_refine.pdbx_pd_meas_number_of_points            ? 
_refine.pdbx_pd_proc_ls_prof_R_factor            ? 
_refine.pdbx_pd_proc_ls_prof_wR_factor           ? 
_refine.pdbx_pd_Marquardt_correlation_coeff      ? 
_refine.pdbx_pd_Fsqrd_R_factor                   ? 
_refine.pdbx_pd_ls_matrix_band_width             ? 
_refine.pdbx_overall_phase_error                 33.3600 
_refine.pdbx_overall_SU_R_free_Cruickshank_DPI   ? 
_refine.pdbx_overall_SU_R_free_Blow_DPI          ? 
_refine.pdbx_overall_SU_R_Blow_DPI               ? 
_refine.pdbx_TLS_residual_ADP_flag               ? 
_refine.pdbx_diffrn_id                           1 
_refine.overall_SU_B                             ? 
_refine.overall_SU_ML                            0.2700 
_refine.overall_SU_R_Cruickshank_DPI             ? 
_refine.overall_SU_R_free                        ? 
_refine.overall_FOM_free_R_set                   ? 
_refine.overall_FOM_work_R_set                   ? 
_refine.pdbx_average_fsc_overall                 ? 
_refine.pdbx_average_fsc_work                    ? 
_refine.pdbx_average_fsc_free                    ? 
# 
_refine_hist.pdbx_refine_id                   'X-RAY DIFFRACTION' 
_refine_hist.cycle_id                         final 
_refine_hist.details                          ? 
_refine_hist.d_res_high                       2.1000 
_refine_hist.d_res_low                        33.8400 
_refine_hist.number_atoms_solvent             29 
_refine_hist.number_atoms_total               1316 
_refine_hist.number_reflns_all                ? 
_refine_hist.number_reflns_obs                ? 
_refine_hist.number_reflns_R_free             ? 
_refine_hist.number_reflns_R_work             ? 
_refine_hist.R_factor_all                     ? 
_refine_hist.R_factor_obs                     ? 
_refine_hist.R_factor_R_free                  ? 
_refine_hist.R_factor_R_work                  ? 
_refine_hist.pdbx_number_residues_total       166 
_refine_hist.pdbx_B_iso_mean_ligand           ? 
_refine_hist.pdbx_B_iso_mean_solvent          43.93 
_refine_hist.pdbx_number_atoms_protein        1287 
_refine_hist.pdbx_number_atoms_nucleic_acid   0 
_refine_hist.pdbx_number_atoms_ligand         0 
_refine_hist.pdbx_number_atoms_lipid          ? 
_refine_hist.pdbx_number_atoms_carb           ? 
_refine_hist.pdbx_pseudo_atom_details         ? 
# 
loop_
_refine_ls_shell.pdbx_refine_id 
_refine_ls_shell.d_res_high 
_refine_ls_shell.d_res_low 
_refine_ls_shell.number_reflns_all 
_refine_ls_shell.number_reflns_obs 
_refine_ls_shell.number_reflns_R_free 
_refine_ls_shell.number_reflns_R_work 
_refine_ls_shell.percent_reflns_obs 
_refine_ls_shell.percent_reflns_R_free 
_refine_ls_shell.R_factor_all 
_refine_ls_shell.R_factor_obs 
_refine_ls_shell.R_factor_R_free 
_refine_ls_shell.R_factor_R_free_error 
_refine_ls_shell.R_factor_R_work 
_refine_ls_shell.redundancy_reflns_all 
_refine_ls_shell.redundancy_reflns_obs 
_refine_ls_shell.wR_factor_all 
_refine_ls_shell.wR_factor_obs 
_refine_ls_shell.wR_factor_R_free 
_refine_ls_shell.wR_factor_R_work 
_refine_ls_shell.pdbx_R_complete 
_refine_ls_shell.pdbx_total_number_of_bins_used 
_refine_ls_shell.pdbx_phase_error 
_refine_ls_shell.pdbx_fsc_work 
_refine_ls_shell.pdbx_fsc_free 
'X-RAY DIFFRACTION' 2.1000 2.4000  3312 . 161 3151 99.0000 . . . 0.3161 0.0000 0.2577 . . . . . . . 3 . . . 
'X-RAY DIFFRACTION' 2.4000 3.0300  3316 . 138 3178 99.0000 . . . 0.2463 0.0000 0.2358 . . . . . . . 3 . . . 
'X-RAY DIFFRACTION' 3.0300 33.8400 3338 . 148 3190 99.0000 . . . 0.2146 0.0000 0.1834 . . . . . . . 3 . . . 
# 
_struct.entry_id                     7XC5 
_struct.title                        'Crystal structure of the ANK domain of CLPB' 
_struct.pdbx_model_details           ? 
_struct.pdbx_formula_weight          ? 
_struct.pdbx_formula_weight_method   ? 
_struct.pdbx_model_type_details      ? 
_struct.pdbx_CASP_flag               N 
# 
_struct_keywords.entry_id        7XC5 
_struct_keywords.text            'ANK repeat, TRANSPORT PROTEIN, HYDROLASE' 
_struct_keywords.pdbx_keywords   HYDROLASE 
# 
loop_
_struct_asym.id 
_struct_asym.pdbx_blank_PDB_chainid_flag 
_struct_asym.pdbx_modified 
_struct_asym.entity_id 
_struct_asym.details 
A N N 1 ? 
B N N 2 ? 
# 
_struct_ref.id                         1 
_struct_ref.db_name                    UNP 
_struct_ref.db_code                    CLPB_HUMAN 
_struct_ref.pdbx_db_accession          Q9H078 
_struct_ref.pdbx_db_isoform            Q9H078-2 
_struct_ref.entity_id                  1 
_struct_ref.pdbx_seq_one_letter_code   
;SKSPSNKDAALLEAARANNMQEVSRLLSEGADVNAKHRLGWTALMVAAINRNNSVVQVLLAAGADPNLGDDFSSVYKTAK
EQGIHSLEVLITREDDFNNRLNNRASFKGCTALHYAVLADDYRTVKELLDGGANPLQRNEMGHTPLDYAREGEVMKLLRT
SEAKYQEKQR
;
_struct_ref.pdbx_align_begin           128 
# 
_struct_ref_seq.align_id                      1 
_struct_ref_seq.ref_id                        1 
_struct_ref_seq.pdbx_PDB_id_code              7XC5 
_struct_ref_seq.pdbx_strand_id                A 
_struct_ref_seq.seq_align_beg                 29 
_struct_ref_seq.pdbx_seq_align_beg_ins_code   ? 
_struct_ref_seq.seq_align_end                 198 
_struct_ref_seq.pdbx_seq_align_end_ins_code   ? 
_struct_ref_seq.pdbx_db_accession             Q9H078 
_struct_ref_seq.db_align_beg                  128 
_struct_ref_seq.pdbx_db_align_beg_ins_code    ? 
_struct_ref_seq.db_align_end                  297 
_struct_ref_seq.pdbx_db_align_end_ins_code    ? 
_struct_ref_seq.pdbx_auth_seq_align_beg       128 
_struct_ref_seq.pdbx_auth_seq_align_end       297 
# 
loop_
_struct_ref_seq_dif.align_id 
_struct_ref_seq_dif.pdbx_pdb_id_code 
_struct_ref_seq_dif.mon_id 
_struct_ref_seq_dif.pdbx_pdb_strand_id 
_struct_ref_seq_dif.seq_num 
_struct_ref_seq_dif.pdbx_pdb_ins_code 
_struct_ref_seq_dif.pdbx_seq_db_name 
_struct_ref_seq_dif.pdbx_seq_db_accession_code 
_struct_ref_seq_dif.db_mon_id 
_struct_ref_seq_dif.pdbx_seq_db_seq_num 
_struct_ref_seq_dif.details 
_struct_ref_seq_dif.pdbx_auth_seq_num 
_struct_ref_seq_dif.pdbx_ordinal 
1 7XC5 MET A 1  ? UNP Q9H078 ? ? 'initiating methionine' 100 1  
1 7XC5 SER A 2  ? UNP Q9H078 ? ? 'expression tag'        101 2  
1 7XC5 TYR A 3  ? UNP Q9H078 ? ? 'expression tag'        102 3  
1 7XC5 TYR A 4  ? UNP Q9H078 ? ? 'expression tag'        103 4  
1 7XC5 HIS A 5  ? UNP Q9H078 ? ? 'expression tag'        104 5  
1 7XC5 HIS A 6  ? UNP Q9H078 ? ? 'expression tag'        105 6  
1 7XC5 HIS A 7  ? UNP Q9H078 ? ? 'expression tag'        106 7  
1 7XC5 HIS A 8  ? UNP Q9H078 ? ? 'expression tag'        107 8  
1 7XC5 HIS A 9  ? UNP Q9H078 ? ? 'expression tag'        108 9  
1 7XC5 HIS A 10 ? UNP Q9H078 ? ? 'expression tag'        109 10 
1 7XC5 ASP A 11 ? UNP Q9H078 ? ? 'expression tag'        110 11 
1 7XC5 TYR A 12 ? UNP Q9H078 ? ? 'expression tag'        111 12 
1 7XC5 ASP A 13 ? UNP Q9H078 ? ? 'expression tag'        112 13 
1 7XC5 ILE A 14 ? UNP Q9H078 ? ? 'expression tag'        113 14 
1 7XC5 PRO A 15 ? UNP Q9H078 ? ? 'expression tag'        114 15 
1 7XC5 THR A 16 ? UNP Q9H078 ? ? 'expression tag'        115 16 
1 7XC5 THR A 17 ? UNP Q9H078 ? ? 'expression tag'        116 17 
1 7XC5 GLU A 18 ? UNP Q9H078 ? ? 'expression tag'        117 18 
1 7XC5 ASN A 19 ? UNP Q9H078 ? ? 'expression tag'        118 19 
1 7XC5 LEU A 20 ? UNP Q9H078 ? ? 'expression tag'        119 20 
1 7XC5 TYR A 21 ? UNP Q9H078 ? ? 'expression tag'        120 21 
1 7XC5 PHE A 22 ? UNP Q9H078 ? ? 'expression tag'        121 22 
1 7XC5 GLN A 23 ? UNP Q9H078 ? ? 'expression tag'        122 23 
1 7XC5 GLY A 24 ? UNP Q9H078 ? ? 'expression tag'        123 24 
1 7XC5 ALA A 25 ? UNP Q9H078 ? ? 'expression tag'        124 25 
1 7XC5 MET A 26 ? UNP Q9H078 ? ? 'expression tag'        125 26 
1 7XC5 GLY A 27 ? UNP Q9H078 ? ? 'expression tag'        126 27 
1 7XC5 SER A 28 ? UNP Q9H078 ? ? 'expression tag'        127 28 
# 
_pdbx_struct_assembly.id                   1 
_pdbx_struct_assembly.details              author_defined_assembly 
_pdbx_struct_assembly.method_details       ? 
_pdbx_struct_assembly.oligomeric_details   monomeric 
_pdbx_struct_assembly.oligomeric_count     1 
# 
loop_
_pdbx_struct_assembly_prop.biol_id 
_pdbx_struct_assembly_prop.type 
_pdbx_struct_assembly_prop.value 
_pdbx_struct_assembly_prop.details 
1 'ABSA (A^2)' 0    ? 
1 MORE         0    ? 
1 'SSA (A^2)'  8700 ? 
# 
_pdbx_struct_assembly_gen.assembly_id       1 
_pdbx_struct_assembly_gen.oper_expression   1 
_pdbx_struct_assembly_gen.asym_id_list      A,B 
# 
_pdbx_struct_assembly_auth_evidence.id                     1 
_pdbx_struct_assembly_auth_evidence.assembly_id            1 
_pdbx_struct_assembly_auth_evidence.experimental_support   'gel filtration' 
_pdbx_struct_assembly_auth_evidence.details                ? 
# 
_pdbx_struct_oper_list.id                   1 
_pdbx_struct_oper_list.type                 'identity operation' 
_pdbx_struct_oper_list.name                 1_555 
_pdbx_struct_oper_list.symmetry_operation   x,y,z 
_pdbx_struct_oper_list.matrix[1][1]         1.0000000000 
_pdbx_struct_oper_list.matrix[1][2]         0.0000000000 
_pdbx_struct_oper_list.matrix[1][3]         0.0000000000 
_pdbx_struct_oper_list.vector[1]            0.0000000000 
_pdbx_struct_oper_list.matrix[2][1]         0.0000000000 
_pdbx_struct_oper_list.matrix[2][2]         1.0000000000 
_pdbx_struct_oper_list.matrix[2][3]         0.0000000000 
_pdbx_struct_oper_list.vector[2]            0.0000000000 
_pdbx_struct_oper_list.matrix[3][1]         0.0000000000 
_pdbx_struct_oper_list.matrix[3][2]         0.0000000000 
_pdbx_struct_oper_list.matrix[3][3]         1.0000000000 
_pdbx_struct_oper_list.vector[3]            0.0000000000 
# 
loop_
_struct_conf.conf_type_id 
_struct_conf.id 
_struct_conf.pdbx_PDB_helix_id 
_struct_conf.beg_label_comp_id 
_struct_conf.beg_label_asym_id 
_struct_conf.beg_label_seq_id 
_struct_conf.pdbx_beg_PDB_ins_code 
_struct_conf.end_label_comp_id 
_struct_conf.end_label_asym_id 
_struct_conf.end_label_seq_id 
_struct_conf.pdbx_end_PDB_ins_code 
_struct_conf.beg_auth_comp_id 
_struct_conf.beg_auth_asym_id 
_struct_conf.beg_auth_seq_id 
_struct_conf.end_auth_comp_id 
_struct_conf.end_auth_asym_id 
_struct_conf.end_auth_seq_id 
_struct_conf.pdbx_PDB_helix_class 
_struct_conf.details 
_struct_conf.pdbx_PDB_helix_length 
HELX_P HELX_P1  AA1 SER A 33  ? ASN A 46  ? SER A 132 ASN A 145 1 ? 14 
HELX_P HELX_P2  AA2 ASN A 47  ? GLU A 57  ? ASN A 146 GLU A 156 1 ? 11 
HELX_P HELX_P3  AA3 THR A 70  ? ASN A 78  ? THR A 169 ASN A 177 1 ? 9  
HELX_P HELX_P4  AA4 ASN A 80  ? ALA A 90  ? ASN A 179 ALA A 189 1 ? 11 
HELX_P HELX_P5  AA5 SER A 102 ? GLY A 111 ? SER A 201 GLY A 210 1 ? 10 
HELX_P HELX_P6  AA6 HIS A 113 ? PHE A 125 ? HIS A 212 PHE A 224 1 ? 13 
HELX_P HELX_P7  AA7 THR A 139 ? ALA A 147 ? THR A 238 ALA A 246 1 ? 9  
HELX_P HELX_P8  AA8 ASP A 149 ? GLY A 159 ? ASP A 248 GLY A 258 1 ? 11 
HELX_P HELX_P9  AA9 PRO A 173 ? ALA A 177 ? PRO A 272 ALA A 276 5 ? 5  
HELX_P HELX_P10 AB1 GLY A 180 ? GLN A 197 ? GLY A 279 GLN A 296 1 ? 18 
# 
_struct_conf_type.id          HELX_P 
_struct_conf_type.criteria    ? 
_struct_conf_type.reference   ? 
# 
loop_
_pdbx_validate_torsion.id 
_pdbx_validate_torsion.PDB_model_num 
_pdbx_validate_torsion.auth_comp_id 
_pdbx_validate_torsion.auth_asym_id 
_pdbx_validate_torsion.auth_seq_id 
_pdbx_validate_torsion.PDB_ins_code 
_pdbx_validate_torsion.label_alt_id 
_pdbx_validate_torsion.phi 
_pdbx_validate_torsion.psi 
1 1 SER A 200 ? ? -105.44 -83.19 
2 1 PHE A 224 ? ? -122.79 -76.41 
# 
loop_
_pdbx_unobs_or_zero_occ_residues.id 
_pdbx_unobs_or_zero_occ_residues.PDB_model_num 
_pdbx_unobs_or_zero_occ_residues.polymer_flag 
_pdbx_unobs_or_zero_occ_residues.occupancy_flag 
_pdbx_unobs_or_zero_occ_residues.auth_asym_id 
_pdbx_unobs_or_zero_occ_residues.auth_comp_id 
_pdbx_unobs_or_zero_occ_residues.auth_seq_id 
_pdbx_unobs_or_zero_occ_residues.PDB_ins_code 
_pdbx_unobs_or_zero_occ_residues.label_asym_id 
_pdbx_unobs_or_zero_occ_residues.label_comp_id 
_pdbx_unobs_or_zero_occ_residues.label_seq_id 
1  1 Y 1 A MET 100 ? A MET 1  
2  1 Y 1 A SER 101 ? A SER 2  
3  1 Y 1 A TYR 102 ? A TYR 3  
4  1 Y 1 A TYR 103 ? A TYR 4  
5  1 Y 1 A HIS 104 ? A HIS 5  
6  1 Y 1 A HIS 105 ? A HIS 6  
7  1 Y 1 A HIS 106 ? A HIS 7  
8  1 Y 1 A HIS 107 ? A HIS 8  
9  1 Y 1 A HIS 108 ? A HIS 9  
10 1 Y 1 A HIS 109 ? A HIS 10 
11 1 Y 1 A ASP 110 ? A ASP 11 
12 1 Y 1 A TYR 111 ? A TYR 12 
13 1 Y 1 A ASP 112 ? A ASP 13 
14 1 Y 1 A ILE 113 ? A ILE 14 
15 1 Y 1 A PRO 114 ? A PRO 15 
16 1 Y 1 A THR 115 ? A THR 16 
17 1 Y 1 A THR 116 ? A THR 17 
18 1 Y 1 A GLU 117 ? A GLU 18 
19 1 Y 1 A ASN 118 ? A ASN 19 
20 1 Y 1 A LEU 119 ? A LEU 20 
21 1 Y 1 A TYR 120 ? A TYR 21 
22 1 Y 1 A PHE 121 ? A PHE 22 
23 1 Y 1 A GLN 122 ? A GLN 23 
24 1 Y 1 A GLY 123 ? A GLY 24 
25 1 Y 1 A ALA 124 ? A ALA 25 
26 1 Y 1 A MET 125 ? A MET 26 
27 1 Y 1 A GLY 126 ? A GLY 27 
28 1 Y 1 A SER 127 ? A SER 28 
29 1 Y 1 A SER 128 ? A SER 29 
30 1 Y 1 A LYS 129 ? A LYS 30 
31 1 Y 1 A SER 130 ? A SER 31 
32 1 Y 1 A PRO 131 ? A PRO 32 
# 
loop_
_chem_comp_atom.comp_id 
_chem_comp_atom.atom_id 
_chem_comp_atom.type_symbol 
_chem_comp_atom.pdbx_aromatic_flag 
_chem_comp_atom.pdbx_stereo_config 
_chem_comp_atom.pdbx_ordinal 
ALA N    N N N 1   
ALA CA   C N S 2   
ALA C    C N N 3   
ALA O    O N N 4   
ALA CB   C N N 5   
ALA OXT  O N N 6   
ALA H    H N N 7   
ALA H2   H N N 8   
ALA HA   H N N 9   
ALA HB1  H N N 10  
ALA HB2  H N N 11  
ALA HB3  H N N 12  
ALA HXT  H N N 13  
ARG N    N N N 14  
ARG CA   C N S 15  
ARG C    C N N 16  
ARG O    O N N 17  
ARG CB   C N N 18  
ARG CG   C N N 19  
ARG CD   C N N 20  
ARG NE   N N N 21  
ARG CZ   C N N 22  
ARG NH1  N N N 23  
ARG NH2  N N N 24  
ARG OXT  O N N 25  
ARG H    H N N 26  
ARG H2   H N N 27  
ARG HA   H N N 28  
ARG HB2  H N N 29  
ARG HB3  H N N 30  
ARG HG2  H N N 31  
ARG HG3  H N N 32  
ARG HD2  H N N 33  
ARG HD3  H N N 34  
ARG HE   H N N 35  
ARG HH11 H N N 36  
ARG HH12 H N N 37  
ARG HH21 H N N 38  
ARG HH22 H N N 39  
ARG HXT  H N N 40  
ASN N    N N N 41  
ASN CA   C N S 42  
ASN C    C N N 43  
ASN O    O N N 44  
ASN CB   C N N 45  
ASN CG   C N N 46  
ASN OD1  O N N 47  
ASN ND2  N N N 48  
ASN OXT  O N N 49  
ASN H    H N N 50  
ASN H2   H N N 51  
ASN HA   H N N 52  
ASN HB2  H N N 53  
ASN HB3  H N N 54  
ASN HD21 H N N 55  
ASN HD22 H N N 56  
ASN HXT  H N N 57  
ASP N    N N N 58  
ASP CA   C N S 59  
ASP C    C N N 60  
ASP O    O N N 61  
ASP CB   C N N 62  
ASP CG   C N N 63  
ASP OD1  O N N 64  
ASP OD2  O N N 65  
ASP OXT  O N N 66  
ASP H    H N N 67  
ASP H2   H N N 68  
ASP HA   H N N 69  
ASP HB2  H N N 70  
ASP HB3  H N N 71  
ASP HD2  H N N 72  
ASP HXT  H N N 73  
CYS N    N N N 74  
CYS CA   C N R 75  
CYS C    C N N 76  
CYS O    O N N 77  
CYS CB   C N N 78  
CYS SG   S N N 79  
CYS OXT  O N N 80  
CYS H    H N N 81  
CYS H2   H N N 82  
CYS HA   H N N 83  
CYS HB2  H N N 84  
CYS HB3  H N N 85  
CYS HG   H N N 86  
CYS HXT  H N N 87  
GLN N    N N N 88  
GLN CA   C N S 89  
GLN C    C N N 90  
GLN O    O N N 91  
GLN CB   C N N 92  
GLN CG   C N N 93  
GLN CD   C N N 94  
GLN OE1  O N N 95  
GLN NE2  N N N 96  
GLN OXT  O N N 97  
GLN H    H N N 98  
GLN H2   H N N 99  
GLN HA   H N N 100 
GLN HB2  H N N 101 
GLN HB3  H N N 102 
GLN HG2  H N N 103 
GLN HG3  H N N 104 
GLN HE21 H N N 105 
GLN HE22 H N N 106 
GLN HXT  H N N 107 
GLU N    N N N 108 
GLU CA   C N S 109 
GLU C    C N N 110 
GLU O    O N N 111 
GLU CB   C N N 112 
GLU CG   C N N 113 
GLU CD   C N N 114 
GLU OE1  O N N 115 
GLU OE2  O N N 116 
GLU OXT  O N N 117 
GLU H    H N N 118 
GLU H2   H N N 119 
GLU HA   H N N 120 
GLU HB2  H N N 121 
GLU HB3  H N N 122 
GLU HG2  H N N 123 
GLU HG3  H N N 124 
GLU HE2  H N N 125 
GLU HXT  H N N 126 
GLY N    N N N 127 
GLY CA   C N N 128 
GLY C    C N N 129 
GLY O    O N N 130 
GLY OXT  O N N 131 
GLY H    H N N 132 
GLY H2   H N N 133 
GLY HA2  H N N 134 
GLY HA3  H N N 135 
GLY HXT  H N N 136 
HIS N    N N N 137 
HIS CA   C N S 138 
HIS C    C N N 139 
HIS O    O N N 140 
HIS CB   C N N 141 
HIS CG   C Y N 142 
HIS ND1  N Y N 143 
HIS CD2  C Y N 144 
HIS CE1  C Y N 145 
HIS NE2  N Y N 146 
HIS OXT  O N N 147 
HIS H    H N N 148 
HIS H2   H N N 149 
HIS HA   H N N 150 
HIS HB2  H N N 151 
HIS HB3  H N N 152 
HIS HD1  H N N 153 
HIS HD2  H N N 154 
HIS HE1  H N N 155 
HIS HE2  H N N 156 
HIS HXT  H N N 157 
HOH O    O N N 158 
HOH H1   H N N 159 
HOH H2   H N N 160 
ILE N    N N N 161 
ILE CA   C N S 162 
ILE C    C N N 163 
ILE O    O N N 164 
ILE CB   C N S 165 
ILE CG1  C N N 166 
ILE CG2  C N N 167 
ILE CD1  C N N 168 
ILE OXT  O N N 169 
ILE H    H N N 170 
ILE H2   H N N 171 
ILE HA   H N N 172 
ILE HB   H N N 173 
ILE HG12 H N N 174 
ILE HG13 H N N 175 
ILE HG21 H N N 176 
ILE HG22 H N N 177 
ILE HG23 H N N 178 
ILE HD11 H N N 179 
ILE HD12 H N N 180 
ILE HD13 H N N 181 
ILE HXT  H N N 182 
LEU N    N N N 183 
LEU CA   C N S 184 
LEU C    C N N 185 
LEU O    O N N 186 
LEU CB   C N N 187 
LEU CG   C N N 188 
LEU CD1  C N N 189 
LEU CD2  C N N 190 
LEU OXT  O N N 191 
LEU H    H N N 192 
LEU H2   H N N 193 
LEU HA   H N N 194 
LEU HB2  H N N 195 
LEU HB3  H N N 196 
LEU HG   H N N 197 
LEU HD11 H N N 198 
LEU HD12 H N N 199 
LEU HD13 H N N 200 
LEU HD21 H N N 201 
LEU HD22 H N N 202 
LEU HD23 H N N 203 
LEU HXT  H N N 204 
LYS N    N N N 205 
LYS CA   C N S 206 
LYS C    C N N 207 
LYS O    O N N 208 
LYS CB   C N N 209 
LYS CG   C N N 210 
LYS CD   C N N 211 
LYS CE   C N N 212 
LYS NZ   N N N 213 
LYS OXT  O N N 214 
LYS H    H N N 215 
LYS H2   H N N 216 
LYS HA   H N N 217 
LYS HB2  H N N 218 
LYS HB3  H N N 219 
LYS HG2  H N N 220 
LYS HG3  H N N 221 
LYS HD2  H N N 222 
LYS HD3  H N N 223 
LYS HE2  H N N 224 
LYS HE3  H N N 225 
LYS HZ1  H N N 226 
LYS HZ2  H N N 227 
LYS HZ3  H N N 228 
LYS HXT  H N N 229 
MET N    N N N 230 
MET CA   C N S 231 
MET C    C N N 232 
MET O    O N N 233 
MET CB   C N N 234 
MET CG   C N N 235 
MET SD   S N N 236 
MET CE   C N N 237 
MET OXT  O N N 238 
MET H    H N N 239 
MET H2   H N N 240 
MET HA   H N N 241 
MET HB2  H N N 242 
MET HB3  H N N 243 
MET HG2  H N N 244 
MET HG3  H N N 245 
MET HE1  H N N 246 
MET HE2  H N N 247 
MET HE3  H N N 248 
MET HXT  H N N 249 
PHE N    N N N 250 
PHE CA   C N S 251 
PHE C    C N N 252 
PHE O    O N N 253 
PHE CB   C N N 254 
PHE CG   C Y N 255 
PHE CD1  C Y N 256 
PHE CD2  C Y N 257 
PHE CE1  C Y N 258 
PHE CE2  C Y N 259 
PHE CZ   C Y N 260 
PHE OXT  O N N 261 
PHE H    H N N 262 
PHE H2   H N N 263 
PHE HA   H N N 264 
PHE HB2  H N N 265 
PHE HB3  H N N 266 
PHE HD1  H N N 267 
PHE HD2  H N N 268 
PHE HE1  H N N 269 
PHE HE2  H N N 270 
PHE HZ   H N N 271 
PHE HXT  H N N 272 
PRO N    N N N 273 
PRO CA   C N S 274 
PRO C    C N N 275 
PRO O    O N N 276 
PRO CB   C N N 277 
PRO CG   C N N 278 
PRO CD   C N N 279 
PRO OXT  O N N 280 
PRO H    H N N 281 
PRO HA   H N N 282 
PRO HB2  H N N 283 
PRO HB3  H N N 284 
PRO HG2  H N N 285 
PRO HG3  H N N 286 
PRO HD2  H N N 287 
PRO HD3  H N N 288 
PRO HXT  H N N 289 
SER N    N N N 290 
SER CA   C N S 291 
SER C    C N N 292 
SER O    O N N 293 
SER CB   C N N 294 
SER OG   O N N 295 
SER OXT  O N N 296 
SER H    H N N 297 
SER H2   H N N 298 
SER HA   H N N 299 
SER HB2  H N N 300 
SER HB3  H N N 301 
SER HG   H N N 302 
SER HXT  H N N 303 
THR N    N N N 304 
THR CA   C N S 305 
THR C    C N N 306 
THR O    O N N 307 
THR CB   C N R 308 
THR OG1  O N N 309 
THR CG2  C N N 310 
THR OXT  O N N 311 
THR H    H N N 312 
THR H2   H N N 313 
THR HA   H N N 314 
THR HB   H N N 315 
THR HG1  H N N 316 
THR HG21 H N N 317 
THR HG22 H N N 318 
THR HG23 H N N 319 
THR HXT  H N N 320 
TRP N    N N N 321 
TRP CA   C N S 322 
TRP C    C N N 323 
TRP O    O N N 324 
TRP CB   C N N 325 
TRP CG   C Y N 326 
TRP CD1  C Y N 327 
TRP CD2  C Y N 328 
TRP NE1  N Y N 329 
TRP CE2  C Y N 330 
TRP CE3  C Y N 331 
TRP CZ2  C Y N 332 
TRP CZ3  C Y N 333 
TRP CH2  C Y N 334 
TRP OXT  O N N 335 
TRP H    H N N 336 
TRP H2   H N N 337 
TRP HA   H N N 338 
TRP HB2  H N N 339 
TRP HB3  H N N 340 
TRP HD1  H N N 341 
TRP HE1  H N N 342 
TRP HE3  H N N 343 
TRP HZ2  H N N 344 
TRP HZ3  H N N 345 
TRP HH2  H N N 346 
TRP HXT  H N N 347 
TYR N    N N N 348 
TYR CA   C N S 349 
TYR C    C N N 350 
TYR O    O N N 351 
TYR CB   C N N 352 
TYR CG   C Y N 353 
TYR CD1  C Y N 354 
TYR CD2  C Y N 355 
TYR CE1  C Y N 356 
TYR CE2  C Y N 357 
TYR CZ   C Y N 358 
TYR OH   O N N 359 
TYR OXT  O N N 360 
TYR H    H N N 361 
TYR H2   H N N 362 
TYR HA   H N N 363 
TYR HB2  H N N 364 
TYR HB3  H N N 365 
TYR HD1  H N N 366 
TYR HD2  H N N 367 
TYR HE1  H N N 368 
TYR HE2  H N N 369 
TYR HH   H N N 370 
TYR HXT  H N N 371 
VAL N    N N N 372 
VAL CA   C N S 373 
VAL C    C N N 374 
VAL O    O N N 375 
VAL CB   C N N 376 
VAL CG1  C N N 377 
VAL CG2  C N N 378 
VAL OXT  O N N 379 
VAL H    H N N 380 
VAL H2   H N N 381 
VAL HA   H N N 382 
VAL HB   H N N 383 
VAL HG11 H N N 384 
VAL HG12 H N N 385 
VAL HG13 H N N 386 
VAL HG21 H N N 387 
VAL HG22 H N N 388 
VAL HG23 H N N 389 
VAL HXT  H N N 390 
# 
loop_
_chem_comp_bond.comp_id 
_chem_comp_bond.atom_id_1 
_chem_comp_bond.atom_id_2 
_chem_comp_bond.value_order 
_chem_comp_bond.pdbx_aromatic_flag 
_chem_comp_bond.pdbx_stereo_config 
_chem_comp_bond.pdbx_ordinal 
ALA N   CA   sing N N 1   
ALA N   H    sing N N 2   
ALA N   H2   sing N N 3   
ALA CA  C    sing N N 4   
ALA CA  CB   sing N N 5   
ALA CA  HA   sing N N 6   
ALA C   O    doub N N 7   
ALA C   OXT  sing N N 8   
ALA CB  HB1  sing N N 9   
ALA CB  HB2  sing N N 10  
ALA CB  HB3  sing N N 11  
ALA OXT HXT  sing N N 12  
ARG N   CA   sing N N 13  
ARG N   H    sing N N 14  
ARG N   H2   sing N N 15  
ARG CA  C    sing N N 16  
ARG CA  CB   sing N N 17  
ARG CA  HA   sing N N 18  
ARG C   O    doub N N 19  
ARG C   OXT  sing N N 20  
ARG CB  CG   sing N N 21  
ARG CB  HB2  sing N N 22  
ARG CB  HB3  sing N N 23  
ARG CG  CD   sing N N 24  
ARG CG  HG2  sing N N 25  
ARG CG  HG3  sing N N 26  
ARG CD  NE   sing N N 27  
ARG CD  HD2  sing N N 28  
ARG CD  HD3  sing N N 29  
ARG NE  CZ   sing N N 30  
ARG NE  HE   sing N N 31  
ARG CZ  NH1  sing N N 32  
ARG CZ  NH2  doub N N 33  
ARG NH1 HH11 sing N N 34  
ARG NH1 HH12 sing N N 35  
ARG NH2 HH21 sing N N 36  
ARG NH2 HH22 sing N N 37  
ARG OXT HXT  sing N N 38  
ASN N   CA   sing N N 39  
ASN N   H    sing N N 40  
ASN N   H2   sing N N 41  
ASN CA  C    sing N N 42  
ASN CA  CB   sing N N 43  
ASN CA  HA   sing N N 44  
ASN C   O    doub N N 45  
ASN C   OXT  sing N N 46  
ASN CB  CG   sing N N 47  
ASN CB  HB2  sing N N 48  
ASN CB  HB3  sing N N 49  
ASN CG  OD1  doub N N 50  
ASN CG  ND2  sing N N 51  
ASN ND2 HD21 sing N N 52  
ASN ND2 HD22 sing N N 53  
ASN OXT HXT  sing N N 54  
ASP N   CA   sing N N 55  
ASP N   H    sing N N 56  
ASP N   H2   sing N N 57  
ASP CA  C    sing N N 58  
ASP CA  CB   sing N N 59  
ASP CA  HA   sing N N 60  
ASP C   O    doub N N 61  
ASP C   OXT  sing N N 62  
ASP CB  CG   sing N N 63  
ASP CB  HB2  sing N N 64  
ASP CB  HB3  sing N N 65  
ASP CG  OD1  doub N N 66  
ASP CG  OD2  sing N N 67  
ASP OD2 HD2  sing N N 68  
ASP OXT HXT  sing N N 69  
CYS N   CA   sing N N 70  
CYS N   H    sing N N 71  
CYS N   H2   sing N N 72  
CYS CA  C    sing N N 73  
CYS CA  CB   sing N N 74  
CYS CA  HA   sing N N 75  
CYS C   O    doub N N 76  
CYS C   OXT  sing N N 77  
CYS CB  SG   sing N N 78  
CYS CB  HB2  sing N N 79  
CYS CB  HB3  sing N N 80  
CYS SG  HG   sing N N 81  
CYS OXT HXT  sing N N 82  
GLN N   CA   sing N N 83  
GLN N   H    sing N N 84  
GLN N   H2   sing N N 85  
GLN CA  C    sing N N 86  
GLN CA  CB   sing N N 87  
GLN CA  HA   sing N N 88  
GLN C   O    doub N N 89  
GLN C   OXT  sing N N 90  
GLN CB  CG   sing N N 91  
GLN CB  HB2  sing N N 92  
GLN CB  HB3  sing N N 93  
GLN CG  CD   sing N N 94  
GLN CG  HG2  sing N N 95  
GLN CG  HG3  sing N N 96  
GLN CD  OE1  doub N N 97  
GLN CD  NE2  sing N N 98  
GLN NE2 HE21 sing N N 99  
GLN NE2 HE22 sing N N 100 
GLN OXT HXT  sing N N 101 
GLU N   CA   sing N N 102 
GLU N   H    sing N N 103 
GLU N   H2   sing N N 104 
GLU CA  C    sing N N 105 
GLU CA  CB   sing N N 106 
GLU CA  HA   sing N N 107 
GLU C   O    doub N N 108 
GLU C   OXT  sing N N 109 
GLU CB  CG   sing N N 110 
GLU CB  HB2  sing N N 111 
GLU CB  HB3  sing N N 112 
GLU CG  CD   sing N N 113 
GLU CG  HG2  sing N N 114 
GLU CG  HG3  sing N N 115 
GLU CD  OE1  doub N N 116 
GLU CD  OE2  sing N N 117 
GLU OE2 HE2  sing N N 118 
GLU OXT HXT  sing N N 119 
GLY N   CA   sing N N 120 
GLY N   H    sing N N 121 
GLY N   H2   sing N N 122 
GLY CA  C    sing N N 123 
GLY CA  HA2  sing N N 124 
GLY CA  HA3  sing N N 125 
GLY C   O    doub N N 126 
GLY C   OXT  sing N N 127 
GLY OXT HXT  sing N N 128 
HIS N   CA   sing N N 129 
HIS N   H    sing N N 130 
HIS N   H2   sing N N 131 
HIS CA  C    sing N N 132 
HIS CA  CB   sing N N 133 
HIS CA  HA   sing N N 134 
HIS C   O    doub N N 135 
HIS C   OXT  sing N N 136 
HIS CB  CG   sing N N 137 
HIS CB  HB2  sing N N 138 
HIS CB  HB3  sing N N 139 
HIS CG  ND1  sing Y N 140 
HIS CG  CD2  doub Y N 141 
HIS ND1 CE1  doub Y N 142 
HIS ND1 HD1  sing N N 143 
HIS CD2 NE2  sing Y N 144 
HIS CD2 HD2  sing N N 145 
HIS CE1 NE2  sing Y N 146 
HIS CE1 HE1  sing N N 147 
HIS NE2 HE2  sing N N 148 
HIS OXT HXT  sing N N 149 
HOH O   H1   sing N N 150 
HOH O   H2   sing N N 151 
ILE N   CA   sing N N 152 
ILE N   H    sing N N 153 
ILE N   H2   sing N N 154 
ILE CA  C    sing N N 155 
ILE CA  CB   sing N N 156 
ILE CA  HA   sing N N 157 
ILE C   O    doub N N 158 
ILE C   OXT  sing N N 159 
ILE CB  CG1  sing N N 160 
ILE CB  CG2  sing N N 161 
ILE CB  HB   sing N N 162 
ILE CG1 CD1  sing N N 163 
ILE CG1 HG12 sing N N 164 
ILE CG1 HG13 sing N N 165 
ILE CG2 HG21 sing N N 166 
ILE CG2 HG22 sing N N 167 
ILE CG2 HG23 sing N N 168 
ILE CD1 HD11 sing N N 169 
ILE CD1 HD12 sing N N 170 
ILE CD1 HD13 sing N N 171 
ILE OXT HXT  sing N N 172 
LEU N   CA   sing N N 173 
LEU N   H    sing N N 174 
LEU N   H2   sing N N 175 
LEU CA  C    sing N N 176 
LEU CA  CB   sing N N 177 
LEU CA  HA   sing N N 178 
LEU C   O    doub N N 179 
LEU C   OXT  sing N N 180 
LEU CB  CG   sing N N 181 
LEU CB  HB2  sing N N 182 
LEU CB  HB3  sing N N 183 
LEU CG  CD1  sing N N 184 
LEU CG  CD2  sing N N 185 
LEU CG  HG   sing N N 186 
LEU CD1 HD11 sing N N 187 
LEU CD1 HD12 sing N N 188 
LEU CD1 HD13 sing N N 189 
LEU CD2 HD21 sing N N 190 
LEU CD2 HD22 sing N N 191 
LEU CD2 HD23 sing N N 192 
LEU OXT HXT  sing N N 193 
LYS N   CA   sing N N 194 
LYS N   H    sing N N 195 
LYS N   H2   sing N N 196 
LYS CA  C    sing N N 197 
LYS CA  CB   sing N N 198 
LYS CA  HA   sing N N 199 
LYS C   O    doub N N 200 
LYS C   OXT  sing N N 201 
LYS CB  CG   sing N N 202 
LYS CB  HB2  sing N N 203 
LYS CB  HB3  sing N N 204 
LYS CG  CD   sing N N 205 
LYS CG  HG2  sing N N 206 
LYS CG  HG3  sing N N 207 
LYS CD  CE   sing N N 208 
LYS CD  HD2  sing N N 209 
LYS CD  HD3  sing N N 210 
LYS CE  NZ   sing N N 211 
LYS CE  HE2  sing N N 212 
LYS CE  HE3  sing N N 213 
LYS NZ  HZ1  sing N N 214 
LYS NZ  HZ2  sing N N 215 
LYS NZ  HZ3  sing N N 216 
LYS OXT HXT  sing N N 217 
MET N   CA   sing N N 218 
MET N   H    sing N N 219 
MET N   H2   sing N N 220 
MET CA  C    sing N N 221 
MET CA  CB   sing N N 222 
MET CA  HA   sing N N 223 
MET C   O    doub N N 224 
MET C   OXT  sing N N 225 
MET CB  CG   sing N N 226 
MET CB  HB2  sing N N 227 
MET CB  HB3  sing N N 228 
MET CG  SD   sing N N 229 
MET CG  HG2  sing N N 230 
MET CG  HG3  sing N N 231 
MET SD  CE   sing N N 232 
MET CE  HE1  sing N N 233 
MET CE  HE2  sing N N 234 
MET CE  HE3  sing N N 235 
MET OXT HXT  sing N N 236 
PHE N   CA   sing N N 237 
PHE N   H    sing N N 238 
PHE N   H2   sing N N 239 
PHE CA  C    sing N N 240 
PHE CA  CB   sing N N 241 
PHE CA  HA   sing N N 242 
PHE C   O    doub N N 243 
PHE C   OXT  sing N N 244 
PHE CB  CG   sing N N 245 
PHE CB  HB2  sing N N 246 
PHE CB  HB3  sing N N 247 
PHE CG  CD1  doub Y N 248 
PHE CG  CD2  sing Y N 249 
PHE CD1 CE1  sing Y N 250 
PHE CD1 HD1  sing N N 251 
PHE CD2 CE2  doub Y N 252 
PHE CD2 HD2  sing N N 253 
PHE CE1 CZ   doub Y N 254 
PHE CE1 HE1  sing N N 255 
PHE CE2 CZ   sing Y N 256 
PHE CE2 HE2  sing N N 257 
PHE CZ  HZ   sing N N 258 
PHE OXT HXT  sing N N 259 
PRO N   CA   sing N N 260 
PRO N   CD   sing N N 261 
PRO N   H    sing N N 262 
PRO CA  C    sing N N 263 
PRO CA  CB   sing N N 264 
PRO CA  HA   sing N N 265 
PRO C   O    doub N N 266 
PRO C   OXT  sing N N 267 
PRO CB  CG   sing N N 268 
PRO CB  HB2  sing N N 269 
PRO CB  HB3  sing N N 270 
PRO CG  CD   sing N N 271 
PRO CG  HG2  sing N N 272 
PRO CG  HG3  sing N N 273 
PRO CD  HD2  sing N N 274 
PRO CD  HD3  sing N N 275 
PRO OXT HXT  sing N N 276 
SER N   CA   sing N N 277 
SER N   H    sing N N 278 
SER N   H2   sing N N 279 
SER CA  C    sing N N 280 
SER CA  CB   sing N N 281 
SER CA  HA   sing N N 282 
SER C   O    doub N N 283 
SER C   OXT  sing N N 284 
SER CB  OG   sing N N 285 
SER CB  HB2  sing N N 286 
SER CB  HB3  sing N N 287 
SER OG  HG   sing N N 288 
SER OXT HXT  sing N N 289 
THR N   CA   sing N N 290 
THR N   H    sing N N 291 
THR N   H2   sing N N 292 
THR CA  C    sing N N 293 
THR CA  CB   sing N N 294 
THR CA  HA   sing N N 295 
THR C   O    doub N N 296 
THR C   OXT  sing N N 297 
THR CB  OG1  sing N N 298 
THR CB  CG2  sing N N 299 
THR CB  HB   sing N N 300 
THR OG1 HG1  sing N N 301 
THR CG2 HG21 sing N N 302 
THR CG2 HG22 sing N N 303 
THR CG2 HG23 sing N N 304 
THR OXT HXT  sing N N 305 
TRP N   CA   sing N N 306 
TRP N   H    sing N N 307 
TRP N   H2   sing N N 308 
TRP CA  C    sing N N 309 
TRP CA  CB   sing N N 310 
TRP CA  HA   sing N N 311 
TRP C   O    doub N N 312 
TRP C   OXT  sing N N 313 
TRP CB  CG   sing N N 314 
TRP CB  HB2  sing N N 315 
TRP CB  HB3  sing N N 316 
TRP CG  CD1  doub Y N 317 
TRP CG  CD2  sing Y N 318 
TRP CD1 NE1  sing Y N 319 
TRP CD1 HD1  sing N N 320 
TRP CD2 CE2  doub Y N 321 
TRP CD2 CE3  sing Y N 322 
TRP NE1 CE2  sing Y N 323 
TRP NE1 HE1  sing N N 324 
TRP CE2 CZ2  sing Y N 325 
TRP CE3 CZ3  doub Y N 326 
TRP CE3 HE3  sing N N 327 
TRP CZ2 CH2  doub Y N 328 
TRP CZ2 HZ2  sing N N 329 
TRP CZ3 CH2  sing Y N 330 
TRP CZ3 HZ3  sing N N 331 
TRP CH2 HH2  sing N N 332 
TRP OXT HXT  sing N N 333 
TYR N   CA   sing N N 334 
TYR N   H    sing N N 335 
TYR N   H2   sing N N 336 
TYR CA  C    sing N N 337 
TYR CA  CB   sing N N 338 
TYR CA  HA   sing N N 339 
TYR C   O    doub N N 340 
TYR C   OXT  sing N N 341 
TYR CB  CG   sing N N 342 
TYR CB  HB2  sing N N 343 
TYR CB  HB3  sing N N 344 
TYR CG  CD1  doub Y N 345 
TYR CG  CD2  sing Y N 346 
TYR CD1 CE1  sing Y N 347 
TYR CD1 HD1  sing N N 348 
TYR CD2 CE2  doub Y N 349 
TYR CD2 HD2  sing N N 350 
TYR CE1 CZ   doub Y N 351 
TYR CE1 HE1  sing N N 352 
TYR CE2 CZ   sing Y N 353 
TYR CE2 HE2  sing N N 354 
TYR CZ  OH   sing N N 355 
TYR OH  HH   sing N N 356 
TYR OXT HXT  sing N N 357 
VAL N   CA   sing N N 358 
VAL N   H    sing N N 359 
VAL N   H2   sing N N 360 
VAL CA  C    sing N N 361 
VAL CA  CB   sing N N 362 
VAL CA  HA   sing N N 363 
VAL C   O    doub N N 364 
VAL C   OXT  sing N N 365 
VAL CB  CG1  sing N N 366 
VAL CB  CG2  sing N N 367 
VAL CB  HB   sing N N 368 
VAL CG1 HG11 sing N N 369 
VAL CG1 HG12 sing N N 370 
VAL CG1 HG13 sing N N 371 
VAL CG2 HG21 sing N N 372 
VAL CG2 HG22 sing N N 373 
VAL CG2 HG23 sing N N 374 
VAL OXT HXT  sing N N 375 
# 
loop_
_pdbx_audit_support.funding_organization 
_pdbx_audit_support.country 
_pdbx_audit_support.grant_number 
_pdbx_audit_support.ordinal 
'National Natural Science Foundation of China (NSFC)' China 31725007 1 
'National Natural Science Foundation of China (NSFC)' China 31922036 2 
'National Natural Science Foundation of China (NSFC)' China 32130063 3 
'National Natural Science Foundation of China (NSFC)' China 31770784 4 
# 
_pdbx_initial_refinement_model.accession_code   ? 
_pdbx_initial_refinement_model.details          AlphaFold2 
_pdbx_initial_refinement_model.entity_id_list   1 
_pdbx_initial_refinement_model.id               1 
_pdbx_initial_refinement_model.source_name      AlphaFold 
_pdbx_initial_refinement_model.type             'in silico model' 
# 
_atom_sites.entry_id                    7XC5 
_atom_sites.Cartn_transf_matrix[1][1]   ? 
_atom_sites.Cartn_transf_matrix[1][2]   ? 
_atom_sites.Cartn_transf_matrix[1][3]   ? 
_atom_sites.Cartn_transf_matrix[2][1]   ? 
_atom_sites.Cartn_transf_matrix[2][2]   ? 
_atom_sites.Cartn_transf_matrix[2][3]   ? 
_atom_sites.Cartn_transf_matrix[3][1]   ? 
_atom_sites.Cartn_transf_matrix[3][2]   ? 
_atom_sites.Cartn_transf_matrix[3][3]   ? 
_atom_sites.Cartn_transf_vector[1]      ? 
_atom_sites.Cartn_transf_vector[2]      ? 
_atom_sites.Cartn_transf_vector[3]      ? 
_atom_sites.fract_transf_matrix[1][1]   0.00668300 
_atom_sites.fract_transf_matrix[1][2]   0.00906182 
_atom_sites.fract_transf_matrix[1][3]   -0.00364072 
_atom_sites.fract_transf_matrix[2][1]   -0.01101187 
_atom_sites.fract_transf_matrix[2][2]   0.00935770 
_atom_sites.fract_transf_matrix[2][3]   0.00307779 
_atom_sites.fract_transf_matrix[3][1]   0.01639952 
_atom_sites.fract_transf_matrix[3][2]   0.01006760 
_atom_sites.fract_transf_matrix[3][3]   0.02806550 
_atom_sites.fract_transf_vector[1]      0.227154 
_atom_sites.fract_transf_vector[2]      0.009727 
_atom_sites.fract_transf_vector[3]      0.078188 
_atom_sites.solution_primary            ? 
_atom_sites.solution_secondary          ? 
_atom_sites.solution_hydrogens          ? 
_atom_sites.special_details             ? 
# 
loop_
_atom_type.symbol 
C 
N 
O 
S 
# 
loop_
_atom_site.group_PDB 
_atom_site.id 
_atom_site.type_symbol 
_atom_site.label_atom_id 
_atom_site.label_alt_id 
_atom_site.label_comp_id 
_atom_site.label_asym_id 
_atom_site.label_entity_id 
_atom_site.label_seq_id 
_atom_site.pdbx_PDB_ins_code 
_atom_site.Cartn_x 
_atom_site.Cartn_y 
_atom_site.Cartn_z 
_atom_site.occupancy 
_atom_site.B_iso_or_equiv 
_atom_site.pdbx_formal_charge 
_atom_site.auth_seq_id 
_atom_site.auth_comp_id 
_atom_site.auth_asym_id 
_atom_site.auth_atom_id 
_atom_site.pdbx_PDB_model_num 
ATOM   1    N N   . SER A 1 33  ? 7.756   17.594  2.572   1.00 58.80  ? 132 SER A N   1 
ATOM   2    C CA  . SER A 1 33  ? 9.151   17.835  2.919   1.00 72.65  ? 132 SER A CA  1 
ATOM   3    C C   . SER A 1 33  ? 9.661   16.739  3.845   1.00 76.17  ? 132 SER A C   1 
ATOM   4    O O   . SER A 1 33  ? 9.450   15.551  3.594   1.00 62.62  ? 132 SER A O   1 
ATOM   5    C CB  . SER A 1 33  ? 9.312   19.202  3.589   1.00 86.45  ? 132 SER A CB  1 
ATOM   6    O OG  . SER A 1 33  ? 8.209   19.490  4.431   1.00 84.35  ? 132 SER A OG  1 
ATOM   7    N N   . ASN A 1 34  ? 10.344  17.149  4.917   1.00 67.17  ? 133 ASN A N   1 
ATOM   8    C CA  . ASN A 1 34  ? 10.668  16.205  5.981   1.00 63.19  ? 133 ASN A CA  1 
ATOM   9    C C   . ASN A 1 34  ? 9.407   15.718  6.678   1.00 55.05  ? 133 ASN A C   1 
ATOM   10   O O   . ASN A 1 34  ? 9.381   14.601  7.208   1.00 62.69  ? 133 ASN A O   1 
ATOM   11   C CB  . ASN A 1 34  ? 11.615  16.849  6.995   1.00 64.54  ? 133 ASN A CB  1 
ATOM   12   C CG  . ASN A 1 34  ? 12.811  17.506  6.340   1.00 80.06  ? 133 ASN A CG  1 
ATOM   13   O OD1 . ASN A 1 34  ? 12.687  18.550  5.700   1.00 80.40  ? 133 ASN A OD1 1 
ATOM   14   N ND2 . ASN A 1 34  ? 13.983  16.899  6.501   1.00 82.57  ? 133 ASN A ND2 1 
ATOM   15   N N   . LYS A 1 35  ? 8.354   16.540  6.684   1.00 55.34  ? 134 LYS A N   1 
ATOM   16   C CA  . LYS A 1 35  ? 7.090   16.134  7.287   1.00 55.91  ? 134 LYS A CA  1 
ATOM   17   C C   . LYS A 1 35  ? 6.418   15.024  6.488   1.00 46.61  ? 134 LYS A C   1 
ATOM   18   O O   . LYS A 1 35  ? 5.713   14.189  7.064   1.00 43.04  ? 134 LYS A O   1 
ATOM   19   C CB  . LYS A 1 35  ? 6.166   17.343  7.420   1.00 56.09  ? 134 LYS A CB  1 
ATOM   20   C CG  . LYS A 1 35  ? 6.865   18.594  7.945   1.00 84.97  ? 134 LYS A CG  1 
ATOM   21   C CD  . LYS A 1 35  ? 7.510   18.341  9.307   1.00 78.56  ? 134 LYS A CD  1 
ATOM   22   C CE  . LYS A 1 35  ? 8.548   19.404  9.653   1.00 79.45  ? 134 LYS A CE  1 
ATOM   23   N NZ  . LYS A 1 35  ? 8.991   20.179  8.460   1.00 77.39  ? 134 LYS A NZ  1 
ATOM   24   N N   . ASP A 1 36  ? 6.620   14.998  5.169   1.00 50.55  ? 135 ASP A N   1 
ATOM   25   C CA  . ASP A 1 36  ? 6.125   13.880  4.375   1.00 52.84  ? 135 ASP A CA  1 
ATOM   26   C C   . ASP A 1 36  ? 6.909   12.607  4.673   1.00 47.00  ? 135 ASP A C   1 
ATOM   27   O O   . ASP A 1 36  ? 6.335   11.512  4.712   1.00 47.16  ? 135 ASP A O   1 
ATOM   28   C CB  . ASP A 1 36  ? 6.197   14.217  2.884   1.00 56.60  ? 135 ASP A CB  1 
ATOM   29   C CG  . ASP A 1 36  ? 5.083   15.149  2.443   1.00 65.21  ? 135 ASP A CG  1 
ATOM   30   O OD1 . ASP A 1 36  ? 4.060   15.244  3.155   1.00 60.41  ? 135 ASP A OD1 1 
ATOM   31   O OD2 . ASP A 1 36  ? 5.227   15.779  1.373   1.00 67.76  ? 135 ASP A OD2 1 
ATOM   32   N N   . ALA A 1 37  ? 8.222   12.729  4.884   1.00 43.06  ? 136 ALA A N   1 
ATOM   33   C CA  . ALA A 1 37  ? 9.017   11.568  5.267   1.00 43.90  ? 136 ALA A CA  1 
ATOM   34   C C   . ALA A 1 37  ? 8.666   11.101  6.675   1.00 42.86  ? 136 ALA A C   1 
ATOM   35   O O   . ALA A 1 37  ? 8.665   9.896   6.953   1.00 49.18  ? 136 ALA A O   1 
ATOM   36   C CB  . ALA A 1 37  ? 10.506  11.894  5.165   1.00 51.59  ? 136 ALA A CB  1 
ATOM   37   N N   . ALA A 1 38  ? 8.365   12.041  7.575   1.00 46.05  ? 137 ALA A N   1 
ATOM   38   C CA  . ALA A 1 38  ? 7.940   11.667  8.920   1.00 44.66  ? 137 ALA A CA  1 
ATOM   39   C C   . ALA A 1 38  ? 6.601   10.940  8.890   1.00 41.67  ? 137 ALA A C   1 
ATOM   40   O O   . ALA A 1 38  ? 6.366   10.020  9.684   1.00 40.66  ? 137 ALA A O   1 
ATOM   41   C CB  . ALA A 1 38  ? 7.860   12.907  9.810   1.00 39.22  ? 137 ALA A CB  1 
ATOM   42   N N   . LEU A 1 39  ? 5.709   11.345  7.984   1.00 39.65  ? 138 LEU A N   1 
ATOM   43   C CA  . LEU A 1 39  ? 4.434   10.650  7.832   1.00 39.44  ? 138 LEU A CA  1 
ATOM   44   C C   . LEU A 1 39  ? 4.650   9.183   7.478   1.00 33.51  ? 138 LEU A C   1 
ATOM   45   O O   . LEU A 1 39  ? 4.034   8.289   8.070   1.00 38.05  ? 138 LEU A O   1 
ATOM   46   C CB  . LEU A 1 39  ? 3.587   11.334  6.762   1.00 40.97  ? 138 LEU A CB  1 
ATOM   47   C CG  . LEU A 1 39  ? 2.182   10.752  6.602   1.00 38.01  ? 138 LEU A CG  1 
ATOM   48   C CD1 . LEU A 1 39  ? 1.439   10.816  7.931   1.00 39.54  ? 138 LEU A CD1 1 
ATOM   49   C CD2 . LEU A 1 39  ? 1.407   11.469  5.508   1.00 44.88  ? 138 LEU A CD2 1 
ATOM   50   N N   . LEU A 1 40  ? 5.532   8.920   6.513   1.00 29.62  ? 139 LEU A N   1 
ATOM   51   C CA  . LEU A 1 40  ? 5.766   7.549   6.071   1.00 35.56  ? 139 LEU A CA  1 
ATOM   52   C C   . LEU A 1 40  ? 6.386   6.708   7.181   1.00 42.63  ? 139 LEU A C   1 
ATOM   53   O O   . LEU A 1 40  ? 6.004   5.547   7.379   1.00 37.02  ? 139 LEU A O   1 
ATOM   54   C CB  . LEU A 1 40  ? 6.653   7.547   4.826   1.00 40.15  ? 139 LEU A CB  1 
ATOM   55   C CG  . LEU A 1 40  ? 5.985   7.705   3.453   1.00 38.37  ? 139 LEU A CG  1 
ATOM   56   C CD1 . LEU A 1 40  ? 4.893   8.763   3.450   1.00 49.57  ? 139 LEU A CD1 1 
ATOM   57   C CD2 . LEU A 1 40  ? 7.034   8.048   2.422   1.00 44.85  ? 139 LEU A CD2 1 
ATOM   58   N N   . GLU A 1 41  ? 7.340   7.276   7.921   1.00 33.55  ? 140 GLU A N   1 
ATOM   59   C CA  . GLU A 1 41  ? 7.946   6.536   9.024   1.00 42.89  ? 140 GLU A CA  1 
ATOM   60   C C   . GLU A 1 41  ? 6.921   6.216   10.105  1.00 46.75  ? 140 GLU A C   1 
ATOM   61   O O   . GLU A 1 41  ? 6.905   5.105   10.646  1.00 41.33  ? 140 GLU A O   1 
ATOM   62   C CB  . GLU A 1 41  ? 9.116   7.323   9.613   1.00 40.17  ? 140 GLU A CB  1 
ATOM   63   C CG  . GLU A 1 41  ? 10.469  6.629   9.474   1.00 74.49  ? 140 GLU A CG  1 
ATOM   64   C CD  . GLU A 1 41  ? 10.675  5.498   10.475  1.00 90.31  ? 140 GLU A CD  1 
ATOM   65   O OE1 . GLU A 1 41  ? 9.692   5.034   11.091  1.00 77.69  ? 140 GLU A OE1 1 
ATOM   66   O OE2 . GLU A 1 41  ? 11.836  5.068   10.645  1.00 97.57  ? 140 GLU A OE2 1 
ATOM   67   N N   . ALA A 1 42  ? 6.055   7.180   10.431  1.00 39.01  ? 141 ALA A N   1 
ATOM   68   C CA  . ALA A 1 42  ? 5.003   6.922   11.408  1.00 34.06  ? 141 ALA A CA  1 
ATOM   69   C C   . ALA A 1 42  ? 3.990   5.910   10.888  1.00 36.81  ? 141 ALA A C   1 
ATOM   70   O O   . ALA A 1 42  ? 3.457   5.112   11.667  1.00 36.53  ? 141 ALA A O   1 
ATOM   71   C CB  . ALA A 1 42  ? 4.309   8.230   11.790  1.00 38.95  ? 141 ALA A CB  1 
ATOM   72   N N   . ALA A 1 43  ? 3.712   5.926   9.582   1.00 37.04  ? 142 ALA A N   1 
ATOM   73   C CA  . ALA A 1 43  ? 2.824   4.925   9.001   1.00 34.03  ? 142 ALA A CA  1 
ATOM   74   C C   . ALA A 1 43  ? 3.408   3.523   9.138   1.00 29.93  ? 142 ALA A C   1 
ATOM   75   O O   . ALA A 1 43  ? 2.690   2.573   9.470   1.00 34.12  ? 142 ALA A O   1 
ATOM   76   C CB  . ALA A 1 43  ? 2.551   5.255   7.534   1.00 28.15  ? 142 ALA A CB  1 
ATOM   77   N N   . ARG A 1 44  ? 4.712   3.373   8.887   1.00 32.56  ? 143 ARG A N   1 
ATOM   78   C CA  . ARG A 1 44  ? 5.359   2.079   9.094   1.00 31.68  ? 143 ARG A CA  1 
ATOM   79   C C   . ARG A 1 44  ? 5.302   1.658   10.558  1.00 35.90  ? 143 ARG A C   1 
ATOM   80   O O   . ARG A 1 44  ? 5.145   0.469   10.864  1.00 37.03  ? 143 ARG A O   1 
ATOM   81   C CB  . ARG A 1 44  ? 6.810   2.127   8.615   1.00 28.97  ? 143 ARG A CB  1 
ATOM   82   C CG  . ARG A 1 44  ? 7.306   0.804   8.055   1.00 42.46  ? 143 ARG A CG  1 
ATOM   83   C CD  . ARG A 1 44  ? 8.749   0.874   7.569   1.00 43.74  ? 143 ARG A CD  1 
ATOM   84   N NE  . ARG A 1 44  ? 9.630   1.603   8.473   1.00 54.04  ? 143 ARG A NE  1 
ATOM   85   C CZ  . ARG A 1 44  ? 10.374  1.035   9.413   1.00 67.47  ? 143 ARG A CZ  1 
ATOM   86   N NH1 . ARG A 1 44  ? 10.350  -0.273  9.622   1.00 54.64  ? 143 ARG A NH1 1 
ATOM   87   N NH2 . ARG A 1 44  ? 11.167  1.797   10.162  1.00 54.44  ? 143 ARG A NH2 1 
ATOM   88   N N   . ALA A 1 45  ? 5.425   2.614   11.476  1.00 32.57  ? 144 ALA A N   1 
ATOM   89   C CA  . ALA A 1 45  ? 5.472   2.308   12.900  1.00 36.04  ? 144 ALA A CA  1 
ATOM   90   C C   . ALA A 1 45  ? 4.096   2.091   13.519  1.00 36.96  ? 144 ALA A C   1 
ATOM   91   O O   . ALA A 1 45  ? 4.022   1.706   14.689  1.00 34.30  ? 144 ALA A O   1 
ATOM   92   C CB  . ALA A 1 45  ? 6.200   3.428   13.648  1.00 26.21  ? 144 ALA A CB  1 
ATOM   93   N N   . ASN A 1 46  ? 3.016   2.315   12.764  1.00 36.43  ? 145 ASN A N   1 
ATOM   94   C CA  . ASN A 1 46  ? 1.650   2.214   13.283  1.00 32.99  ? 145 ASN A CA  1 
ATOM   95   C C   . ASN A 1 46  ? 1.423   3.211   14.417  1.00 33.40  ? 145 ASN A C   1 
ATOM   96   O O   . ASN A 1 46  ? 0.696   2.942   15.375  1.00 38.57  ? 145 ASN A O   1 
ATOM   97   C CB  . ASN A 1 46  ? 1.321   0.785   13.729  1.00 31.90  ? 145 ASN A CB  1 
ATOM   98   C CG  . ASN A 1 46  ? -0.171  0.508   13.750  1.00 41.84  ? 145 ASN A CG  1 
ATOM   99   O OD1 . ASN A 1 46  ? -0.939  1.101   12.987  1.00 40.49  ? 145 ASN A OD1 1 
ATOM   100  N ND2 . ASN A 1 46  ? -0.588  -0.410  14.614  1.00 31.54  ? 145 ASN A ND2 1 
ATOM   101  N N   . ASN A 1 47  ? 2.054   4.381   14.301  1.00 35.73  ? 146 ASN A N   1 
ATOM   102  C CA  . ASN A 1 47  ? 1.942   5.448   15.295  1.00 33.75  ? 146 ASN A CA  1 
ATOM   103  C C   . ASN A 1 47  ? 0.808   6.381   14.875  1.00 35.05  ? 146 ASN A C   1 
ATOM   104  O O   . ASN A 1 47  ? 1.015   7.433   14.269  1.00 40.16  ? 146 ASN A O   1 
ATOM   105  C CB  . ASN A 1 47  ? 3.269   6.189   15.419  1.00 34.86  ? 146 ASN A CB  1 
ATOM   106  C CG  . ASN A 1 47  ? 3.334   7.104   16.634  1.00 39.34  ? 146 ASN A CG  1 
ATOM   107  O OD1 . ASN A 1 47  ? 4.410   7.583   16.996  1.00 51.01  ? 146 ASN A OD1 1 
ATOM   108  N ND2 . ASN A 1 47  ? 2.194   7.350   17.264  1.00 35.45  ? 146 ASN A ND2 1 
ATOM   109  N N   . MET A 1 48  ? -0.422  5.988   15.225  1.00 33.64  ? 147 MET A N   1 
ATOM   110  C CA  . MET A 1 48  ? -1.587  6.754   14.782  1.00 42.34  ? 147 MET A CA  1 
ATOM   111  C C   . MET A 1 48  ? -1.545  8.180   15.316  1.00 40.67  ? 147 MET A C   1 
ATOM   112  O O   . MET A 1 48  ? -1.883  9.131   14.601  1.00 34.98  ? 147 MET A O   1 
ATOM   113  C CB  . MET A 1 48  ? -2.882  6.073   15.226  1.00 40.10  ? 147 MET A CB  1 
ATOM   114  C CG  . MET A 1 48  ? -2.940  5.743   16.707  1.00 53.10  ? 147 MET A CG  1 
ATOM   115  S SD  . MET A 1 48  ? -4.469  4.909   17.176  1.00 81.19  ? 147 MET A SD  1 
ATOM   116  C CE  . MET A 1 48  ? -5.592  6.303   17.240  1.00 57.13  ? 147 MET A CE  1 
ATOM   117  N N   . GLN A 1 49  ? -1.128  8.342   16.573  1.00 39.87  ? 148 GLN A N   1 
ATOM   118  C CA  . GLN A 1 49  ? -1.039  9.665   17.185  1.00 40.62  ? 148 GLN A CA  1 
ATOM   119  C C   . GLN A 1 49  ? -0.121  10.584  16.385  1.00 40.80  ? 148 GLN A C   1 
ATOM   120  O O   . GLN A 1 49  ? -0.444  11.754  16.147  1.00 34.88  ? 148 GLN A O   1 
ATOM   121  C CB  . GLN A 1 49  ? -0.551  9.516   18.630  1.00 41.49  ? 148 GLN A CB  1 
ATOM   122  C CG  . GLN A 1 49  ? 0.399   10.593  19.127  1.00 63.50  ? 148 GLN A CG  1 
ATOM   123  C CD  . GLN A 1 49  ? 1.070   10.212  20.444  1.00 69.52  ? 148 GLN A CD  1 
ATOM   124  O OE1 . GLN A 1 49  ? 0.411   9.785   21.395  1.00 59.04  ? 148 GLN A OE1 1 
ATOM   125  N NE2 . GLN A 1 49  ? 2.394   10.344  20.492  1.00 56.84  ? 148 GLN A NE2 1 
ATOM   126  N N   . GLU A 1 50  ? 1.025   10.062  15.943  1.00 32.15  ? 149 GLU A N   1 
ATOM   127  C CA  . GLU A 1 50  ? 1.960   10.876  15.172  1.00 37.28  ? 149 GLU A CA  1 
ATOM   128  C C   . GLU A 1 50  ? 1.441   11.140  13.763  1.00 40.98  ? 149 GLU A C   1 
ATOM   129  O O   . GLU A 1 50  ? 1.646   12.232  13.215  1.00 35.00  ? 149 GLU A O   1 
ATOM   130  C CB  . GLU A 1 50  ? 3.329   10.193  15.120  1.00 44.72  ? 149 GLU A CB  1 
ATOM   131  C CG  . GLU A 1 50  ? 4.405   10.951  14.348  1.00 61.21  ? 149 GLU A CG  1 
ATOM   132  C CD  . GLU A 1 50  ? 4.834   12.259  14.996  1.00 71.92  ? 149 GLU A CD  1 
ATOM   133  O OE1 . GLU A 1 50  ? 4.315   12.619  16.077  1.00 62.56  ? 149 GLU A OE1 1 
ATOM   134  O OE2 . GLU A 1 50  ? 5.688   12.951  14.401  1.00 63.18  ? 149 GLU A OE2 1 
ATOM   135  N N   . VAL A 1 51  ? 0.779   10.152  13.156  1.00 37.92  ? 150 VAL A N   1 
ATOM   136  C CA  . VAL A 1 51  ? 0.221   10.338  11.818  1.00 36.46  ? 150 VAL A CA  1 
ATOM   137  C C   . VAL A 1 51  ? -0.824  11.447  11.834  1.00 35.91  ? 150 VAL A C   1 
ATOM   138  O O   . VAL A 1 51  ? -0.833  12.330  10.968  1.00 42.76  ? 150 VAL A O   1 
ATOM   139  C CB  . VAL A 1 51  ? -0.366  9.015   11.290  1.00 36.39  ? 150 VAL A CB  1 
ATOM   140  C CG1 . VAL A 1 51  ? -1.234  9.259   10.050  1.00 33.38  ? 150 VAL A CG1 1 
ATOM   141  C CG2 . VAL A 1 51  ? 0.745   8.024   10.980  1.00 34.96  ? 150 VAL A CG2 1 
ATOM   142  N N   . SER A 1 52  ? -1.705  11.430  12.837  1.00 37.39  ? 151 SER A N   1 
ATOM   143  C CA  . SER A 1 52  ? -2.748  12.448  12.928  1.00 40.04  ? 151 SER A CA  1 
ATOM   144  C C   . SER A 1 52  ? -2.156  13.835  13.148  1.00 42.99  ? 151 SER A C   1 
ATOM   145  O O   . SER A 1 52  ? -2.658  14.823  12.600  1.00 44.26  ? 151 SER A O   1 
ATOM   146  C CB  . SER A 1 52  ? -3.726  12.095  14.049  1.00 46.54  ? 151 SER A CB  1 
ATOM   147  O OG  . SER A 1 52  ? -4.230  10.780  13.887  1.00 46.13  ? 151 SER A OG  1 
ATOM   148  N N   . ARG A 1 53  ? -1.087  13.933  13.945  1.00 37.59  ? 152 ARG A N   1 
ATOM   149  C CA  . ARG A 1 53  ? -0.468  15.236  14.171  1.00 40.98  ? 152 ARG A CA  1 
ATOM   150  C C   . ARG A 1 53  ? 0.162   15.773  12.892  1.00 42.35  ? 152 ARG A C   1 
ATOM   151  O O   . ARG A 1 53  ? -0.046  16.936  12.525  1.00 42.30  ? 152 ARG A O   1 
ATOM   152  C CB  . ARG A 1 53  ? 0.579   15.156  15.282  1.00 42.21  ? 152 ARG A CB  1 
ATOM   153  C CG  . ARG A 1 53  ? 1.153   16.523  15.638  1.00 44.95  ? 152 ARG A CG  1 
ATOM   154  C CD  . ARG A 1 53  ? 2.499   16.453  16.347  1.00 54.63  ? 152 ARG A CD  1 
ATOM   155  N NE  . ARG A 1 53  ? 3.566   17.036  15.541  1.00 56.25  ? 152 ARG A NE  1 
ATOM   156  C CZ  . ARG A 1 53  ? 4.632   16.371  15.117  1.00 55.50  ? 152 ARG A CZ  1 
ATOM   157  N NH1 . ARG A 1 53  ? 4.839   15.115  15.459  1.00 65.55  ? 152 ARG A NH1 1 
ATOM   158  N NH2 . ARG A 1 53  ? 5.519   16.989  14.342  1.00 56.61  ? 152 ARG A NH2 1 
ATOM   159  N N   . LEU A 1 54  ? 0.945   14.939  12.200  1.00 35.90  ? 153 LEU A N   1 
ATOM   160  C CA  . LEU A 1 54  ? 1.579   15.377  10.962  1.00 44.14  ? 153 LEU A CA  1 
ATOM   161  C C   . LEU A 1 54  ? 0.538   15.770  9.920   1.00 41.89  ? 153 LEU A C   1 
ATOM   162  O O   . LEU A 1 54  ? 0.728   16.743  9.180   1.00 37.62  ? 153 LEU A O   1 
ATOM   163  C CB  . LEU A 1 54  ? 2.495   14.278  10.424  1.00 39.24  ? 153 LEU A CB  1 
ATOM   164  C CG  . LEU A 1 54  ? 3.756   14.025  11.254  1.00 42.16  ? 153 LEU A CG  1 
ATOM   165  C CD1 . LEU A 1 54  ? 4.331   12.653  10.950  1.00 46.02  ? 153 LEU A CD1 1 
ATOM   166  C CD2 . LEU A 1 54  ? 4.789   15.116  11.011  1.00 43.24  ? 153 LEU A CD2 1 
ATOM   167  N N   . LEU A 1 55  ? -0.575  15.033  9.856   1.00 36.20  ? 154 LEU A N   1 
ATOM   168  C CA  . LEU A 1 55  ? -1.653  15.407  8.946   1.00 40.75  ? 154 LEU A CA  1 
ATOM   169  C C   . LEU A 1 55  ? -2.249  16.755  9.328   1.00 45.07  ? 154 LEU A C   1 
ATOM   170  O O   . LEU A 1 55  ? -2.588  17.563  8.455   1.00 45.12  ? 154 LEU A O   1 
ATOM   171  C CB  . LEU A 1 55  ? -2.734  14.326  8.932   1.00 41.43  ? 154 LEU A CB  1 
ATOM   172  C CG  . LEU A 1 55  ? -2.378  13.011  8.230   1.00 46.08  ? 154 LEU A CG  1 
ATOM   173  C CD1 . LEU A 1 55  ? -3.488  11.986  8.403   1.00 33.25  ? 154 LEU A CD1 1 
ATOM   174  C CD2 . LEU A 1 55  ? -2.084  13.247  6.756   1.00 38.09  ? 154 LEU A CD2 1 
ATOM   175  N N   . SER A 1 56  ? -2.377  17.022  10.630  1.00 44.81  ? 155 SER A N   1 
ATOM   176  C CA  . SER A 1 56  ? -2.893  18.310  11.073  1.00 43.29  ? 155 SER A CA  1 
ATOM   177  C C   . SER A 1 56  ? -1.923  19.449  10.790  1.00 39.20  ? 155 SER A C   1 
ATOM   178  O O   . SER A 1 56  ? -2.355  20.603  10.690  1.00 52.42  ? 155 SER A O   1 
ATOM   179  C CB  . SER A 1 56  ? -3.220  18.261  12.566  1.00 46.97  ? 155 SER A CB  1 
ATOM   180  O OG  . SER A 1 56  ? -4.563  17.867  12.772  1.00 66.27  ? 155 SER A OG  1 
ATOM   181  N N   . GLU A 1 57  ? -0.632  19.155  10.657  1.00 51.04  ? 156 GLU A N   1 
ATOM   182  C CA  . GLU A 1 57  ? 0.371   20.161  10.333  1.00 49.32  ? 156 GLU A CA  1 
ATOM   183  C C   . GLU A 1 57  ? 0.564   20.337  8.832   1.00 52.38  ? 156 GLU A C   1 
ATOM   184  O O   . GLU A 1 57  ? 1.483   21.054  8.418   1.00 52.54  ? 156 GLU A O   1 
ATOM   185  C CB  . GLU A 1 57  ? 1.707   19.812  10.995  1.00 47.93  ? 156 GLU A CB  1 
ATOM   186  C CG  . GLU A 1 57  ? 1.789   20.207  12.463  1.00 64.26  ? 156 GLU A CG  1 
ATOM   187  C CD  . GLU A 1 57  ? 2.839   19.422  13.227  1.00 71.92  ? 156 GLU A CD  1 
ATOM   188  O OE1 . GLU A 1 57  ? 2.727   19.328  14.468  1.00 84.70  ? 156 GLU A OE1 1 
ATOM   189  O OE2 . GLU A 1 57  ? 3.778   18.901  12.586  1.00 74.26  ? 156 GLU A OE2 1 
ATOM   190  N N   . GLY A 1 58  ? -0.267  19.701  8.016   1.00 45.56  ? 157 GLY A N   1 
ATOM   191  C CA  . GLY A 1 58  ? -0.239  19.900  6.584   1.00 46.34  ? 157 GLY A CA  1 
ATOM   192  C C   . GLY A 1 58  ? 0.515   18.867  5.776   1.00 50.79  ? 157 GLY A C   1 
ATOM   193  O O   . GLY A 1 58  ? 0.827   19.137  4.611   1.00 52.23  ? 157 GLY A O   1 
ATOM   194  N N   . ALA A 1 59  ? 0.821   17.705  6.347   1.00 43.10  ? 158 ALA A N   1 
ATOM   195  C CA  . ALA A 1 59  ? 1.495   16.664  5.583   1.00 44.94  ? 158 ALA A CA  1 
ATOM   196  C C   . ALA A 1 59  ? 0.565   16.109  4.512   1.00 38.79  ? 158 ALA A C   1 
ATOM   197  O O   . ALA A 1 59  ? -0.639  15.947  4.731   1.00 45.59  ? 158 ALA A O   1 
ATOM   198  C CB  . ALA A 1 59  ? 1.967   15.541  6.505   1.00 40.85  ? 158 ALA A CB  1 
ATOM   199  N N   . ASP A 1 60  ? 1.133   15.825  3.341   1.00 48.84  ? 159 ASP A N   1 
ATOM   200  C CA  . ASP A 1 60  ? 0.352   15.304  2.226   1.00 35.35  ? 159 ASP A CA  1 
ATOM   201  C C   . ASP A 1 60  ? -0.063  13.866  2.524   1.00 46.44  ? 159 ASP A C   1 
ATOM   202  O O   . ASP A 1 60  ? 0.790   12.981  2.645   1.00 44.39  ? 159 ASP A O   1 
ATOM   203  C CB  . ASP A 1 60  ? 1.171   15.382  0.939   1.00 56.64  ? 159 ASP A CB  1 
ATOM   204  C CG  . ASP A 1 60  ? 0.356   15.058  -0.306  1.00 52.96  ? 159 ASP A CG  1 
ATOM   205  O OD1 . ASP A 1 60  ? -0.825  14.673  -0.177  1.00 46.90  ? 159 ASP A OD1 1 
ATOM   206  O OD2 . ASP A 1 60  ? 0.904   15.191  -1.420  1.00 59.36  ? 159 ASP A OD2 1 
ATOM   207  N N   . VAL A 1 61  ? -1.374  13.635  2.640   1.00 38.13  ? 160 VAL A N   1 
ATOM   208  C CA  . VAL A 1 61  ? -1.882  12.307  2.971   1.00 36.57  ? 160 VAL A CA  1 
ATOM   209  C C   . VAL A 1 61  ? -1.537  11.288  1.892   1.00 43.07  ? 160 VAL A C   1 
ATOM   210  O O   . VAL A 1 61  ? -1.521  10.081  2.161   1.00 38.11  ? 160 VAL A O   1 
ATOM   211  C CB  . VAL A 1 61  ? -3.408  12.371  3.210   1.00 40.06  ? 160 VAL A CB  1 
ATOM   212  C CG1 . VAL A 1 61  ? -4.144  12.703  1.917   1.00 36.51  ? 160 VAL A CG1 1 
ATOM   213  C CG2 . VAL A 1 61  ? -3.922  11.074  3.827   1.00 30.78  ? 160 VAL A CG2 1 
ATOM   214  N N   . ASN A 1 62  ? -1.244  11.743  0.674   1.00 34.82  ? 161 ASN A N   1 
ATOM   215  C CA  . ASN A 1 62  ? -0.845  10.864  -0.419  1.00 43.48  ? 161 ASN A CA  1 
ATOM   216  C C   . ASN A 1 62  ? 0.637   10.994  -0.757  1.00 39.18  ? 161 ASN A C   1 
ATOM   217  O O   . ASN A 1 62  ? 1.038   10.689  -1.885  1.00 53.23  ? 161 ASN A O   1 
ATOM   218  C CB  . ASN A 1 62  ? -1.694  11.145  -1.659  1.00 37.13  ? 161 ASN A CB  1 
ATOM   219  C CG  . ASN A 1 62  ? -3.171  10.896  -1.426  1.00 40.52  ? 161 ASN A CG  1 
ATOM   220  O OD1 . ASN A 1 62  ? -3.576  9.801   -1.036  1.00 36.53  ? 161 ASN A OD1 1 
ATOM   221  N ND2 . ASN A 1 62  ? -3.989  11.913  -1.675  1.00 48.79  ? 161 ASN A ND2 1 
ATOM   222  N N   . ALA A 1 63  ? 1.455   11.441  0.194   1.00 55.15  ? 162 ALA A N   1 
ATOM   223  C CA  . ALA A 1 63  ? 2.879   11.621  -0.067  1.00 54.19  ? 162 ALA A CA  1 
ATOM   224  C C   . ALA A 1 63  ? 3.532   10.295  -0.431  1.00 54.38  ? 162 ALA A C   1 
ATOM   225  O O   . ALA A 1 63  ? 3.179   9.240   0.104   1.00 44.23  ? 162 ALA A O   1 
ATOM   226  C CB  . ALA A 1 63  ? 3.571   12.226  1.153   1.00 51.47  ? 162 ALA A CB  1 
ATOM   227  N N   . LYS A 1 64  ? 4.489   10.352  -1.353  1.00 54.30  ? 163 LYS A N   1 
ATOM   228  C CA  . LYS A 1 64  ? 5.157   9.165   -1.864  1.00 43.62  ? 163 LYS A CA  1 
ATOM   229  C C   . LYS A 1 64  ? 6.632   9.182   -1.487  1.00 45.60  ? 163 LYS A C   1 
ATOM   230  O O   . LYS A 1 64  ? 7.299   10.218  -1.585  1.00 45.37  ? 163 LYS A O   1 
ATOM   231  C CB  . LYS A 1 64  ? 5.018   9.066   -3.387  1.00 51.48  ? 163 LYS A CB  1 
ATOM   232  C CG  . LYS A 1 64  ? 4.354   7.783   -3.881  1.00 57.33  ? 163 LYS A CG  1 
ATOM   233  C CD  . LYS A 1 64  ? 3.999   7.894   -5.359  1.00 48.75  ? 163 LYS A CD  1 
ATOM   234  C CE  . LYS A 1 64  ? 2.872   6.938   -5.765  1.00 54.57  ? 163 LYS A CE  1 
ATOM   235  N NZ  . LYS A 1 64  ? 3.191   5.485   -5.641  1.00 52.36  ? 163 LYS A NZ  1 
ATOM   236  N N   . HIS A 1 65  ? 7.126   8.029   -1.044  1.00 48.09  ? 164 HIS A N   1 
ATOM   237  C CA  . HIS A 1 65  ? 8.551   7.820   -0.846  1.00 42.36  ? 164 HIS A CA  1 
ATOM   238  C C   . HIS A 1 65  ? 9.289   7.988   -2.177  1.00 49.27  ? 164 HIS A C   1 
ATOM   239  O O   . HIS A 1 65  ? 8.735   7.750   -3.255  1.00 44.02  ? 164 HIS A O   1 
ATOM   240  C CB  . HIS A 1 65  ? 8.774   6.422   -0.260  1.00 52.93  ? 164 HIS A CB  1 
ATOM   241  C CG  . HIS A 1 65  ? 10.192  6.122   0.126   1.00 48.59  ? 164 HIS A CG  1 
ATOM   242  N ND1 . HIS A 1 65  ? 11.187  5.886   -0.792  1.00 44.89  ? 164 HIS A ND1 1 
ATOM   243  C CD2 . HIS A 1 65  ? 10.768  6.013   1.349   1.00 37.37  ? 164 HIS A CD2 1 
ATOM   244  C CE1 . HIS A 1 65  ? 12.323  5.644   -0.154  1.00 44.87  ? 164 HIS A CE1 1 
ATOM   245  N NE2 . HIS A 1 65  ? 12.094  5.715   1.141   1.00 45.76  ? 164 HIS A NE2 1 
ATOM   246  N N   . ARG A 1 66  ? 10.555  8.415   -2.096  1.00 47.00  ? 165 ARG A N   1 
ATOM   247  C CA  . ARG A 1 66  ? 11.338  8.622   -3.316  1.00 51.06  ? 165 ARG A CA  1 
ATOM   248  C C   . ARG A 1 66  ? 11.342  7.390   -4.214  1.00 47.01  ? 165 ARG A C   1 
ATOM   249  O O   . ARG A 1 66  ? 11.394  7.514   -5.444  1.00 48.69  ? 165 ARG A O   1 
ATOM   250  C CB  . ARG A 1 66  ? 12.781  9.004   -2.977  1.00 56.82  ? 165 ARG A CB  1 
ATOM   251  C CG  . ARG A 1 66  ? 13.541  9.674   -4.129  1.00 66.29  ? 165 ARG A CG  1 
ATOM   252  C CD  . ARG A 1 66  ? 14.359  8.654   -4.917  1.00 71.87  ? 165 ARG A CD  1 
ATOM   253  N NE  . ARG A 1 66  ? 14.965  9.212   -6.120  1.00 84.45  ? 165 ARG A NE  1 
ATOM   254  C CZ  . ARG A 1 66  ? 14.891  8.666   -7.327  1.00 88.32  ? 165 ARG A CZ  1 
ATOM   255  N NH1 . ARG A 1 66  ? 14.229  7.540   -7.538  1.00 72.87  ? 165 ARG A NH1 1 
ATOM   256  N NH2 . ARG A 1 66  ? 15.507  9.258   -8.346  1.00 84.34  ? 165 ARG A NH2 1 
ATOM   257  N N   . LEU A 1 67  ? 11.292  6.200   -3.623  1.00 43.58  ? 166 LEU A N   1 
ATOM   258  C CA  . LEU A 1 67  ? 11.261  4.954   -4.373  1.00 43.98  ? 166 LEU A CA  1 
ATOM   259  C C   . LEU A 1 67  ? 9.872   4.597   -4.884  1.00 39.56  ? 166 LEU A C   1 
ATOM   260  O O   . LEU A 1 67  ? 9.753   3.672   -5.693  1.00 49.68  ? 166 LEU A O   1 
ATOM   261  C CB  . LEU A 1 67  ? 11.802  3.823   -3.503  1.00 47.38  ? 166 LEU A CB  1 
ATOM   262  C CG  . LEU A 1 67  ? 13.301  3.905   -3.222  1.00 50.45  ? 166 LEU A CG  1 
ATOM   263  C CD1 . LEU A 1 67  ? 13.791  2.567   -2.714  1.00 54.42  ? 166 LEU A CD1 1 
ATOM   264  C CD2 . LEU A 1 67  ? 14.057  4.328   -4.466  1.00 50.93  ? 166 LEU A CD2 1 
ATOM   265  N N   . GLY A 1 68  ? 8.823   5.276   -4.417  1.00 34.97  ? 167 GLY A N   1 
ATOM   266  C CA  . GLY A 1 68  ? 7.563   5.244   -5.135  1.00 38.12  ? 167 GLY A CA  1 
ATOM   267  C C   . GLY A 1 68  ? 6.304   4.780   -4.430  1.00 46.69  ? 167 GLY A C   1 
ATOM   268  O O   . GLY A 1 68  ? 5.260   4.661   -5.081  1.00 39.87  ? 167 GLY A O   1 
ATOM   269  N N   . TRP A 1 69  ? 6.355   4.523   -3.126  1.00 40.44  ? 168 TRP A N   1 
ATOM   270  C CA  . TRP A 1 69  ? 5.185   4.048   -2.401  1.00 36.95  ? 168 TRP A CA  1 
ATOM   271  C C   . TRP A 1 69  ? 4.636   5.133   -1.482  1.00 37.38  ? 168 TRP A C   1 
ATOM   272  O O   . TRP A 1 69  ? 5.317   6.111   -1.161  1.00 38.46  ? 168 TRP A O   1 
ATOM   273  C CB  . TRP A 1 69  ? 5.511   2.789   -1.590  1.00 36.07  ? 168 TRP A CB  1 
ATOM   274  C CG  . TRP A 1 69  ? 6.620   2.969   -0.613  1.00 43.72  ? 168 TRP A CG  1 
ATOM   275  C CD1 . TRP A 1 69  ? 6.547   3.569   0.610   1.00 39.39  ? 168 TRP A CD1 1 
ATOM   276  C CD2 . TRP A 1 69  ? 7.975   2.537   -0.768  1.00 41.20  ? 168 TRP A CD2 1 
ATOM   277  N NE1 . TRP A 1 69  ? 7.774   3.539   1.224   1.00 36.16  ? 168 TRP A NE1 1 
ATOM   278  C CE2 . TRP A 1 69  ? 8.669   2.912   0.399   1.00 39.32  ? 168 TRP A CE2 1 
ATOM   279  C CE3 . TRP A 1 69  ? 8.671   1.872   -1.782  1.00 42.52  ? 168 TRP A CE3 1 
ATOM   280  C CZ2 . TRP A 1 69  ? 10.022  2.644   0.581   1.00 40.17  ? 168 TRP A CZ2 1 
ATOM   281  C CZ3 . TRP A 1 69  ? 10.011  1.604   -1.598  1.00 40.79  ? 168 TRP A CZ3 1 
ATOM   282  C CH2 . TRP A 1 69  ? 10.674  1.991   -0.427  1.00 44.53  ? 168 TRP A CH2 1 
ATOM   283  N N   . THR A 1 70  ? 3.386   4.940   -1.055  1.00 27.80  ? 169 THR A N   1 
ATOM   284  C CA  . THR A 1 70  ? 2.669   5.902   -0.231  1.00 31.40  ? 169 THR A CA  1 
ATOM   285  C C   . THR A 1 70  ? 2.633   5.446   1.225   1.00 34.64  ? 169 THR A C   1 
ATOM   286  O O   . THR A 1 70  ? 3.085   4.354   1.581   1.00 34.56  ? 169 THR A O   1 
ATOM   287  C CB  . THR A 1 70  ? 1.242   6.110   -0.747  1.00 38.76  ? 169 THR A CB  1 
ATOM   288  O OG1 . THR A 1 70  ? 0.530   4.865   -0.706  1.00 30.48  ? 169 THR A OG1 1 
ATOM   289  C CG2 . THR A 1 70  ? 1.261   6.635   -2.172  1.00 41.20  ? 169 THR A CG2 1 
ATOM   290  N N   . ALA A 1 71  ? 2.072   6.307   2.079   1.00 35.51  ? 170 ALA A N   1 
ATOM   291  C CA  . ALA A 1 71  ? 1.935   5.967   3.490   1.00 31.59  ? 170 ALA A CA  1 
ATOM   292  C C   . ALA A 1 71  ? 0.876   4.891   3.695   1.00 34.20  ? 170 ALA A C   1 
ATOM   293  O O   . ALA A 1 71  ? 1.029   4.017   4.554   1.00 29.35  ? 170 ALA A O   1 
ATOM   294  C CB  . ALA A 1 71  ? 1.594   7.216   4.301   1.00 37.81  ? 170 ALA A CB  1 
ATOM   295  N N   . LEU A 1 72  ? -0.212  4.946   2.924   1.00 32.80  ? 171 LEU A N   1 
ATOM   296  C CA  . LEU A 1 72  ? -1.230  3.905   3.021   1.00 37.43  ? 171 LEU A CA  1 
ATOM   297  C C   . LEU A 1 72  ? -0.673  2.561   2.574   1.00 32.99  ? 171 LEU A C   1 
ATOM   298  O O   . LEU A 1 72  ? -1.009  1.516   3.143   1.00 32.67  ? 171 LEU A O   1 
ATOM   299  C CB  . LEU A 1 72  ? -2.450  4.290   2.184   1.00 26.56  ? 171 LEU A CB  1 
ATOM   300  C CG  . LEU A 1 72  ? -3.689  3.415   2.363   1.00 36.73  ? 171 LEU A CG  1 
ATOM   301  C CD1 . LEU A 1 72  ? -4.330  3.705   3.713   1.00 30.48  ? 171 LEU A CD1 1 
ATOM   302  C CD2 . LEU A 1 72  ? -4.678  3.655   1.232   1.00 30.16  ? 171 LEU A CD2 1 
ATOM   303  N N   . MET A 1 73  ? 0.185   2.578   1.555   1.00 27.10  ? 172 MET A N   1 
ATOM   304  C CA  . MET A 1 73  ? 0.826   1.358   1.077   1.00 28.66  ? 172 MET A CA  1 
ATOM   305  C C   . MET A 1 73  ? 1.713   0.748   2.156   1.00 33.71  ? 172 MET A C   1 
ATOM   306  O O   . MET A 1 73  ? 1.602   -0.443  2.473   1.00 33.90  ? 172 MET A O   1 
ATOM   307  C CB  . MET A 1 73  ? 1.644   1.681   -0.170  1.00 25.16  ? 172 MET A CB  1 
ATOM   308  C CG  . MET A 1 73  ? 0.926   1.430   -1.483  1.00 30.52  ? 172 MET A CG  1 
ATOM   309  S SD  . MET A 1 73  ? 1.818   2.245   -2.813  1.00 35.55  ? 172 MET A SD  1 
ATOM   310  C CE  . MET A 1 73  ? 0.502   3.183   -3.590  1.00 35.97  ? 172 MET A CE  1 
ATOM   311  N N   . VAL A 1 74  ? 2.603   1.558   2.735   1.00 26.73  ? 173 VAL A N   1 
ATOM   312  C CA  . VAL A 1 74  ? 3.532   1.047   3.741   1.00 27.22  ? 173 VAL A CA  1 
ATOM   313  C C   . VAL A 1 74  ? 2.792   0.618   5.004   1.00 29.13  ? 173 VAL A C   1 
ATOM   314  O O   . VAL A 1 74  ? 3.229   -0.305  5.703   1.00 33.42  ? 173 VAL A O   1 
ATOM   315  C CB  . VAL A 1 74  ? 4.625   2.097   4.030   1.00 23.11  ? 173 VAL A CB  1 
ATOM   316  C CG1 . VAL A 1 74  ? 4.064   3.269   4.810   1.00 32.61  ? 173 VAL A CG1 1 
ATOM   317  C CG2 . VAL A 1 74  ? 5.783   1.465   4.783   1.00 36.47  ? 173 VAL A CG2 1 
ATOM   318  N N   . ALA A 1 75  ? 1.660   1.255   5.313   1.00 30.59  ? 174 ALA A N   1 
ATOM   319  C CA  . ALA A 1 75  ? 0.851   0.808   6.442   1.00 28.16  ? 174 ALA A CA  1 
ATOM   320  C C   . ALA A 1 75  ? 0.149   -0.510  6.133   1.00 30.84  ? 174 ALA A C   1 
ATOM   321  O O   . ALA A 1 75  ? 0.000   -1.363  7.016   1.00 36.58  ? 174 ALA A O   1 
ATOM   322  C CB  . ALA A 1 75  ? -0.170  1.881   6.818   1.00 31.88  ? 174 ALA A CB  1 
ATOM   323  N N   . ALA A 1 76  ? -0.280  -0.697  4.883   1.00 29.26  ? 175 ALA A N   1 
ATOM   324  C CA  . ALA A 1 76  ? -1.028  -1.898  4.526   1.00 33.33  ? 175 ALA A CA  1 
ATOM   325  C C   . ALA A 1 76  ? -0.140  -3.137  4.557   1.00 36.87  ? 175 ALA A C   1 
ATOM   326  O O   . ALA A 1 76  ? -0.532  -4.179  5.098   1.00 33.25  ? 175 ALA A O   1 
ATOM   327  C CB  . ALA A 1 76  ? -1.662  -1.729  3.145   1.00 35.72  ? 175 ALA A CB  1 
ATOM   328  N N   . ILE A 1 77  ? 1.061   -3.044  3.980   1.00 27.18  ? 176 ILE A N   1 
ATOM   329  C CA  . ILE A 1 77  ? 1.944   -4.207  3.907   1.00 35.09  ? 176 ILE A CA  1 
ATOM   330  C C   . ILE A 1 77  ? 2.368   -4.661  5.299   1.00 38.50  ? 176 ILE A C   1 
ATOM   331  O O   . ILE A 1 77  ? 2.675   -5.842  5.508   1.00 35.82  ? 176 ILE A O   1 
ATOM   332  C CB  . ILE A 1 77  ? 3.164   -3.896  3.013   1.00 33.27  ? 176 ILE A CB  1 
ATOM   333  C CG1 . ILE A 1 77  ? 3.951   -5.175  2.712   1.00 34.62  ? 176 ILE A CG1 1 
ATOM   334  C CG2 . ILE A 1 77  ? 4.059   -2.846  3.657   1.00 31.38  ? 176 ILE A CG2 1 
ATOM   335  C CD1 . ILE A 1 77  ? 3.094   -6.314  2.185   1.00 31.77  ? 176 ILE A CD1 1 
ATOM   336  N N   . ASN A 1 78  ? 2.371   -3.753  6.273   1.00 36.83  ? 177 ASN A N   1 
ATOM   337  C CA  . ASN A 1 78  ? 2.820   -4.061  7.624   1.00 35.51  ? 177 ASN A CA  1 
ATOM   338  C C   . ASN A 1 78  ? 1.668   -4.298  8.593   1.00 35.42  ? 177 ASN A C   1 
ATOM   339  O O   . ASN A 1 78  ? 1.889   -4.298  9.808   1.00 41.14  ? 177 ASN A O   1 
ATOM   340  C CB  . ASN A 1 78  ? 3.721   -2.939  8.141   1.00 26.65  ? 177 ASN A CB  1 
ATOM   341  C CG  . ASN A 1 78  ? 5.056   -2.892  7.424   1.00 39.99  ? 177 ASN A CG  1 
ATOM   342  O OD1 . ASN A 1 78  ? 5.847   -3.832  7.498   1.00 38.22  ? 177 ASN A OD1 1 
ATOM   343  N ND2 . ASN A 1 78  ? 5.312   -1.794  6.721   1.00 37.08  ? 177 ASN A ND2 1 
ATOM   344  N N   . ARG A 1 79  ? 0.449   -4.495  8.082   1.00 34.61  ? 178 ARG A N   1 
ATOM   345  C CA  . ARG A 1 79  ? -0.722  -4.816  8.904   1.00 37.46  ? 178 ARG A CA  1 
ATOM   346  C C   . ARG A 1 79  ? -1.044  -3.709  9.906   1.00 48.10  ? 178 ARG A C   1 
ATOM   347  O O   . ARG A 1 79  ? -1.577  -3.978  10.985  1.00 48.69  ? 178 ARG A O   1 
ATOM   348  C CB  . ARG A 1 79  ? -0.539  -6.151  9.638   1.00 42.15  ? 178 ARG A CB  1 
ATOM   349  C CG  . ARG A 1 79  ? -0.163  -7.324  8.751   1.00 49.69  ? 178 ARG A CG  1 
ATOM   350  C CD  . ARG A 1 79  ? -0.395  -8.646  9.470   1.00 43.16  ? 178 ARG A CD  1 
ATOM   351  N NE  . ARG A 1 79  ? 0.317   -9.747  8.831   1.00 69.06  ? 178 ARG A NE  1 
ATOM   352  C CZ  . ARG A 1 79  ? 0.857   -10.769 9.481   1.00 83.41  ? 178 ARG A CZ  1 
ATOM   353  N NH1 . ARG A 1 79  ? 0.791   -10.863 10.800  1.00 77.93  ? 178 ARG A NH1 1 
ATOM   354  N NH2 . ARG A 1 79  ? 1.482   -11.719 8.791   1.00 73.36  ? 178 ARG A NH2 1 
ATOM   355  N N   . ASN A 1 80  ? -0.730  -2.459  9.565   1.00 34.88  ? 179 ASN A N   1 
ATOM   356  C CA  . ASN A 1 80  ? -0.945  -1.333  10.478  1.00 31.59  ? 179 ASN A CA  1 
ATOM   357  C C   . ASN A 1 80  ? -2.378  -0.816  10.322  1.00 40.21  ? 179 ASN A C   1 
ATOM   358  O O   . ASN A 1 80  ? -2.637  0.292   9.848   1.00 40.06  ? 179 ASN A O   1 
ATOM   359  C CB  . ASN A 1 80  ? 0.090   -0.244  10.229  1.00 35.32  ? 179 ASN A CB  1 
ATOM   360  C CG  . ASN A 1 80  ? 1.502   -0.683  10.598  1.00 45.00  ? 179 ASN A CG  1 
ATOM   361  O OD1 . ASN A 1 80  ? 1.693   -1.647  11.341  1.00 33.52  ? 179 ASN A OD1 1 
ATOM   362  N ND2 . ASN A 1 80  ? 2.499   0.030   10.081  1.00 29.69  ? 179 ASN A ND2 1 
ATOM   363  N N   . ASN A 1 81  ? -3.316  -1.663  10.755  1.00 36.24  ? 180 ASN A N   1 
ATOM   364  C CA  . ASN A 1 81  ? -4.742  -1.381  10.601  1.00 46.24  ? 180 ASN A CA  1 
ATOM   365  C C   . ASN A 1 81  ? -5.116  -0.047  11.243  1.00 46.34  ? 180 ASN A C   1 
ATOM   366  O O   . ASN A 1 81  ? -5.944  0.700   10.707  1.00 43.24  ? 180 ASN A O   1 
ATOM   367  C CB  . ASN A 1 81  ? -5.541  -2.546  11.201  1.00 52.52  ? 180 ASN A CB  1 
ATOM   368  C CG  . ASN A 1 81  ? -6.956  -2.166  11.617  1.00 63.40  ? 180 ASN A CG  1 
ATOM   369  O OD1 . ASN A 1 81  ? -7.631  -1.372  10.962  1.00 80.78  ? 180 ASN A OD1 1 
ATOM   370  N ND2 . ASN A 1 81  ? -7.413  -2.748  12.721  1.00 62.53  ? 180 ASN A ND2 1 
ATOM   371  N N   . SER A 1 82  ? -4.491  0.285   12.375  1.00 33.75  ? 181 SER A N   1 
ATOM   372  C CA  . SER A 1 82  ? -4.804  1.531   13.069  1.00 40.12  ? 181 SER A CA  1 
ATOM   373  C C   . SER A 1 82  ? -4.521  2.744   12.192  1.00 36.09  ? 181 SER A C   1 
ATOM   374  O O   . SER A 1 82  ? -5.350  3.654   12.084  1.00 38.20  ? 181 SER A O   1 
ATOM   375  C CB  . SER A 1 82  ? -4.011  1.618   14.374  1.00 34.38  ? 181 SER A CB  1 
ATOM   376  O OG  . SER A 1 82  ? -4.464  2.700   15.168  1.00 66.84  ? 181 SER A OG  1 
ATOM   377  N N   . VAL A 1 83  ? -3.347  2.774   11.555  1.00 30.31  ? 182 VAL A N   1 
ATOM   378  C CA  . VAL A 1 83  ? -2.978  3.922   10.732  1.00 31.91  ? 182 VAL A CA  1 
ATOM   379  C C   . VAL A 1 83  ? -3.767  3.941   9.424   1.00 33.95  ? 182 VAL A C   1 
ATOM   380  O O   . VAL A 1 83  ? -4.101  5.019   8.913   1.00 32.54  ? 182 VAL A O   1 
ATOM   381  C CB  . VAL A 1 83  ? -1.457  3.924   10.492  1.00 34.15  ? 182 VAL A CB  1 
ATOM   382  C CG1 . VAL A 1 83  ? -1.079  4.853   9.350   1.00 37.92  ? 182 VAL A CG1 1 
ATOM   383  C CG2 . VAL A 1 83  ? -0.743  4.350   11.756  1.00 45.29  ? 182 VAL A CG2 1 
ATOM   384  N N   . VAL A 1 84  ? -4.086  2.768   8.868   1.00 30.69  ? 183 VAL A N   1 
ATOM   385  C CA  . VAL A 1 84  ? -4.897  2.711   7.650   1.00 33.29  ? 183 VAL A CA  1 
ATOM   386  C C   . VAL A 1 84  ? -6.219  3.442   7.857   1.00 32.91  ? 183 VAL A C   1 
ATOM   387  O O   . VAL A 1 84  ? -6.662  4.221   7.004   1.00 36.55  ? 183 VAL A O   1 
ATOM   388  C CB  . VAL A 1 84  ? -5.127  1.250   7.219   1.00 37.60  ? 183 VAL A CB  1 
ATOM   389  C CG1 . VAL A 1 84  ? -6.141  1.186   6.085   1.00 35.35  ? 183 VAL A CG1 1 
ATOM   390  C CG2 . VAL A 1 84  ? -3.817  0.601   6.796   1.00 34.14  ? 183 VAL A CG2 1 
ATOM   391  N N   . GLN A 1 85  ? -6.868  3.200   9.000   1.00 32.82  ? 184 GLN A N   1 
ATOM   392  C CA  . GLN A 1 85  ? -8.122  3.882   9.304   1.00 33.45  ? 184 GLN A CA  1 
ATOM   393  C C   . GLN A 1 85  ? -7.923  5.389   9.403   1.00 39.46  ? 184 GLN A C   1 
ATOM   394  O O   . GLN A 1 85  ? -8.760  6.166   8.927   1.00 34.29  ? 184 GLN A O   1 
ATOM   395  C CB  . GLN A 1 85  ? -8.712  3.340   10.606  1.00 32.26  ? 184 GLN A CB  1 
ATOM   396  C CG  . GLN A 1 85  ? -9.276  1.936   10.496  1.00 39.88  ? 184 GLN A CG  1 
ATOM   397  C CD  . GLN A 1 85  ? -10.100 1.550   11.707  1.00 59.36  ? 184 GLN A CD  1 
ATOM   398  O OE1 . GLN A 1 85  ? -9.732  0.650   12.462  1.00 70.05  ? 184 GLN A OE1 1 
ATOM   399  N NE2 . GLN A 1 85  ? -11.222 2.233   11.900  1.00 63.70  ? 184 GLN A NE2 1 
ATOM   400  N N   . VAL A 1 86  ? -6.822  5.820   10.023  1.00 35.65  ? 185 VAL A N   1 
ATOM   401  C CA  . VAL A 1 86  ? -6.549  7.250   10.152  1.00 38.85  ? 185 VAL A CA  1 
ATOM   402  C C   . VAL A 1 86  ? -6.310  7.869   8.781   1.00 43.36  ? 185 VAL A C   1 
ATOM   403  O O   . VAL A 1 86  ? -6.804  8.964   8.484   1.00 35.81  ? 185 VAL A O   1 
ATOM   404  C CB  . VAL A 1 86  ? -5.358  7.483   11.099  1.00 40.70  ? 185 VAL A CB  1 
ATOM   405  C CG1 . VAL A 1 86  ? -4.839  8.912   10.979  1.00 38.14  ? 185 VAL A CG1 1 
ATOM   406  C CG2 . VAL A 1 86  ? -5.751  7.175   12.535  1.00 38.94  ? 185 VAL A CG2 1 
ATOM   407  N N   . LEU A 1 87  ? -5.564  7.173   7.919   1.00 35.67  ? 186 LEU A N   1 
ATOM   408  C CA  . LEU A 1 87  ? -5.298  7.693   6.581   1.00 29.32  ? 186 LEU A CA  1 
ATOM   409  C C   . LEU A 1 87  ? -6.570  7.739   5.742   1.00 33.16  ? 186 LEU A C   1 
ATOM   410  O O   . LEU A 1 87  ? -6.811  8.717   5.024   1.00 30.32  ? 186 LEU A O   1 
ATOM   411  C CB  . LEU A 1 87  ? -4.229  6.843   5.894   1.00 30.70  ? 186 LEU A CB  1 
ATOM   412  C CG  . LEU A 1 87  ? -2.816  6.950   6.475   1.00 34.27  ? 186 LEU A CG  1 
ATOM   413  C CD1 . LEU A 1 87  ? -1.924  5.847   5.923   1.00 25.86  ? 186 LEU A CD1 1 
ATOM   414  C CD2 . LEU A 1 87  ? -2.219  8.319   6.189   1.00 28.20  ? 186 LEU A CD2 1 
ATOM   415  N N   . LEU A 1 88  ? -7.397  6.693   5.822   1.00 29.88  ? 187 LEU A N   1 
ATOM   416  C CA  . LEU A 1 88  ? -8.646  6.680   5.069   1.00 31.25  ? 187 LEU A CA  1 
ATOM   417  C C   . LEU A 1 88  ? -9.597  7.765   5.558   1.00 34.43  ? 187 LEU A C   1 
ATOM   418  O O   . LEU A 1 88  ? -10.285 8.408   4.754   1.00 38.27  ? 187 LEU A O   1 
ATOM   419  C CB  . LEU A 1 88  ? -9.305  5.305   5.169   1.00 34.19  ? 187 LEU A CB  1 
ATOM   420  C CG  . LEU A 1 88  ? -8.626  4.186   4.377   1.00 30.68  ? 187 LEU A CG  1 
ATOM   421  C CD1 . LEU A 1 88  ? -9.323  2.853   4.620   1.00 31.47  ? 187 LEU A CD1 1 
ATOM   422  C CD2 . LEU A 1 88  ? -8.587  4.524   2.893   1.00 31.34  ? 187 LEU A CD2 1 
ATOM   423  N N   . ALA A 1 89  ? -9.652  7.986   6.874   1.00 32.74  ? 188 ALA A N   1 
ATOM   424  C CA  . ALA A 1 89  ? -10.533 9.020   7.406   1.00 30.94  ? 188 ALA A CA  1 
ATOM   425  C C   . ALA A 1 89  ? -10.072 10.412  7.001   1.00 32.86  ? 188 ALA A C   1 
ATOM   426  O O   . ALA A 1 89  ? -10.891 11.335  6.919   1.00 40.72  ? 188 ALA A O   1 
ATOM   427  C CB  . ALA A 1 89  ? -10.621 8.909   8.928   1.00 30.19  ? 188 ALA A CB  1 
ATOM   428  N N   . ALA A 1 90  ? -8.781  10.582  6.731   1.00 27.35  ? 189 ALA A N   1 
ATOM   429  C CA  . ALA A 1 90  ? -8.232  11.868  6.327   1.00 30.73  ? 189 ALA A CA  1 
ATOM   430  C C   . ALA A 1 90  ? -8.193  12.053  4.814   1.00 32.29  ? 189 ALA A C   1 
ATOM   431  O O   . ALA A 1 90  ? -7.677  13.073  4.346   1.00 40.10  ? 189 ALA A O   1 
ATOM   432  C CB  . ALA A 1 90  ? -6.825  12.049  6.905   1.00 31.90  ? 189 ALA A CB  1 
ATOM   433  N N   . GLY A 1 91  ? -8.712  11.102  4.045   1.00 30.80  ? 190 GLY A N   1 
ATOM   434  C CA  . GLY A 1 91  ? -8.863  11.273  2.616   1.00 30.59  ? 190 GLY A CA  1 
ATOM   435  C C   . GLY A 1 91  ? -7.800  10.648  1.736   1.00 39.66  ? 190 GLY A C   1 
ATOM   436  O O   . GLY A 1 91  ? -7.676  11.055  0.575   1.00 34.59  ? 190 GLY A O   1 
ATOM   437  N N   . ALA A 1 92  ? -7.036  9.680   2.241   1.00 31.69  ? 191 ALA A N   1 
ATOM   438  C CA  . ALA A 1 92  ? -6.028  9.026   1.416   1.00 34.91  ? 191 ALA A CA  1 
ATOM   439  C C   . ALA A 1 92  ? -6.672  8.325   0.225   1.00 39.18  ? 191 ALA A C   1 
ATOM   440  O O   . ALA A 1 92  ? -7.699  7.653   0.359   1.00 36.70  ? 191 ALA A O   1 
ATOM   441  C CB  . ALA A 1 92  ? -5.236  8.017   2.248   1.00 32.58  ? 191 ALA A CB  1 
ATOM   442  N N   . ASP A 1 93  ? -6.065  8.486   -0.942  1.00 34.93  ? 192 ASP A N   1 
ATOM   443  C CA  . ASP A 1 93  ? -6.519  7.793   -2.144  1.00 36.18  ? 192 ASP A CA  1 
ATOM   444  C C   . ASP A 1 93  ? -6.162  6.319   -2.046  1.00 35.94  ? 192 ASP A C   1 
ATOM   445  O O   . ASP A 1 93  ? -4.978  5.971   -2.083  1.00 39.05  ? 192 ASP A O   1 
ATOM   446  C CB  . ASP A 1 93  ? -5.878  8.412   -3.391  1.00 34.39  ? 192 ASP A CB  1 
ATOM   447  C CG  . ASP A 1 93  ? -6.610  8.042   -4.677  1.00 47.67  ? 192 ASP A CG  1 
ATOM   448  O OD1 . ASP A 1 93  ? -7.421  7.091   -4.661  1.00 34.59  ? 192 ASP A OD1 1 
ATOM   449  O OD2 . ASP A 1 93  ? -6.357  8.694   -5.713  1.00 40.10  ? 192 ASP A OD2 1 
ATOM   450  N N   . PRO A 1 94  ? -7.145  5.408   -1.926  1.00 35.60  ? 193 PRO A N   1 
ATOM   451  C CA  . PRO A 1 94  ? -6.826  3.990   -1.764  1.00 35.38  ? 193 PRO A CA  1 
ATOM   452  C C   . PRO A 1 94  ? -6.492  3.267   -3.060  1.00 38.07  ? 193 PRO A C   1 
ATOM   453  O O   . PRO A 1 94  ? -6.158  2.079   -3.012  1.00 40.91  ? 193 PRO A O   1 
ATOM   454  C CB  . PRO A 1 94  ? -8.116  3.431   -1.148  1.00 41.48  ? 193 PRO A CB  1 
ATOM   455  C CG  . PRO A 1 94  ? -9.191  4.283   -1.742  1.00 37.15  ? 193 PRO A CG  1 
ATOM   456  C CD  . PRO A 1 94  ? -8.596  5.657   -1.957  1.00 41.02  ? 193 PRO A CD  1 
ATOM   457  N N   . ASN A 1 95  ? -6.565  3.945   -4.206  1.00 37.49  ? 194 ASN A N   1 
ATOM   458  C CA  . ASN A 1 95  ? -6.380  3.307   -5.504  1.00 40.80  ? 194 ASN A CA  1 
ATOM   459  C C   . ASN A 1 95  ? -5.114  3.763   -6.219  1.00 38.03  ? 194 ASN A C   1 
ATOM   460  O O   . ASN A 1 95  ? -4.935  3.447   -7.401  1.00 34.42  ? 194 ASN A O   1 
ATOM   461  C CB  . ASN A 1 95  ? -7.605  3.556   -6.385  1.00 31.71  ? 194 ASN A CB  1 
ATOM   462  C CG  . ASN A 1 95  ? -8.807  2.745   -5.943  1.00 41.44  ? 194 ASN A CG  1 
ATOM   463  O OD1 . ASN A 1 95  ? -8.688  1.561   -5.630  1.00 34.58  ? 194 ASN A OD1 1 
ATOM   464  N ND2 . ASN A 1 95  ? -9.972  3.383   -5.904  1.00 39.59  ? 194 ASN A ND2 1 
ATOM   465  N N   . LEU A 1 96  ? -4.236  4.499   -5.543  1.00 31.18  ? 195 LEU A N   1 
ATOM   466  C CA  . LEU A 1 96  ? -2.952  4.828   -6.135  1.00 31.84  ? 195 LEU A CA  1 
ATOM   467  C C   . LEU A 1 96  ? -2.090  3.574   -6.244  1.00 32.72  ? 195 LEU A C   1 
ATOM   468  O O   . LEU A 1 96  ? -2.277  2.593   -5.520  1.00 34.58  ? 195 LEU A O   1 
ATOM   469  C CB  . LEU A 1 96  ? -2.229  5.894   -5.311  1.00 39.93  ? 195 LEU A CB  1 
ATOM   470  C CG  . LEU A 1 96  ? -2.949  7.238   -5.183  1.00 48.34  ? 195 LEU A CG  1 
ATOM   471  C CD1 . LEU A 1 96  ? -2.208  8.159   -4.224  1.00 47.59  ? 195 LEU A CD1 1 
ATOM   472  C CD2 . LEU A 1 96  ? -3.127  7.894   -6.550  1.00 44.10  ? 195 LEU A CD2 1 
ATOM   473  N N   . GLY A 1 97  ? -1.141  3.613   -7.170  1.00 37.52  ? 196 GLY A N   1 
ATOM   474  C CA  . GLY A 1 97  ? -0.273  2.478   -7.453  1.00 27.31  ? 196 GLY A CA  1 
ATOM   475  C C   . GLY A 1 97  ? 1.167   2.774   -7.080  1.00 34.56  ? 196 GLY A C   1 
ATOM   476  O O   . GLY A 1 97  ? 1.651   3.893   -7.271  1.00 34.61  ? 196 GLY A O   1 
ATOM   477  N N   . ASP A 1 98  ? 1.845   1.763   -6.543  1.00 37.24  ? 197 ASP A N   1 
ATOM   478  C CA  . ASP A 1 98  ? 3.258   1.892   -6.219  1.00 38.90  ? 197 ASP A CA  1 
ATOM   479  C C   . ASP A 1 98  ? 4.070   2.128   -7.486  1.00 39.71  ? 197 ASP A C   1 
ATOM   480  O O   . ASP A 1 98  ? 3.950   1.383   -8.462  1.00 40.22  ? 197 ASP A O   1 
ATOM   481  C CB  . ASP A 1 98  ? 3.745   0.632   -5.502  1.00 43.90  ? 197 ASP A CB  1 
ATOM   482  C CG  . ASP A 1 98  ? 5.050   0.845   -4.752  1.00 42.34  ? 197 ASP A CG  1 
ATOM   483  O OD1 . ASP A 1 98  ? 5.727   1.864   -5.000  1.00 35.55  ? 197 ASP A OD1 1 
ATOM   484  O OD2 . ASP A 1 98  ? 5.402   -0.019  -3.921  1.00 30.07  ? 197 ASP A OD2 1 
ATOM   485  N N   . ASP A 1 99  ? 4.894   3.174   -7.473  1.00 37.27  ? 198 ASP A N   1 
ATOM   486  C CA  . ASP A 1 99  ? 5.830   3.433   -8.560  1.00 39.15  ? 198 ASP A CA  1 
ATOM   487  C C   . ASP A 1 99  ? 7.108   2.615   -8.443  1.00 44.56  ? 198 ASP A C   1 
ATOM   488  O O   . ASP A 1 99  ? 7.946   2.663   -9.351  1.00 43.08  ? 198 ASP A O   1 
ATOM   489  C CB  . ASP A 1 99  ? 6.166   4.927   -8.628  1.00 38.49  ? 198 ASP A CB  1 
ATOM   490  C CG  . ASP A 1 99  ? 4.942   5.781   -8.909  1.00 49.52  ? 198 ASP A CG  1 
ATOM   491  O OD1 . ASP A 1 99  ? 4.049   5.302   -9.637  1.00 50.05  ? 198 ASP A OD1 1 
ATOM   492  O OD2 . ASP A 1 99  ? 4.873   6.927   -8.418  1.00 55.28  ? 198 ASP A OD2 1 
ATOM   493  N N   . PHE A 1 100 ? 7.279   1.879   -7.348  1.00 37.42  ? 199 PHE A N   1 
ATOM   494  C CA  . PHE A 1 100 ? 8.393   0.954   -7.212  1.00 34.07  ? 199 PHE A CA  1 
ATOM   495  C C   . PHE A 1 100 ? 8.129   -0.304  -8.027  1.00 40.55  ? 199 PHE A C   1 
ATOM   496  O O   . PHE A 1 100 ? 7.027   -0.857  -8.000  1.00 36.41  ? 199 PHE A O   1 
ATOM   497  C CB  . PHE A 1 100 ? 8.603   0.586   -5.741  1.00 32.63  ? 199 PHE A CB  1 
ATOM   498  C CG  . PHE A 1 100 ? 9.759   -0.347  -5.506  1.00 31.89  ? 199 PHE A CG  1 
ATOM   499  C CD1 . PHE A 1 100 ? 11.044  0.149   -5.354  1.00 35.68  ? 199 PHE A CD1 1 
ATOM   500  C CD2 . PHE A 1 100 ? 9.562   -1.719  -5.441  1.00 32.68  ? 199 PHE A CD2 1 
ATOM   501  C CE1 . PHE A 1 100 ? 12.114  -0.705  -5.133  1.00 34.22  ? 199 PHE A CE1 1 
ATOM   502  C CE2 . PHE A 1 100 ? 10.628  -2.582  -5.226  1.00 35.69  ? 199 PHE A CE2 1 
ATOM   503  C CZ  . PHE A 1 100 ? 11.907  -2.073  -5.070  1.00 39.62  ? 199 PHE A CZ  1 
ATOM   504  N N   . SER A 1 101 ? 9.151   -0.757  -8.754  1.00 45.13  ? 200 SER A N   1 
ATOM   505  C CA  . SER A 1 101 ? 9.020   -1.952  -9.579  1.00 40.70  ? 200 SER A CA  1 
ATOM   506  C C   . SER A 1 101 ? 9.743   -3.124  -8.928  1.00 37.33  ? 200 SER A C   1 
ATOM   507  O O   . SER A 1 101 ? 9.120   -3.945  -8.250  1.00 48.82  ? 200 SER A O   1 
ATOM   508  C CB  . SER A 1 101 ? 9.562   -1.696  -10.988 1.00 37.28  ? 200 SER A CB  1 
ATOM   509  O OG  . SER A 1 101 ? 9.490   -2.862  -11.793 1.00 52.56  ? 200 SER A OG  1 
ATOM   510  N N   . SER A 1 102 ? 11.053  -3.212  -9.142  1.00 41.09  ? 201 SER A N   1 
ATOM   511  C CA  . SER A 1 102 ? 11.899  -4.218  -8.518  1.00 35.10  ? 201 SER A CA  1 
ATOM   512  C C   . SER A 1 102 ? 13.242  -3.573  -8.215  1.00 32.86  ? 201 SER A C   1 
ATOM   513  O O   . SER A 1 102 ? 13.540  -2.474  -8.688  1.00 39.68  ? 201 SER A O   1 
ATOM   514  C CB  . SER A 1 102 ? 12.078  -5.438  -9.426  1.00 36.49  ? 201 SER A CB  1 
ATOM   515  O OG  . SER A 1 102 ? 12.904  -5.117  -10.531 1.00 40.18  ? 201 SER A OG  1 
ATOM   516  N N   . VAL A 1 103 ? 14.063  -4.255  -7.412  1.00 41.36  ? 202 VAL A N   1 
ATOM   517  C CA  . VAL A 1 103 ? 15.402  -3.727  -7.153  1.00 42.32  ? 202 VAL A CA  1 
ATOM   518  C C   . VAL A 1 103 ? 16.154  -3.552  -8.467  1.00 42.96  ? 202 VAL A C   1 
ATOM   519  O O   . VAL A 1 103 ? 16.839  -2.545  -8.680  1.00 47.27  ? 202 VAL A O   1 
ATOM   520  C CB  . VAL A 1 103 ? 16.174  -4.627  -6.162  1.00 49.09  ? 202 VAL A CB  1 
ATOM   521  C CG1 . VAL A 1 103 ? 15.403  -4.783  -4.855  1.00 39.99  ? 202 VAL A CG1 1 
ATOM   522  C CG2 . VAL A 1 103 ? 16.502  -5.990  -6.762  1.00 53.19  ? 202 VAL A CG2 1 
ATOM   523  N N   . TYR A 1 104 ? 15.996  -4.506  -9.387  1.00 40.00  ? 203 TYR A N   1 
ATOM   524  C CA  . TYR A 1 104 ? 16.750  -4.475  -10.634 1.00 39.51  ? 203 TYR A CA  1 
ATOM   525  C C   . TYR A 1 104 ? 16.235  -3.373  -11.551 1.00 41.00  ? 203 TYR A C   1 
ATOM   526  O O   . TYR A 1 104 ? 17.011  -2.549  -12.046 1.00 42.16  ? 203 TYR A O   1 
ATOM   527  C CB  . TYR A 1 104 ? 16.677  -5.848  -11.310 1.00 41.08  ? 203 TYR A CB  1 
ATOM   528  C CG  . TYR A 1 104 ? 17.146  -5.899  -12.749 1.00 49.61  ? 203 TYR A CG  1 
ATOM   529  C CD1 . TYR A 1 104 ? 18.478  -5.674  -13.084 1.00 48.23  ? 203 TYR A CD1 1 
ATOM   530  C CD2 . TYR A 1 104 ? 16.255  -6.194  -13.773 1.00 50.15  ? 203 TYR A CD2 1 
ATOM   531  C CE1 . TYR A 1 104 ? 18.904  -5.731  -14.405 1.00 53.16  ? 203 TYR A CE1 1 
ATOM   532  C CE2 . TYR A 1 104 ? 16.671  -6.252  -15.092 1.00 51.41  ? 203 TYR A CE2 1 
ATOM   533  C CZ  . TYR A 1 104 ? 17.994  -6.020  -15.402 1.00 53.27  ? 203 TYR A CZ  1 
ATOM   534  O OH  . TYR A 1 104 ? 18.399  -6.078  -16.716 1.00 60.32  ? 203 TYR A OH  1 
ATOM   535  N N   . LYS A 1 105 ? 14.921  -3.322  -11.764 1.00 40.38  ? 204 LYS A N   1 
ATOM   536  C CA  . LYS A 1 105 ? 14.360  -2.330  -12.677 1.00 38.14  ? 204 LYS A CA  1 
ATOM   537  C C   . LYS A 1 105 ? 14.477  -0.920  -12.111 1.00 38.57  ? 204 LYS A C   1 
ATOM   538  O O   . LYS A 1 105 ? 14.819  0.020   -12.841 1.00 40.14  ? 204 LYS A O   1 
ATOM   539  C CB  . LYS A 1 105 ? 12.906  -2.682  -12.983 1.00 40.83  ? 204 LYS A CB  1 
ATOM   540  C CG  . LYS A 1 105 ? 12.756  -4.076  -13.573 1.00 46.61  ? 204 LYS A CG  1 
ATOM   541  C CD  . LYS A 1 105 ? 11.359  -4.344  -14.084 1.00 47.61  ? 204 LYS A CD  1 
ATOM   542  C CE  . LYS A 1 105 ? 10.978  -5.786  -13.802 1.00 57.94  ? 204 LYS A CE  1 
ATOM   543  N NZ  . LYS A 1 105 ? 9.515   -6.033  -13.903 1.00 54.60  ? 204 LYS A NZ  1 
ATOM   544  N N   . THR A 1 106 ? 14.212  -0.750  -10.812 1.00 42.34  ? 205 THR A N   1 
ATOM   545  C CA  . THR A 1 106 ? 14.262  0.583   -10.214 1.00 44.85  ? 205 THR A CA  1 
ATOM   546  C C   . THR A 1 106 ? 15.692  1.106   -10.148 1.00 49.58  ? 205 THR A C   1 
ATOM   547  O O   . THR A 1 106 ? 15.922  2.316   -10.279 1.00 51.60  ? 205 THR A O   1 
ATOM   548  C CB  . THR A 1 106 ? 13.635  0.567   -8.817  1.00 38.79  ? 205 THR A CB  1 
ATOM   549  O OG1 . THR A 1 106 ? 12.230  0.304   -8.922  1.00 46.55  ? 205 THR A OG1 1 
ATOM   550  C CG2 . THR A 1 106 ? 13.837  1.898   -8.107  1.00 48.52  ? 205 THR A CG2 1 
ATOM   551  N N   . ALA A 1 107 ? 16.664  0.216   -9.939  1.00 41.97  ? 206 ALA A N   1 
ATOM   552  C CA  . ALA A 1 107 ? 18.060  0.643   -9.935  1.00 51.05  ? 206 ALA A CA  1 
ATOM   553  C C   . ALA A 1 107 ? 18.459  1.222   -11.288 1.00 56.25  ? 206 ALA A C   1 
ATOM   554  O O   . ALA A 1 107 ? 19.064  2.297   -11.363 1.00 64.57  ? 206 ALA A O   1 
ATOM   555  C CB  . ALA A 1 107 ? 18.965  -0.528  -9.561  1.00 52.39  ? 206 ALA A CB  1 
ATOM   556  N N   . LYS A 1 108 ? 18.128  0.519   -12.374 1.00 65.37  ? 207 LYS A N   1 
ATOM   557  C CA  . LYS A 1 108 ? 18.426  1.031   -13.708 1.00 66.32  ? 207 LYS A CA  1 
ATOM   558  C C   . LYS A 1 108 ? 17.588  2.263   -14.026 1.00 66.44  ? 207 LYS A C   1 
ATOM   559  O O   . LYS A 1 108 ? 18.122  3.292   -14.454 1.00 77.64  ? 207 LYS A O   1 
ATOM   560  C CB  . LYS A 1 108 ? 18.192  -0.056  -14.757 1.00 56.53  ? 207 LYS A CB  1 
ATOM   561  C CG  . LYS A 1 108 ? 18.613  -1.445  -14.324 1.00 61.75  ? 207 LYS A CG  1 
ATOM   562  C CD  . LYS A 1 108 ? 18.736  -2.406  -15.500 1.00 64.55  ? 207 LYS A CD  1 
ATOM   563  C CE  . LYS A 1 108 ? 19.092  -1.704  -16.800 1.00 56.41  ? 207 LYS A CE  1 
ATOM   564  N NZ  . LYS A 1 108 ? 19.347  -2.693  -17.885 1.00 64.51  ? 207 LYS A NZ  1 
ATOM   565  N N   . GLU A 1 109 ? 16.270  2.169   -13.825 1.00 63.93  ? 208 GLU A N   1 
ATOM   566  C CA  . GLU A 1 109 ? 15.365  3.263   -14.171 1.00 64.28  ? 208 GLU A CA  1 
ATOM   567  C C   . GLU A 1 109 ? 15.795  4.575   -13.527 1.00 63.12  ? 208 GLU A C   1 
ATOM   568  O O   . GLU A 1 109 ? 15.831  5.622   -14.183 1.00 64.83  ? 208 GLU A O   1 
ATOM   569  C CB  . GLU A 1 109 ? 13.938  2.906   -13.752 1.00 73.48  ? 208 GLU A CB  1 
ATOM   570  C CG  . GLU A 1 109 ? 12.861  3.773   -14.379 1.00 85.43  ? 208 GLU A CG  1 
ATOM   571  C CD  . GLU A 1 109 ? 11.637  3.903   -13.492 1.00 94.59  ? 208 GLU A CD  1 
ATOM   572  O OE1 . GLU A 1 109 ? 11.277  2.906   -12.829 1.00 86.69  ? 208 GLU A OE1 1 
ATOM   573  O OE2 . GLU A 1 109 ? 11.039  4.998   -13.454 1.00 100.65 ? 208 GLU A OE2 1 
ATOM   574  N N   . GLN A 1 110 ? 16.138  4.535   -12.240 1.00 60.35  ? 209 GLN A N   1 
ATOM   575  C CA  . GLN A 1 110 ? 16.478  5.737   -11.493 1.00 63.66  ? 209 GLN A CA  1 
ATOM   576  C C   . GLN A 1 110 ? 17.978  5.946   -11.331 1.00 63.58  ? 209 GLN A C   1 
ATOM   577  O O   . GLN A 1 110 ? 18.386  6.994   -10.819 1.00 72.96  ? 209 GLN A O   1 
ATOM   578  C CB  . GLN A 1 110 ? 15.825  5.700   -10.110 1.00 68.68  ? 209 GLN A CB  1 
ATOM   579  C CG  . GLN A 1 110 ? 14.401  5.176   -10.086 1.00 70.78  ? 209 GLN A CG  1 
ATOM   580  C CD  . GLN A 1 110 ? 13.376  6.229   -10.450 1.00 82.11  ? 209 GLN A CD  1 
ATOM   581  O OE1 . GLN A 1 110 ? 13.700  7.408   -10.593 1.00 87.02  ? 209 GLN A OE1 1 
ATOM   582  N NE2 . GLN A 1 110 ? 12.124  5.806   -10.592 1.00 83.05  ? 209 GLN A NE2 1 
ATOM   583  N N   . GLY A 1 111 ? 18.802  4.983   -11.734 1.00 62.73  ? 210 GLY A N   1 
ATOM   584  C CA  . GLY A 1 111 ? 20.240  5.162   -11.670 1.00 62.28  ? 210 GLY A CA  1 
ATOM   585  C C   . GLY A 1 111 ? 20.850  5.032   -10.291 1.00 57.06  ? 210 GLY A C   1 
ATOM   586  O O   . GLY A 1 111 ? 21.919  5.598   -10.045 1.00 64.41  ? 210 GLY A O   1 
ATOM   587  N N   . ILE A 1 112 ? 20.205  4.305   -9.378  1.00 52.50  ? 211 ILE A N   1 
ATOM   588  C CA  . ILE A 1 112 ? 20.768  4.062   -8.057  1.00 49.46  ? 211 ILE A CA  1 
ATOM   589  C C   . ILE A 1 112 ? 21.444  2.697   -8.065  1.00 61.60  ? 211 ILE A C   1 
ATOM   590  O O   . ILE A 1 112 ? 21.133  1.819   -8.875  1.00 53.90  ? 211 ILE A O   1 
ATOM   591  C CB  . ILE A 1 112 ? 19.721  4.143   -6.911  1.00 55.60  ? 211 ILE A CB  1 
ATOM   592  C CG1 . ILE A 1 112 ? 18.787  5.340   -7.061  1.00 59.82  ? 211 ILE A CG1 1 
ATOM   593  C CG2 . ILE A 1 112 ? 20.399  4.229   -5.553  1.00 47.20  ? 211 ILE A CG2 1 
ATOM   594  C CD1 . ILE A 1 112 ? 17.365  4.934   -7.317  1.00 64.82  ? 211 ILE A CD1 1 
ATOM   595  N N   . HIS A 1 113 ? 22.397  2.521   -7.152  1.00 47.41  ? 212 HIS A N   1 
ATOM   596  C CA  . HIS A 1 113 ? 23.033  1.227   -6.964  1.00 38.17  ? 212 HIS A CA  1 
ATOM   597  C C   . HIS A 1 113 ? 22.030  0.222   -6.407  1.00 43.45  ? 212 HIS A C   1 
ATOM   598  O O   . HIS A 1 113 ? 21.187  0.560   -5.570  1.00 42.35  ? 212 HIS A O   1 
ATOM   599  C CB  . HIS A 1 113 ? 24.230  1.365   -6.026  1.00 47.16  ? 212 HIS A CB  1 
ATOM   600  C CG  . HIS A 1 113 ? 25.047  0.120   -5.898  1.00 46.05  ? 212 HIS A CG  1 
ATOM   601  N ND1 . HIS A 1 113 ? 24.757  -0.869  -4.984  1.00 55.79  ? 212 HIS A ND1 1 
ATOM   602  C CD2 . HIS A 1 113 ? 26.152  -0.294  -6.562  1.00 50.69  ? 212 HIS A CD2 1 
ATOM   603  C CE1 . HIS A 1 113 ? 25.645  -1.841  -5.094  1.00 60.03  ? 212 HIS A CE1 1 
ATOM   604  N NE2 . HIS A 1 113 ? 26.503  -1.517  -6.044  1.00 51.78  ? 212 HIS A NE2 1 
ATOM   605  N N   . SER A 1 114 ? 22.131  -1.027  -6.872  1.00 39.05  ? 213 SER A N   1 
ATOM   606  C CA  . SER A 1 114 ? 21.115  -2.028  -6.553  1.00 40.58  ? 213 SER A CA  1 
ATOM   607  C C   . SER A 1 114 ? 21.080  -2.348  -5.062  1.00 41.54  ? 213 SER A C   1 
ATOM   608  O O   . SER A 1 114 ? 20.004  -2.579  -4.498  1.00 37.78  ? 213 SER A O   1 
ATOM   609  C CB  . SER A 1 114 ? 21.359  -3.297  -7.370  1.00 45.46  ? 213 SER A CB  1 
ATOM   610  O OG  . SER A 1 114 ? 22.541  -3.957  -6.947  1.00 51.26  ? 213 SER A OG  1 
ATOM   611  N N   . LEU A 1 115 ? 22.243  -2.375  -4.405  1.00 35.52  ? 214 LEU A N   1 
ATOM   612  C CA  . LEU A 1 115 ? 22.262  -2.656  -2.972  1.00 48.16  ? 214 LEU A CA  1 
ATOM   613  C C   . LEU A 1 115 ? 21.515  -1.585  -2.185  1.00 42.29  ? 214 LEU A C   1 
ATOM   614  O O   . LEU A 1 115 ? 20.788  -1.898  -1.235  1.00 37.49  ? 214 LEU A O   1 
ATOM   615  C CB  . LEU A 1 115 ? 23.700  -2.778  -2.472  1.00 44.29  ? 214 LEU A CB  1 
ATOM   616  C CG  . LEU A 1 115 ? 23.852  -3.185  -1.003  1.00 43.90  ? 214 LEU A CG  1 
ATOM   617  C CD1 . LEU A 1 115 ? 23.083  -4.467  -0.715  1.00 40.93  ? 214 LEU A CD1 1 
ATOM   618  C CD2 . LEU A 1 115 ? 25.320  -3.337  -0.635  1.00 50.11  ? 214 LEU A CD2 1 
ATOM   619  N N   . GLU A 1 116 ? 21.685  -0.316  -2.563  1.00 44.06  ? 215 GLU A N   1 
ATOM   620  C CA  . GLU A 1 116 ? 20.977  0.761   -1.878  1.00 40.93  ? 215 GLU A CA  1 
ATOM   621  C C   . GLU A 1 116 ? 19.470  0.635   -2.060  1.00 44.50  ? 215 GLU A C   1 
ATOM   622  O O   . GLU A 1 116 ? 18.701  0.865   -1.119  1.00 41.15  ? 215 GLU A O   1 
ATOM   623  C CB  . GLU A 1 116 ? 21.462  2.115   -2.393  1.00 49.02  ? 215 GLU A CB  1 
ATOM   624  C CG  . GLU A 1 116 ? 21.143  3.277   -1.472  1.00 53.71  ? 215 GLU A CG  1 
ATOM   625  C CD  . GLU A 1 116 ? 21.391  4.616   -2.132  1.00 67.20  ? 215 GLU A CD  1 
ATOM   626  O OE1 . GLU A 1 116 ? 20.545  5.522   -1.976  1.00 82.15  ? 215 GLU A OE1 1 
ATOM   627  O OE2 . GLU A 1 116 ? 22.429  4.762   -2.812  1.00 74.78  ? 215 GLU A OE2 1 
ATOM   628  N N   . VAL A 1 117 ? 19.029  0.282   -3.270  1.00 38.67  ? 216 VAL A N   1 
ATOM   629  C CA  . VAL A 1 117 ? 17.603  0.090   -3.516  1.00 33.12  ? 216 VAL A CA  1 
ATOM   630  C C   . VAL A 1 117 ? 17.064  -1.050  -2.662  1.00 34.13  ? 216 VAL A C   1 
ATOM   631  O O   . VAL A 1 117 ? 15.985  -0.943  -2.066  1.00 35.79  ? 216 VAL A O   1 
ATOM   632  C CB  . VAL A 1 117 ? 17.349  -0.162  -5.013  1.00 39.80  ? 216 VAL A CB  1 
ATOM   633  C CG1 . VAL A 1 117 ? 15.884  -0.502  -5.251  1.00 35.41  ? 216 VAL A CG1 1 
ATOM   634  C CG2 . VAL A 1 117 ? 17.774  1.043   -5.838  1.00 41.79  ? 216 VAL A CG2 1 
ATOM   635  N N   . LEU A 1 118 ? 17.807  -2.157  -2.590  1.00 34.12  ? 217 LEU A N   1 
ATOM   636  C CA  . LEU A 1 118 ? 17.353  -3.317  -1.831  1.00 38.19  ? 217 LEU A CA  1 
ATOM   637  C C   . LEU A 1 118 ? 17.250  -2.996  -0.346  1.00 42.58  ? 217 LEU A C   1 
ATOM   638  O O   . LEU A 1 118 ? 16.259  -3.339  0.308   1.00 36.12  ? 217 LEU A O   1 
ATOM   639  C CB  . LEU A 1 118 ? 18.301  -4.495  -2.057  1.00 40.13  ? 217 LEU A CB  1 
ATOM   640  C CG  . LEU A 1 118 ? 18.076  -5.719  -1.166  1.00 44.58  ? 217 LEU A CG  1 
ATOM   641  C CD1 . LEU A 1 118 ? 16.664  -6.264  -1.330  1.00 46.75  ? 217 LEU A CD1 1 
ATOM   642  C CD2 . LEU A 1 118 ? 19.109  -6.795  -1.462  1.00 52.29  ? 217 LEU A CD2 1 
ATOM   643  N N   . ILE A 1 119 ? 18.276  -2.343  0.202   1.00 37.14  ? 218 ILE A N   1 
ATOM   644  C CA  . ILE A 1 119 ? 18.276  -2.010  1.624   1.00 33.29  ? 218 ILE A CA  1 
ATOM   645  C C   . ILE A 1 119 ? 17.145  -1.045  1.947   1.00 33.18  ? 218 ILE A C   1 
ATOM   646  O O   . ILE A 1 119 ? 16.426  -1.221  2.939   1.00 39.68  ? 218 ILE A O   1 
ATOM   647  C CB  . ILE A 1 119 ? 19.646  -1.438  2.032   1.00 42.61  ? 218 ILE A CB  1 
ATOM   648  C CG1 . ILE A 1 119 ? 20.692  -2.554  2.054   1.00 39.11  ? 218 ILE A CG1 1 
ATOM   649  C CG2 . ILE A 1 119 ? 19.558  -0.751  3.389   1.00 40.03  ? 218 ILE A CG2 1 
ATOM   650  C CD1 . ILE A 1 119 ? 22.101  -2.059  2.222   1.00 49.71  ? 218 ILE A CD1 1 
ATOM   651  N N   . THR A 1 120 ? 16.959  -0.019  1.114   1.00 32.96  ? 219 THR A N   1 
ATOM   652  C CA  . THR A 1 120 ? 15.907  0.963   1.367   1.00 38.28  ? 219 THR A CA  1 
ATOM   653  C C   . THR A 1 120 ? 14.529  0.313   1.343   1.00 39.84  ? 219 THR A C   1 
ATOM   654  O O   . THR A 1 120 ? 13.706  0.548   2.235   1.00 39.45  ? 219 THR A O   1 
ATOM   655  C CB  . THR A 1 120 ? 15.984  2.094   0.341   1.00 46.68  ? 219 THR A CB  1 
ATOM   656  O OG1 . THR A 1 120 ? 17.319  2.615   0.300   1.00 47.46  ? 219 THR A OG1 1 
ATOM   657  C CG2 . THR A 1 120 ? 15.019  3.214   0.711   1.00 48.70  ? 219 THR A CG2 1 
ATOM   658  N N   . ARG A 1 121 ? 14.256  -0.511  0.328   1.00 42.55  ? 220 ARG A N   1 
ATOM   659  C CA  . ARG A 1 121 ? 12.953  -1.167  0.243   1.00 36.52  ? 220 ARG A CA  1 
ATOM   660  C C   . ARG A 1 121 ? 12.727  -2.104  1.424   1.00 43.24  ? 220 ARG A C   1 
ATOM   661  O O   . ARG A 1 121 ? 11.617  -2.178  1.965   1.00 37.45  ? 220 ARG A O   1 
ATOM   662  C CB  . ARG A 1 121 ? 12.827  -1.929  -1.078  1.00 37.63  ? 220 ARG A CB  1 
ATOM   663  C CG  . ARG A 1 121 ? 11.561  -2.762  -1.189  1.00 27.71  ? 220 ARG A CG  1 
ATOM   664  C CD  . ARG A 1 121 ? 10.396  -1.959  -1.757  1.00 34.55  ? 220 ARG A CD  1 
ATOM   665  N NE  . ARG A 1 121 ? 9.295   -2.824  -2.166  1.00 33.04  ? 220 ARG A NE  1 
ATOM   666  C CZ  . ARG A 1 121 ? 8.088   -2.395  -2.516  1.00 42.81  ? 220 ARG A CZ  1 
ATOM   667  N NH1 . ARG A 1 121 ? 7.788   -1.106  -2.530  1.00 36.94  ? 220 ARG A NH1 1 
ATOM   668  N NH2 . ARG A 1 121 ? 7.164   -3.282  -2.874  1.00 33.98  ? 220 ARG A NH2 1 
ATOM   669  N N   . GLU A 1 122 ? 13.768  -2.824  1.845   1.00 34.58  ? 221 GLU A N   1 
ATOM   670  C CA  . GLU A 1 122 ? 13.614  -3.732  2.977   1.00 38.61  ? 221 GLU A CA  1 
ATOM   671  C C   . GLU A 1 122 ? 13.416  -2.965  4.279   1.00 37.95  ? 221 GLU A C   1 
ATOM   672  O O   . GLU A 1 122 ? 12.623  -3.377  5.134   1.00 49.31  ? 221 GLU A O   1 
ATOM   673  C CB  . GLU A 1 122 ? 14.829  -4.654  3.078   1.00 42.56  ? 221 GLU A CB  1 
ATOM   674  C CG  . GLU A 1 122 ? 14.876  -5.737  2.016   1.00 44.63  ? 221 GLU A CG  1 
ATOM   675  C CD  . GLU A 1 122 ? 15.603  -6.981  2.482   1.00 65.70  ? 221 GLU A CD  1 
ATOM   676  O OE1 . GLU A 1 122 ? 16.788  -6.872  2.859   1.00 71.84  ? 221 GLU A OE1 1 
ATOM   677  O OE2 . GLU A 1 122 ? 14.987  -8.069  2.472   1.00 77.78  ? 221 GLU A OE2 1 
ATOM   678  N N   . ASP A 1 123 ? 14.117  -1.842  4.444   1.00 39.85  ? 222 ASP A N   1 
ATOM   679  C CA  . ASP A 1 123 ? 14.113  -1.109  5.704   1.00 49.07  ? 222 ASP A CA  1 
ATOM   680  C C   . ASP A 1 123 ? 12.954  -0.125  5.813   1.00 46.67  ? 222 ASP A C   1 
ATOM   681  O O   . ASP A 1 123 ? 12.337  -0.014  6.878   1.00 45.29  ? 222 ASP A O   1 
ATOM   682  C CB  . ASP A 1 123 ? 15.437  -0.358  5.884   1.00 45.81  ? 222 ASP A CB  1 
ATOM   683  C CG  . ASP A 1 123 ? 16.570  -1.269  6.322   1.00 57.81  ? 222 ASP A CG  1 
ATOM   684  O OD1 . ASP A 1 123 ? 16.288  -2.399  6.771   1.00 51.89  ? 222 ASP A OD1 1 
ATOM   685  O OD2 . ASP A 1 123 ? 17.744  -0.851  6.220   1.00 52.12  ? 222 ASP A OD2 1 
ATOM   686  N N   . ASP A 1 124 ? 12.649  0.598   4.738   1.00 42.18  ? 223 ASP A N   1 
ATOM   687  C CA  . ASP A 1 124 ? 11.612  1.621   4.775   1.00 45.15  ? 223 ASP A CA  1 
ATOM   688  C C   . ASP A 1 124 ? 10.237  1.108   4.364   1.00 42.49  ? 223 ASP A C   1 
ATOM   689  O O   . ASP A 1 124 ? 9.249   1.825   4.557   1.00 44.76  ? 223 ASP A O   1 
ATOM   690  C CB  . ASP A 1 124 ? 11.999  2.803   3.877   1.00 44.28  ? 223 ASP A CB  1 
ATOM   691  C CG  . ASP A 1 124 ? 13.183  3.585   4.418   1.00 58.81  ? 223 ASP A CG  1 
ATOM   692  O OD1 . ASP A 1 124 ? 13.888  3.067   5.311   1.00 52.69  ? 223 ASP A OD1 1 
ATOM   693  O OD2 . ASP A 1 124 ? 13.405  4.723   3.950   1.00 50.02  ? 223 ASP A OD2 1 
ATOM   694  N N   . PHE A 1 125 ? 10.143  -0.102  3.805   1.00 40.09  ? 224 PHE A N   1 
ATOM   695  C CA  . PHE A 1 125 ? 8.857   -0.656  3.388   1.00 35.38  ? 224 PHE A CA  1 
ATOM   696  C C   . PHE A 1 125 ? 8.590   -1.992  4.073   1.00 42.76  ? 224 PHE A C   1 
ATOM   697  O O   . PHE A 1 125 ? 7.794   -2.039  5.014   1.00 32.81  ? 224 PHE A O   1 
ATOM   698  C CB  . PHE A 1 125 ? 8.804   -0.784  1.864   1.00 30.66  ? 224 PHE A CB  1 
ATOM   699  C CG  . PHE A 1 125 ? 7.420   -1.020  1.319   1.00 34.11  ? 224 PHE A CG  1 
ATOM   700  C CD1 . PHE A 1 125 ? 6.455   -0.028  1.386   1.00 27.89  ? 224 PHE A CD1 1 
ATOM   701  C CD2 . PHE A 1 125 ? 7.088   -2.234  0.740   1.00 34.30  ? 224 PHE A CD2 1 
ATOM   702  C CE1 . PHE A 1 125 ? 5.183   -0.245  0.887   1.00 42.50  ? 224 PHE A CE1 1 
ATOM   703  C CE2 . PHE A 1 125 ? 5.820   -2.456  0.239   1.00 39.52  ? 224 PHE A CE2 1 
ATOM   704  C CZ  . PHE A 1 125 ? 4.865   -1.459  0.312   1.00 36.70  ? 224 PHE A CZ  1 
ATOM   705  N N   . ASN A 1 126 ? 9.228   -3.076  3.637   1.00 43.67  ? 225 ASN A N   1 
ATOM   706  C CA  . ASN A 1 126 ? 9.004   -4.391  4.222   1.00 42.00  ? 225 ASN A CA  1 
ATOM   707  C C   . ASN A 1 126 ? 10.150  -5.305  3.818   1.00 46.89  ? 225 ASN A C   1 
ATOM   708  O O   . ASN A 1 126 ? 10.614  -5.249  2.678   1.00 36.87  ? 225 ASN A O   1 
ATOM   709  C CB  . ASN A 1 126 ? 7.666   -4.987  3.765   1.00 41.55  ? 225 ASN A CB  1 
ATOM   710  C CG  . ASN A 1 126 ? 7.281   -6.227  4.546   1.00 40.95  ? 225 ASN A CG  1 
ATOM   711  O OD1 . ASN A 1 126 ? 7.532   -7.350  4.114   1.00 44.56  ? 225 ASN A OD1 1 
ATOM   712  N ND2 . ASN A 1 126 ? 6.663   -6.029  5.705   1.00 40.52  ? 225 ASN A ND2 1 
ATOM   713  N N   . ASN A 1 127 ? 10.599  -6.142  4.754   1.00 45.61  ? 226 ASN A N   1 
ATOM   714  C CA  . ASN A 1 127 ? 11.713  -7.049  4.513   1.00 46.24  ? 226 ASN A CA  1 
ATOM   715  C C   . ASN A 1 127 ? 11.287  -8.501  4.349   1.00 42.84  ? 226 ASN A C   1 
ATOM   716  O O   . ASN A 1 127 ? 12.145  -9.361  4.122   1.00 54.49  ? 226 ASN A O   1 
ATOM   717  C CB  . ASN A 1 127 ? 12.748  -6.932  5.642   1.00 47.31  ? 226 ASN A CB  1 
ATOM   718  C CG  . ASN A 1 127 ? 12.162  -7.216  7.017   1.00 51.84  ? 226 ASN A CG  1 
ATOM   719  O OD1 . ASN A 1 127 ? 11.104  -7.832  7.147   1.00 52.04  ? 226 ASN A OD1 1 
ATOM   720  N ND2 . ASN A 1 127 ? 12.852  -6.756  8.053   1.00 57.81  ? 226 ASN A ND2 1 
ATOM   721  N N   . ARG A 1 128 ? 9.994   -8.802  4.461   1.00 42.27  ? 227 ARG A N   1 
ATOM   722  C CA  . ARG A 1 128 ? 9.493   -10.155 4.256   1.00 47.27  ? 227 ARG A CA  1 
ATOM   723  C C   . ARG A 1 128 ? 8.936   -10.373 2.857   1.00 54.90  ? 227 ARG A C   1 
ATOM   724  O O   . ARG A 1 128 ? 8.502   -11.487 2.543   1.00 57.24  ? 227 ARG A O   1 
ATOM   725  C CB  . ARG A 1 128 ? 8.424   -10.487 5.302   1.00 54.75  ? 227 ARG A CB  1 
ATOM   726  C CG  . ARG A 1 128 ? 9.005   -10.838 6.665   1.00 64.54  ? 227 ARG A CG  1 
ATOM   727  C CD  . ARG A 1 128 ? 7.993   -11.544 7.553   1.00 83.20  ? 227 ARG A CD  1 
ATOM   728  N NE  . ARG A 1 128 ? 8.652   -12.375 8.555   1.00 115.17 ? 227 ARG A NE  1 
ATOM   729  C CZ  . ARG A 1 128 ? 8.028   -13.226 9.358   1.00 109.44 ? 227 ARG A CZ  1 
ATOM   730  N NH1 . ARG A 1 128 ? 6.714   -13.378 9.317   1.00 102.43 ? 227 ARG A NH1 1 
ATOM   731  N NH2 . ARG A 1 128 ? 8.739   -13.940 10.225  1.00 93.43  ? 227 ARG A NH2 1 
ATOM   732  N N   . LEU A 1 129 ? 8.936   -9.346  2.013   1.00 46.40  ? 228 LEU A N   1 
ATOM   733  C CA  . LEU A 1 129 ? 8.496   -9.473  0.632   1.00 46.37  ? 228 LEU A CA  1 
ATOM   734  C C   . LEU A 1 129 ? 9.644   -9.939  -0.253  1.00 42.86  ? 228 LEU A C   1 
ATOM   735  O O   . LEU A 1 129 ? 10.817  -9.671  0.022   1.00 42.56  ? 228 LEU A O   1 
ATOM   736  C CB  . LEU A 1 129 ? 7.959   -8.139  0.109   1.00 46.71  ? 228 LEU A CB  1 
ATOM   737  C CG  . LEU A 1 129 ? 6.474   -7.830  0.292   1.00 47.74  ? 228 LEU A CG  1 
ATOM   738  C CD1 . LEU A 1 129 ? 6.164   -6.420  -0.183  1.00 41.73  ? 228 LEU A CD1 1 
ATOM   739  C CD2 . LEU A 1 129 ? 5.626   -8.846  -0.455  1.00 35.09  ? 228 LEU A CD2 1 
ATOM   740  N N   . ASN A 1 130 ? 9.294   -10.643 -1.328  1.00 48.97  ? 229 ASN A N   1 
ATOM   741  C CA  . ASN A 1 130 ? 10.259  -10.966 -2.376  1.00 37.03  ? 229 ASN A CA  1 
ATOM   742  C C   . ASN A 1 130 ? 10.358  -9.737  -3.266  1.00 46.54  ? 229 ASN A C   1 
ATOM   743  O O   . ASN A 1 130 ? 9.595   -9.567  -4.219  1.00 42.92  ? 229 ASN A O   1 
ATOM   744  C CB  . ASN A 1 130 ? 9.826   -12.200 -3.160  1.00 49.19  ? 229 ASN A CB  1 
ATOM   745  C CG  . ASN A 1 130 ? 10.764  -12.525 -4.321  1.00 53.42  ? 229 ASN A CG  1 
ATOM   746  O OD1 . ASN A 1 130 ? 11.732  -11.809 -4.586  1.00 40.47  ? 229 ASN A OD1 1 
ATOM   747  N ND2 . ASN A 1 130 ? 10.466  -13.610 -5.027  1.00 54.66  ? 229 ASN A ND2 1 
ATOM   748  N N   . ASN A 1 131 ? 11.315  -8.866  -2.957  1.00 41.91  ? 230 ASN A N   1 
ATOM   749  C CA  . ASN A 1 131 ? 11.446  -7.616  -3.693  1.00 59.09  ? 230 ASN A CA  1 
ATOM   750  C C   . ASN A 1 131 ? 12.171  -7.779  -5.023  1.00 53.57  ? 230 ASN A C   1 
ATOM   751  O O   . ASN A 1 131 ? 12.403  -6.777  -5.711  1.00 46.18  ? 230 ASN A O   1 
ATOM   752  C CB  . ASN A 1 131 ? 12.142  -6.572  -2.820  1.00 48.56  ? 230 ASN A CB  1 
ATOM   753  C CG  . ASN A 1 131 ? 11.267  -6.117  -1.665  1.00 62.17  ? 230 ASN A CG  1 
ATOM   754  O OD1 . ASN A 1 131 ? 11.642  -6.237  -0.497  1.00 59.85  ? 230 ASN A OD1 1 
ATOM   755  N ND2 . ASN A 1 131 ? 10.077  -5.621  -1.988  1.00 53.52  ? 230 ASN A ND2 1 
ATOM   756  N N   . ARG A 1 132 ? 12.531  -9.009  -5.402  1.00 56.50  ? 231 ARG A N   1 
ATOM   757  C CA  . ARG A 1 132 ? 12.951  -9.280  -6.770  1.00 52.54  ? 231 ARG A CA  1 
ATOM   758  C C   . ARG A 1 132 ? 11.767  -9.360  -7.721  1.00 52.72  ? 231 ARG A C   1 
ATOM   759  O O   . ARG A 1 132 ? 11.950  -9.220  -8.936  1.00 52.34  ? 231 ARG A O   1 
ATOM   760  C CB  . ARG A 1 132 ? 13.749  -10.583 -6.839  1.00 46.15  ? 231 ARG A CB  1 
ATOM   761  C CG  . ARG A 1 132 ? 14.711  -10.789 -5.688  1.00 52.65  ? 231 ARG A CG  1 
ATOM   762  C CD  . ARG A 1 132 ? 15.891  -11.646 -6.109  1.00 45.82  ? 231 ARG A CD  1 
ATOM   763  N NE  . ARG A 1 132 ? 16.905  -11.724 -5.063  1.00 60.91  ? 231 ARG A NE  1 
ATOM   764  C CZ  . ARG A 1 132 ? 17.807  -10.783 -4.821  1.00 63.76  ? 231 ARG A CZ  1 
ATOM   765  N NH1 . ARG A 1 132 ? 17.862  -9.675  -5.545  1.00 47.82  ? 231 ARG A NH1 1 
ATOM   766  N NH2 . ARG A 1 132 ? 18.678  -10.957 -3.831  1.00 56.99  ? 231 ARG A NH2 1 
ATOM   767  N N   . ALA A 1 133 ? 10.566  -9.589  -7.197  1.00 51.43  ? 232 ALA A N   1 
ATOM   768  C CA  . ALA A 1 133 ? 9.363   -9.540  -8.008  1.00 55.91  ? 232 ALA A CA  1 
ATOM   769  C C   . ALA A 1 133 ? 9.057   -8.096  -8.404  1.00 45.61  ? 232 ALA A C   1 
ATOM   770  O O   . ALA A 1 133 ? 9.695   -7.145  -7.943  1.00 46.31  ? 232 ALA A O   1 
ATOM   771  C CB  . ALA A 1 133 ? 8.185   -10.153 -7.251  1.00 42.32  ? 232 ALA A CB  1 
ATOM   772  N N   . SER A 1 134 ? 8.061   -7.934  -9.270  1.00 42.33  ? 233 SER A N   1 
ATOM   773  C CA  . SER A 1 134 ? 7.672   -6.623  -9.771  1.00 49.53  ? 233 SER A CA  1 
ATOM   774  C C   . SER A 1 134 ? 6.398   -6.163  -9.076  1.00 49.61  ? 233 SER A C   1 
ATOM   775  O O   . SER A 1 134 ? 5.403   -6.897  -9.037  1.00 43.35  ? 233 SER A O   1 
ATOM   776  C CB  . SER A 1 134 ? 7.471   -6.653  -11.287 1.00 53.22  ? 233 SER A CB  1 
ATOM   777  O OG  . SER A 1 134 ? 7.375   -5.334  -11.802 1.00 66.14  ? 233 SER A OG  1 
ATOM   778  N N   . PHE A 1 135 ? 6.430   -4.943  -8.538  1.00 36.01  ? 234 PHE A N   1 
ATOM   779  C CA  . PHE A 1 135 ? 5.336   -4.414  -7.733  1.00 38.79  ? 234 PHE A CA  1 
ATOM   780  C C   . PHE A 1 135 ? 4.694   -3.172  -8.337  1.00 39.33  ? 234 PHE A C   1 
ATOM   781  O O   . PHE A 1 135 ? 3.826   -2.568  -7.696  1.00 36.74  ? 234 PHE A O   1 
ATOM   782  C CB  . PHE A 1 135 ? 5.828   -4.089  -6.318  1.00 36.07  ? 234 PHE A CB  1 
ATOM   783  C CG  . PHE A 1 135 ? 6.283   -5.288  -5.536  1.00 39.60  ? 234 PHE A CG  1 
ATOM   784  C CD1 . PHE A 1 135 ? 5.380   -6.045  -4.807  1.00 40.07  ? 234 PHE A CD1 1 
ATOM   785  C CD2 . PHE A 1 135 ? 7.619   -5.654  -5.522  1.00 49.81  ? 234 PHE A CD2 1 
ATOM   786  C CE1 . PHE A 1 135 ? 5.799   -7.149  -4.085  1.00 36.76  ? 234 PHE A CE1 1 
ATOM   787  C CE2 . PHE A 1 135 ? 8.044   -6.755  -4.801  1.00 45.99  ? 234 PHE A CE2 1 
ATOM   788  C CZ  . PHE A 1 135 ? 7.133   -7.503  -4.083  1.00 39.85  ? 234 PHE A CZ  1 
ATOM   789  N N   . LYS A 1 136 ? 5.096   -2.765  -9.539  1.00 33.88  ? 235 LYS A N   1 
ATOM   790  C CA  . LYS A 1 136 ? 4.635   -1.491  -10.075 1.00 36.97  ? 235 LYS A CA  1 
ATOM   791  C C   . LYS A 1 136 ? 3.128   -1.522  -10.300 1.00 38.79  ? 235 LYS A C   1 
ATOM   792  O O   . LYS A 1 136 ? 2.591   -2.478  -10.867 1.00 29.27  ? 235 LYS A O   1 
ATOM   793  C CB  . LYS A 1 136 ? 5.362   -1.156  -11.374 1.00 39.37  ? 235 LYS A CB  1 
ATOM   794  C CG  . LYS A 1 136 ? 5.121   0.274   -11.837 1.00 48.41  ? 235 LYS A CG  1 
ATOM   795  C CD  . LYS A 1 136 ? 6.269   0.797   -12.681 1.00 60.10  ? 235 LYS A CD  1 
ATOM   796  C CE  . LYS A 1 136 ? 6.296   2.317   -12.671 1.00 61.51  ? 235 LYS A CE  1 
ATOM   797  N NZ  . LYS A 1 136 ? 7.033   2.875   -13.837 1.00 73.89  ? 235 LYS A NZ  1 
ATOM   798  N N   . GLY A 1 137 ? 2.445   -0.476  -9.841  1.00 34.43  ? 236 GLY A N   1 
ATOM   799  C CA  . GLY A 1 137 ? 1.003   -0.421  -9.915  1.00 36.85  ? 236 GLY A CA  1 
ATOM   800  C C   . GLY A 1 137 ? 0.275   -1.116  -8.786  1.00 35.84  ? 236 GLY A C   1 
ATOM   801  O O   . GLY A 1 137 ? -0.957  -1.027  -8.723  1.00 38.85  ? 236 GLY A O   1 
ATOM   802  N N   . CYS A 1 138 ? 0.985   -1.813  -7.900  1.00 33.63  ? 237 CYS A N   1 
ATOM   803  C CA  . CYS A 1 138 ? 0.337   -2.418  -6.743  1.00 37.94  ? 237 CYS A CA  1 
ATOM   804  C C   . CYS A 1 138 ? -0.257  -1.332  -5.859  1.00 35.99  ? 237 CYS A C   1 
ATOM   805  O O   . CYS A 1 138 ? 0.413   -0.349  -5.528  1.00 36.52  ? 237 CYS A O   1 
ATOM   806  C CB  . CYS A 1 138 ? 1.332   -3.260  -5.940  1.00 34.66  ? 237 CYS A CB  1 
ATOM   807  S SG  . CYS A 1 138 ? 1.735   -4.881  -6.649  1.00 40.16  ? 237 CYS A SG  1 
ATOM   808  N N   . THR A 1 139 ? -1.524  -1.502  -5.496  1.00 30.98  ? 238 THR A N   1 
ATOM   809  C CA  . THR A 1 139 ? -2.197  -0.582  -4.599  1.00 33.51  ? 238 THR A CA  1 
ATOM   810  C C   . THR A 1 139 ? -2.040  -1.066  -3.159  1.00 35.85  ? 238 THR A C   1 
ATOM   811  O O   . THR A 1 139 ? -1.468  -2.123  -2.888  1.00 30.69  ? 238 THR A O   1 
ATOM   812  C CB  . THR A 1 139 ? -3.672  -0.451  -4.970  1.00 33.18  ? 238 THR A CB  1 
ATOM   813  O OG1 . THR A 1 139 ? -4.374  -1.628  -4.549  1.00 34.57  ? 238 THR A OG1 1 
ATOM   814  C CG2 . THR A 1 139 ? -3.836  -0.280  -6.479  1.00 28.26  ? 238 THR A CG2 1 
ATOM   815  N N   . ALA A 1 140 ? -2.564  -0.277  -2.219  1.00 25.94  ? 239 ALA A N   1 
ATOM   816  C CA  . ALA A 1 140 ? -2.564  -0.701  -0.824  1.00 34.51  ? 239 ALA A CA  1 
ATOM   817  C C   . ALA A 1 140 ? -3.373  -1.976  -0.635  1.00 41.80  ? 239 ALA A C   1 
ATOM   818  O O   . ALA A 1 140 ? -3.075  -2.772  0.264   1.00 30.73  ? 239 ALA A O   1 
ATOM   819  C CB  . ALA A 1 140 ? -3.108  0.413   0.068   1.00 27.19  ? 239 ALA A CB  1 
ATOM   820  N N   . LEU A 1 141 ? -4.391  -2.195  -1.473  1.00 26.93  ? 240 LEU A N   1 
ATOM   821  C CA  . LEU A 1 141 ? -5.161  -3.431  -1.384  1.00 28.48  ? 240 LEU A CA  1 
ATOM   822  C C   . LEU A 1 141 ? -4.330  -4.628  -1.826  1.00 32.79  ? 240 LEU A C   1 
ATOM   823  O O   . LEU A 1 141 ? -4.397  -5.697  -1.208  1.00 35.09  ? 240 LEU A O   1 
ATOM   824  C CB  . LEU A 1 141 ? -6.436  -3.320  -2.218  1.00 31.56  ? 240 LEU A CB  1 
ATOM   825  C CG  . LEU A 1 141 ? -7.426  -4.462  -1.988  1.00 43.22  ? 240 LEU A CG  1 
ATOM   826  C CD1 . LEU A 1 141 ? -7.786  -4.555  -0.511  1.00 32.51  ? 240 LEU A CD1 1 
ATOM   827  C CD2 . LEU A 1 141 ? -8.675  -4.271  -2.829  1.00 39.42  ? 240 LEU A CD2 1 
ATOM   828  N N   . HIS A 1 142 ? -3.552  -4.470  -2.900  1.00 29.75  ? 241 HIS A N   1 
ATOM   829  C CA  . HIS A 1 142 ? -2.582  -5.494  -3.284  1.00 36.97  ? 241 HIS A CA  1 
ATOM   830  C C   . HIS A 1 142 ? -1.695  -5.875  -2.102  1.00 34.57  ? 241 HIS A C   1 
ATOM   831  O O   . HIS A 1 142 ? -1.529  -7.058  -1.784  1.00 35.11  ? 241 HIS A O   1 
ATOM   832  C CB  . HIS A 1 142 ? -1.720  -4.984  -4.443  1.00 30.94  ? 241 HIS A CB  1 
ATOM   833  C CG  . HIS A 1 142 ? -2.365  -5.104  -5.791  1.00 36.79  ? 241 HIS A CG  1 
ATOM   834  N ND1 . HIS A 1 142 ? -2.661  -4.006  -6.570  1.00 39.04  ? 241 HIS A ND1 1 
ATOM   835  C CD2 . HIS A 1 142 ? -2.731  -6.188  -6.516  1.00 39.24  ? 241 HIS A CD2 1 
ATOM   836  C CE1 . HIS A 1 142 ? -3.203  -4.407  -7.707  1.00 33.63  ? 241 HIS A CE1 1 
ATOM   837  N NE2 . HIS A 1 142 ? -3.255  -5.727  -7.700  1.00 35.82  ? 241 HIS A NE2 1 
ATOM   838  N N   . TYR A 1 143 ? -1.124  -4.872  -1.433  1.00 29.43  ? 242 TYR A N   1 
ATOM   839  C CA  . TYR A 1 143 ? -0.195  -5.142  -0.340  1.00 33.24  ? 242 TYR A CA  1 
ATOM   840  C C   . TYR A 1 143 ? -0.913  -5.710  0.876   1.00 31.12  ? 242 TYR A C   1 
ATOM   841  O O   . TYR A 1 143 ? -0.376  -6.585  1.566   1.00 33.98  ? 242 TYR A O   1 
ATOM   842  C CB  . TYR A 1 143 ? 0.559   -3.867  0.026   1.00 31.16  ? 242 TYR A CB  1 
ATOM   843  C CG  . TYR A 1 143 ? 1.602   -3.469  -0.991  1.00 35.16  ? 242 TYR A CG  1 
ATOM   844  C CD1 . TYR A 1 143 ? 2.654   -4.319  -1.303  1.00 36.26  ? 242 TYR A CD1 1 
ATOM   845  C CD2 . TYR A 1 143 ? 1.533   -2.243  -1.640  1.00 33.22  ? 242 TYR A CD2 1 
ATOM   846  C CE1 . TYR A 1 143 ? 3.612   -3.960  -2.234  1.00 36.63  ? 242 TYR A CE1 1 
ATOM   847  C CE2 . TYR A 1 143 ? 2.486   -1.875  -2.574  1.00 31.42  ? 242 TYR A CE2 1 
ATOM   848  C CZ  . TYR A 1 143 ? 3.522   -2.736  -2.865  1.00 32.80  ? 242 TYR A CZ  1 
ATOM   849  O OH  . TYR A 1 143 ? 4.473   -2.371  -3.788  1.00 33.79  ? 242 TYR A OH  1 
ATOM   850  N N   . ALA A 1 144 ? -2.125  -5.225  1.159   1.00 30.09  ? 243 ALA A N   1 
ATOM   851  C CA  . ALA A 1 144 ? -2.894  -5.767  2.274   1.00 38.50  ? 243 ALA A CA  1 
ATOM   852  C C   . ALA A 1 144 ? -3.225  -7.236  2.060   1.00 37.12  ? 243 ALA A C   1 
ATOM   853  O O   . ALA A 1 144 ? -3.274  -8.009  3.025   1.00 38.33  ? 243 ALA A O   1 
ATOM   854  C CB  . ALA A 1 144 ? -4.177  -4.960  2.470   1.00 34.50  ? 243 ALA A CB  1 
ATOM   855  N N   . VAL A 1 145 ? -3.454  -7.638  0.809   1.00 39.84  ? 244 VAL A N   1 
ATOM   856  C CA  . VAL A 1 145 ? -3.730  -9.037  0.507   1.00 37.32  ? 244 VAL A CA  1 
ATOM   857  C C   . VAL A 1 145 ? -2.465  -9.876  0.657   1.00 41.42  ? 244 VAL A C   1 
ATOM   858  O O   . VAL A 1 145 ? -2.511  -11.008 1.154   1.00 43.68  ? 244 VAL A O   1 
ATOM   859  C CB  . VAL A 1 145 ? -4.340  -9.156  -0.902  1.00 41.79  ? 244 VAL A CB  1 
ATOM   860  C CG1 . VAL A 1 145 ? -4.318  -10.588 -1.381  1.00 42.78  ? 244 VAL A CG1 1 
ATOM   861  C CG2 . VAL A 1 145 ? -5.766  -8.628  -0.905  1.00 41.25  ? 244 VAL A CG2 1 
ATOM   862  N N   . LEU A 1 146 ? -1.316  -9.334  0.245   1.00 36.95  ? 245 LEU A N   1 
ATOM   863  C CA  . LEU A 1 146 ? -0.063  -10.070 0.381   1.00 31.85  ? 245 LEU A CA  1 
ATOM   864  C C   . LEU A 1 146 ? 0.292   -10.308 1.842   1.00 46.27  ? 245 LEU A C   1 
ATOM   865  O O   . LEU A 1 146 ? 0.980   -11.284 2.163   1.00 42.69  ? 245 LEU A O   1 
ATOM   866  C CB  . LEU A 1 146 ? 1.067   -9.323  -0.329  1.00 28.70  ? 245 LEU A CB  1 
ATOM   867  C CG  . LEU A 1 146 ? 1.008   -9.343  -1.859  1.00 29.89  ? 245 LEU A CG  1 
ATOM   868  C CD1 . LEU A 1 146 ? 2.025   -8.390  -2.463  1.00 25.09  ? 245 LEU A CD1 1 
ATOM   869  C CD2 . LEU A 1 146 ? 1.245   -10.753 -2.361  1.00 40.74  ? 245 LEU A CD2 1 
ATOM   870  N N   . ALA A 1 147 ? -0.171  -9.439  2.739   1.00 35.64  ? 246 ALA A N   1 
ATOM   871  C CA  . ALA A 1 147 ? 0.078   -9.589  4.165   1.00 40.30  ? 246 ALA A CA  1 
ATOM   872  C C   . ALA A 1 147 ? -0.952  -10.469 4.859   1.00 47.31  ? 246 ALA A C   1 
ATOM   873  O O   . ALA A 1 147 ? -0.753  -10.817 6.029   1.00 47.01  ? 246 ALA A O   1 
ATOM   874  C CB  . ALA A 1 147 ? 0.114   -8.212  4.838   1.00 34.64  ? 246 ALA A CB  1 
ATOM   875  N N   . ASP A 1 148 ? -2.039  -10.828 4.172   1.00 42.32  ? 247 ASP A N   1 
ATOM   876  C CA  . ASP A 1 148 ? -3.076  -11.715 4.700   1.00 47.42  ? 247 ASP A CA  1 
ATOM   877  C C   . ASP A 1 148 ? -3.639  -11.185 6.022   1.00 48.48  ? 247 ASP A C   1 
ATOM   878  O O   . ASP A 1 148 ? -3.591  -11.842 7.064   1.00 66.10  ? 247 ASP A O   1 
ATOM   879  C CB  . ASP A 1 148 ? -2.544  -13.142 4.861   1.00 49.41  ? 247 ASP A CB  1 
ATOM   880  C CG  . ASP A 1 148 ? -3.654  -14.170 4.950   1.00 74.35  ? 247 ASP A CG  1 
ATOM   881  O OD1 . ASP A 1 148 ? -4.614  -14.079 4.154   1.00 67.17  ? 247 ASP A OD1 1 
ATOM   882  O OD2 . ASP A 1 148 ? -3.570  -15.066 5.817   1.00 68.19  ? 247 ASP A OD2 1 
ATOM   883  N N   . ASP A 1 149 ? -4.179  -9.970  5.960   1.00 58.68  ? 248 ASP A N   1 
ATOM   884  C CA  . ASP A 1 149 ? -4.724  -9.291  7.134   1.00 50.24  ? 248 ASP A CA  1 
ATOM   885  C C   . ASP A 1 149 ? -6.132  -8.826  6.768   1.00 47.80  ? 248 ASP A C   1 
ATOM   886  O O   . ASP A 1 149 ? -6.303  -7.812  6.086   1.00 45.82  ? 248 ASP A O   1 
ATOM   887  C CB  . ASP A 1 149 ? -3.818  -8.139  7.567   1.00 50.37  ? 248 ASP A CB  1 
ATOM   888  C CG  . ASP A 1 149 ? -4.483  -7.193  8.555   1.00 61.55  ? 248 ASP A CG  1 
ATOM   889  O OD1 . ASP A 1 149 ? -5.375  -7.632  9.312   1.00 62.88  ? 248 ASP A OD1 1 
ATOM   890  O OD2 . ASP A 1 149 ? -4.077  -6.015  8.607   1.00 50.67  ? 248 ASP A OD2 1 
ATOM   891  N N   . TYR A 1 150 ? -7.132  -9.585  7.224   1.00 46.26  ? 249 TYR A N   1 
ATOM   892  C CA  . TYR A 1 150 ? -8.518  -9.339  6.831   1.00 54.86  ? 249 TYR A CA  1 
ATOM   893  C C   . TYR A 1 150 ? -8.994  -7.965  7.286   1.00 52.36  ? 249 TYR A C   1 
ATOM   894  O O   . TYR A 1 150 ? -9.761  -7.302  6.577   1.00 48.88  ? 249 TYR A O   1 
ATOM   895  C CB  . TYR A 1 150 ? -9.396  -10.464 7.392   1.00 54.74  ? 249 TYR A CB  1 
ATOM   896  C CG  . TYR A 1 150 ? -10.901 -10.244 7.473   1.00 60.85  ? 249 TYR A CG  1 
ATOM   897  C CD1 . TYR A 1 150 ? -11.465 -9.390  8.418   1.00 70.56  ? 249 TYR A CD1 1 
ATOM   898  C CD2 . TYR A 1 150 ? -11.759 -10.946 6.639   1.00 59.50  ? 249 TYR A CD2 1 
ATOM   899  C CE1 . TYR A 1 150 ? -12.839 -9.211  8.494   1.00 75.35  ? 249 TYR A CE1 1 
ATOM   900  C CE2 . TYR A 1 150 ? -13.129 -10.775 6.712   1.00 67.20  ? 249 TYR A CE2 1 
ATOM   901  C CZ  . TYR A 1 150 ? -13.664 -9.910  7.638   1.00 67.92  ? 249 TYR A CZ  1 
ATOM   902  O OH  . TYR A 1 150 ? -15.031 -9.746  7.703   1.00 77.04  ? 249 TYR A OH  1 
ATOM   903  N N   . ARG A 1 151 ? -8.553  -7.518  8.465   1.00 47.28  ? 250 ARG A N   1 
ATOM   904  C CA  . ARG A 1 151 ? -9.014  -6.233  8.984   1.00 46.82  ? 250 ARG A CA  1 
ATOM   905  C C   . ARG A 1 151 ? -8.586  -5.082  8.081   1.00 41.18  ? 250 ARG A C   1 
ATOM   906  O O   . ARG A 1 151 ? -9.389  -4.191  7.779   1.00 39.05  ? 250 ARG A O   1 
ATOM   907  C CB  . ARG A 1 151 ? -8.497  -6.022  10.406  1.00 48.68  ? 250 ARG A CB  1 
ATOM   908  C CG  . ARG A 1 151 ? -9.426  -6.535  11.504  1.00 73.32  ? 250 ARG A CG  1 
ATOM   909  C CD  . ARG A 1 151 ? -10.894 -6.259  11.193  1.00 78.29  ? 250 ARG A CD  1 
ATOM   910  N NE  . ARG A 1 151 ? -11.647 -5.898  12.390  1.00 95.47  ? 250 ARG A NE  1 
ATOM   911  C CZ  . ARG A 1 151 ? -12.947 -5.633  12.408  1.00 91.25  ? 250 ARG A CZ  1 
ATOM   912  N NH1 . ARG A 1 151 ? -13.681 -5.689  11.308  1.00 82.64  ? 250 ARG A NH1 1 
ATOM   913  N NH2 . ARG A 1 151 ? -13.526 -5.307  13.560  1.00 78.10  ? 250 ARG A NH2 1 
ATOM   914  N N   . THR A 1 152 ? -7.326  -5.082  7.636   1.00 39.56  ? 251 THR A N   1 
ATOM   915  C CA  . THR A 1 152 ? -6.867  -4.016  6.749   1.00 44.21  ? 251 THR A CA  1 
ATOM   916  C C   . THR A 1 152 ? -7.561  -4.089  5.394   1.00 40.95  ? 251 THR A C   1 
ATOM   917  O O   . THR A 1 152 ? -7.927  -3.055  4.822   1.00 44.72  ? 251 THR A O   1 
ATOM   918  C CB  . THR A 1 152 ? -5.349  -4.084  6.580   1.00 44.52  ? 251 THR A CB  1 
ATOM   919  O OG1 . THR A 1 152 ? -4.718  -3.905  7.855   1.00 59.19  ? 251 THR A OG1 1 
ATOM   920  C CG2 . THR A 1 152 ? -4.860  -3.005  5.625   1.00 38.82  ? 251 THR A CG2 1 
ATOM   921  N N   . VAL A 1 153 ? -7.755  -5.302  4.868   1.00 36.84  ? 252 VAL A N   1 
ATOM   922  C CA  . VAL A 1 153 ? -8.476  -5.462  3.607   1.00 38.93  ? 252 VAL A CA  1 
ATOM   923  C C   . VAL A 1 153 ? -9.897  -4.934  3.739   1.00 42.49  ? 252 VAL A C   1 
ATOM   924  O O   . VAL A 1 153 ? -10.383 -4.184  2.883   1.00 38.90  ? 252 VAL A O   1 
ATOM   925  C CB  . VAL A 1 153 ? -8.462  -6.935  3.160   1.00 40.11  ? 252 VAL A CB  1 
ATOM   926  C CG1 . VAL A 1 153 ? -9.269  -7.107  1.879   1.00 44.54  ? 252 VAL A CG1 1 
ATOM   927  C CG2 . VAL A 1 153 ? -7.038  -7.414  2.948   1.00 45.78  ? 252 VAL A CG2 1 
ATOM   928  N N   . LYS A 1 154 ? -10.585 -5.308  4.823   1.00 37.39  ? 253 LYS A N   1 
ATOM   929  C CA  . LYS A 1 154 ? -11.963 -4.863  5.011   1.00 40.97  ? 253 LYS A CA  1 
ATOM   930  C C   . LYS A 1 154 ? -12.046 -3.346  5.109   1.00 45.99  ? 253 LYS A C   1 
ATOM   931  O O   . LYS A 1 154 ? -12.948 -2.728  4.533   1.00 43.00  ? 253 LYS A O   1 
ATOM   932  C CB  . LYS A 1 154 ? -12.562 -5.513  6.258   1.00 46.96  ? 253 LYS A CB  1 
ATOM   933  C CG  . LYS A 1 154 ? -13.975 -5.051  6.570   1.00 61.39  ? 253 LYS A CG  1 
ATOM   934  C CD  . LYS A 1 154 ? -14.882 -6.223  6.903   1.00 67.21  ? 253 LYS A CD  1 
ATOM   935  C CE  . LYS A 1 154 ? -16.151 -5.757  7.601   1.00 70.66  ? 253 LYS A CE  1 
ATOM   936  N NZ  . LYS A 1 154 ? -15.914 -5.426  9.033   1.00 66.48  ? 253 LYS A NZ  1 
ATOM   937  N N   . GLU A 1 155 ? -11.110 -2.725  5.831   1.00 34.37  ? 254 GLU A N   1 
ATOM   938  C CA  . GLU A 1 155 ? -11.132 -1.272  5.956   1.00 48.77  ? 254 GLU A CA  1 
ATOM   939  C C   . GLU A 1 155 ? -10.836 -0.598  4.621   1.00 37.23  ? 254 GLU A C   1 
ATOM   940  O O   . GLU A 1 155 ? -11.458 0.414   4.279   1.00 40.80  ? 254 GLU A O   1 
ATOM   941  C CB  . GLU A 1 155 ? -10.134 -0.823  7.023   1.00 45.69  ? 254 GLU A CB  1 
ATOM   942  C CG  . GLU A 1 155 ? -10.584 -1.130  8.442   1.00 46.38  ? 254 GLU A CG  1 
ATOM   943  C CD  . GLU A 1 155 ? -11.763 -0.277  8.870   1.00 61.04  ? 254 GLU A CD  1 
ATOM   944  O OE1 . GLU A 1 155 ? -11.872 0.873   8.392   1.00 53.39  ? 254 GLU A OE1 1 
ATOM   945  O OE2 . GLU A 1 155 ? -12.581 -0.754  9.684   1.00 76.50  ? 254 GLU A OE2 1 
ATOM   946  N N   . LEU A 1 156 ? -9.893  -1.145  3.854   1.00 41.14  ? 255 LEU A N   1 
ATOM   947  C CA  . LEU A 1 156 ? -9.563  -0.559  2.561   1.00 36.08  ? 255 LEU A CA  1 
ATOM   948  C C   . LEU A 1 156 ? -10.738 -0.667  1.596   1.00 36.22  ? 255 LEU A C   1 
ATOM   949  O O   . LEU A 1 156 ? -10.992 0.254   0.812   1.00 35.73  ? 255 LEU A O   1 
ATOM   950  C CB  . LEU A 1 156 ? -8.318  -1.238  1.989   1.00 32.40  ? 255 LEU A CB  1 
ATOM   951  C CG  . LEU A 1 156 ? -6.980  -0.728  2.537   1.00 37.03  ? 255 LEU A CG  1 
ATOM   952  C CD1 . LEU A 1 156 ? -5.839  -1.639  2.108   1.00 29.33  ? 255 LEU A CD1 1 
ATOM   953  C CD2 . LEU A 1 156 ? -6.719  0.698   2.087   1.00 34.24  ? 255 LEU A CD2 1 
ATOM   954  N N   . LEU A 1 157 ? -11.480 -1.776  1.656   1.00 37.49  ? 256 LEU A N   1 
ATOM   955  C CA  . LEU A 1 157 ? -12.643 -1.940  0.788   1.00 35.55  ? 256 LEU A CA  1 
ATOM   956  C C   . LEU A 1 157 ? -13.751 -0.960  1.157   1.00 46.60  ? 256 LEU A C   1 
ATOM   957  O O   . LEU A 1 157 ? -14.439 -0.431  0.276   1.00 36.79  ? 256 LEU A O   1 
ATOM   958  C CB  . LEU A 1 157 ? -13.147 -3.380  0.860   1.00 33.90  ? 256 LEU A CB  1 
ATOM   959  C CG  . LEU A 1 157 ? -12.216 -4.421  0.233   1.00 38.18  ? 256 LEU A CG  1 
ATOM   960  C CD1 . LEU A 1 157 ? -12.728 -5.829  0.483   1.00 37.75  ? 256 LEU A CD1 1 
ATOM   961  C CD2 . LEU A 1 157 ? -12.054 -4.167  -1.257  1.00 35.97  ? 256 LEU A CD2 1 
ATOM   962  N N   . ASP A 1 158 ? -13.940 -0.708  2.455   1.00 42.58  ? 257 ASP A N   1 
ATOM   963  C CA  . ASP A 1 158 ? -14.907 0.294   2.886   1.00 45.00  ? 257 ASP A CA  1 
ATOM   964  C C   . ASP A 1 158 ? -14.468 1.706   2.525   1.00 40.77  ? 257 ASP A C   1 
ATOM   965  O O   . ASP A 1 158 ? -15.317 2.598   2.426   1.00 44.57  ? 257 ASP A O   1 
ATOM   966  C CB  . ASP A 1 158 ? -15.138 0.193   4.396   1.00 54.12  ? 257 ASP A CB  1 
ATOM   967  C CG  . ASP A 1 158 ? -15.694 -1.154  4.811   1.00 66.88  ? 257 ASP A CG  1 
ATOM   968  O OD1 . ASP A 1 158 ? -15.860 -2.028  3.933   1.00 69.12  ? 257 ASP A OD1 1 
ATOM   969  O OD2 . ASP A 1 158 ? -15.964 -1.340  6.018   1.00 64.35  ? 257 ASP A OD2 1 
ATOM   970  N N   . GLY A 1 159 ? -13.168 1.928   2.336   1.00 38.61  ? 258 GLY A N   1 
ATOM   971  C CA  . GLY A 1 159 ? -12.642 3.181   1.846   1.00 29.32  ? 258 GLY A CA  1 
ATOM   972  C C   . GLY A 1 159 ? -12.655 3.333   0.343   1.00 32.30  ? 258 GLY A C   1 
ATOM   973  O O   . GLY A 1 159 ? -12.085 4.294   -0.181  1.00 38.52  ? 258 GLY A O   1 
ATOM   974  N N   . GLY A 1 160 ? -13.282 2.406   -0.374  1.00 33.37  ? 259 GLY A N   1 
ATOM   975  C CA  . GLY A 1 160 ? -13.434 2.531   -1.811  1.00 32.72  ? 259 GLY A CA  1 
ATOM   976  C C   . GLY A 1 160 ? -12.317 1.950   -2.647  1.00 38.66  ? 259 GLY A C   1 
ATOM   977  O O   . GLY A 1 160 ? -12.197 2.313   -3.823  1.00 54.49  ? 259 GLY A O   1 
ATOM   978  N N   . ALA A 1 161 ? -11.493 1.066   -2.087  1.00 33.29  ? 260 ALA A N   1 
ATOM   979  C CA  . ALA A 1 161 ? -10.432 0.440   -2.865  1.00 36.08  ? 260 ALA A CA  1 
ATOM   980  C C   . ALA A 1 161 ? -11.030 -0.502  -3.901  1.00 41.85  ? 260 ALA A C   1 
ATOM   981  O O   . ALA A 1 161 ? -11.899 -1.320  -3.584  1.00 35.55  ? 260 ALA A O   1 
ATOM   982  C CB  . ALA A 1 161 ? -9.474  -0.321  -1.951  1.00 35.72  ? 260 ALA A CB  1 
ATOM   983  N N   . ASN A 1 162 ? -10.564 -0.383  -5.144  1.00 34.86  ? 261 ASN A N   1 
ATOM   984  C CA  . ASN A 1 162 ? -11.068 -1.190  -6.249  1.00 37.06  ? 261 ASN A CA  1 
ATOM   985  C C   . ASN A 1 162 ? -10.455 -2.585  -6.212  1.00 36.54  ? 261 ASN A C   1 
ATOM   986  O O   . ASN A 1 162 ? -9.253  -2.743  -6.464  1.00 37.43  ? 261 ASN A O   1 
ATOM   987  C CB  . ASN A 1 162 ? -10.773 -0.500  -7.584  1.00 40.61  ? 261 ASN A CB  1 
ATOM   988  C CG  . ASN A 1 162 ? -11.415 -1.205  -8.770  1.00 47.32  ? 261 ASN A CG  1 
ATOM   989  O OD1 . ASN A 1 162 ? -12.089 -2.226  -8.619  1.00 44.79  ? 261 ASN A OD1 1 
ATOM   990  N ND2 . ASN A 1 162 ? -11.217 -0.650  -9.961  1.00 43.93  ? 261 ASN A ND2 1 
ATOM   991  N N   . PRO A 1 163 ? -11.243 -3.624  -5.913  1.00 35.58  ? 262 PRO A N   1 
ATOM   992  C CA  . PRO A 1 163 ? -10.692 -4.986  -5.910  1.00 39.09  ? 262 PRO A CA  1 
ATOM   993  C C   . PRO A 1 163 ? -10.446 -5.544  -7.300  1.00 47.54  ? 262 PRO A C   1 
ATOM   994  O O   . PRO A 1 163 ? -9.856  -6.627  -7.416  1.00 39.77  ? 262 PRO A O   1 
ATOM   995  C CB  . PRO A 1 163 ? -11.767 -5.792  -5.175  1.00 37.85  ? 262 PRO A CB  1 
ATOM   996  C CG  . PRO A 1 163 ? -13.032 -5.084  -5.514  1.00 45.50  ? 262 PRO A CG  1 
ATOM   997  C CD  . PRO A 1 163 ? -12.685 -3.613  -5.607  1.00 44.41  ? 262 PRO A CD  1 
ATOM   998  N N   . LEU A 1 164 ? -10.881 -4.848  -8.349  1.00 43.55  ? 263 LEU A N   1 
ATOM   999  C CA  . LEU A 1 164 ? -10.689 -5.282  -9.726  1.00 47.11  ? 263 LEU A CA  1 
ATOM   1000 C C   . LEU A 1 164 ? -9.528  -4.576  -10.412 1.00 43.40  ? 263 LEU A C   1 
ATOM   1001 O O   . LEU A 1 164 ? -9.284  -4.826  -11.597 1.00 35.17  ? 263 LEU A O   1 
ATOM   1002 C CB  . LEU A 1 164 ? -11.972 -5.046  -10.534 1.00 43.16  ? 263 LEU A CB  1 
ATOM   1003 C CG  . LEU A 1 164 ? -13.301 -5.507  -9.938  1.00 48.72  ? 263 LEU A CG  1 
ATOM   1004 C CD1 . LEU A 1 164 ? -14.445 -4.669  -10.494 1.00 55.23  ? 263 LEU A CD1 1 
ATOM   1005 C CD2 . LEU A 1 164 ? -13.525 -6.977  -10.231 1.00 62.80  ? 263 LEU A CD2 1 
ATOM   1006 N N   . GLN A 1 165 ? -8.817  -3.701  -9.705  1.00 36.13  ? 264 GLN A N   1 
ATOM   1007 C CA  . GLN A 1 165 ? -7.756  -2.907  -10.310 1.00 36.36  ? 264 GLN A CA  1 
ATOM   1008 C C   . GLN A 1 165 ? -6.479  -3.731  -10.432 1.00 34.29  ? 264 GLN A C   1 
ATOM   1009 O O   . GLN A 1 165 ? -6.072  -4.407  -9.480  1.00 34.24  ? 264 GLN A O   1 
ATOM   1010 C CB  . GLN A 1 165 ? -7.497  -1.649  -9.483  1.00 31.82  ? 264 GLN A CB  1 
ATOM   1011 C CG  . GLN A 1 165 ? -6.383  -0.775  -10.027 1.00 36.14  ? 264 GLN A CG  1 
ATOM   1012 C CD  . GLN A 1 165 ? -6.429  0.634   -9.478  1.00 43.65  ? 264 GLN A CD  1 
ATOM   1013 O OE1 . GLN A 1 165 ? -7.500  1.158   -9.171  1.00 43.69  ? 264 GLN A OE1 1 
ATOM   1014 N NE2 . GLN A 1 165 ? -5.262  1.257   -9.345  1.00 35.71  ? 264 GLN A NE2 1 
ATOM   1015 N N   . ARG A 1 166 ? -5.843  -3.662  -11.603 1.00 32.11  ? 265 ARG A N   1 
ATOM   1016 C CA  . ARG A 1 166 ? -4.677  -4.471  -11.938 1.00 35.78  ? 265 ARG A CA  1 
ATOM   1017 C C   . ARG A 1 166 ? -3.390  -3.672  -11.768 1.00 39.03  ? 265 ARG A C   1 
ATOM   1018 O O   . ARG A 1 166 ? -3.377  -2.446  -11.902 1.00 37.91  ? 265 ARG A O   1 
ATOM   1019 C CB  . ARG A 1 166 ? -4.771  -4.979  -13.382 1.00 26.33  ? 265 ARG A CB  1 
ATOM   1020 C CG  . ARG A 1 166 ? -5.976  -5.870  -13.666 1.00 34.89  ? 265 ARG A CG  1 
ATOM   1021 C CD  . ARG A 1 166 ? -6.050  -6.271  -15.138 1.00 36.93  ? 265 ARG A CD  1 
ATOM   1022 N NE  . ARG A 1 166 ? -7.314  -6.924  -15.462 1.00 30.66  ? 265 ARG A NE  1 
ATOM   1023 C CZ  . ARG A 1 166 ? -7.591  -8.200  -15.226 1.00 38.63  ? 265 ARG A CZ  1 
ATOM   1024 N NH1 . ARG A 1 166 ? -6.705  -9.011  -14.672 1.00 38.15  ? 265 ARG A NH1 1 
ATOM   1025 N NH2 . ARG A 1 166 ? -8.788  -8.674  -15.556 1.00 45.76  ? 265 ARG A NH2 1 
ATOM   1026 N N   . ASN A 1 167 ? -2.298  -4.380  -11.472 1.00 32.07  ? 266 ASN A N   1 
ATOM   1027 C CA  . ASN A 1 167 ? -0.979  -3.765  -11.469 1.00 39.46  ? 266 ASN A CA  1 
ATOM   1028 C C   . ASN A 1 167 ? -0.410  -3.796  -12.887 1.00 36.85  ? 266 ASN A C   1 
ATOM   1029 O O   . ASN A 1 167 ? -1.074  -4.224  -13.834 1.00 30.82  ? 266 ASN A O   1 
ATOM   1030 C CB  . ASN A 1 167 ? -0.051  -4.452  -10.463 1.00 41.62  ? 266 ASN A CB  1 
ATOM   1031 C CG  . ASN A 1 167 ? 0.009   -5.962  -10.641 1.00 45.41  ? 266 ASN A CG  1 
ATOM   1032 O OD1 . ASN A 1 167 ? -0.128  -6.482  -11.747 1.00 38.12  ? 266 ASN A OD1 1 
ATOM   1033 N ND2 . ASN A 1 167 ? 0.241   -6.673  -9.542  1.00 42.00  ? 266 ASN A ND2 1 
ATOM   1034 N N   . GLU A 1 168 ? 0.838   -3.350  -13.048 1.00 43.68  ? 267 GLU A N   1 
ATOM   1035 C CA  . GLU A 1 168 ? 1.456   -3.346  -14.372 1.00 44.07  ? 267 GLU A CA  1 
ATOM   1036 C C   . GLU A 1 168 ? 1.530   -4.750  -14.962 1.00 45.63  ? 267 GLU A C   1 
ATOM   1037 O O   . GLU A 1 168 ? 1.489   -4.913  -16.187 1.00 39.27  ? 267 GLU A O   1 
ATOM   1038 C CB  . GLU A 1 168 ? 2.854   -2.733  -14.297 1.00 44.86  ? 267 GLU A CB  1 
ATOM   1039 C CG  . GLU A 1 168 ? 3.171   -1.770  -15.427 1.00 52.76  ? 267 GLU A CG  1 
ATOM   1040 C CD  . GLU A 1 168 ? 4.656   -1.501  -15.552 1.00 72.22  ? 267 GLU A CD  1 
ATOM   1041 O OE1 . GLU A 1 168 ? 5.442   -2.255  -14.939 1.00 75.55  ? 267 GLU A OE1 1 
ATOM   1042 O OE2 . GLU A 1 168 ? 5.034   -0.545  -16.263 1.00 76.16  ? 267 GLU A OE2 1 
ATOM   1043 N N   . MET A 1 169 ? 1.632   -5.769  -14.115 1.00 35.80  ? 268 MET A N   1 
ATOM   1044 C CA  . MET A 1 169 ? 1.658   -7.151  -14.566 1.00 46.71  ? 268 MET A CA  1 
ATOM   1045 C C   . MET A 1 169 ? 0.273   -7.684  -14.907 1.00 44.36  ? 268 MET A C   1 
ATOM   1046 O O   . MET A 1 169 ? 0.167   -8.779  -15.471 1.00 48.00  ? 268 MET A O   1 
ATOM   1047 C CB  . MET A 1 169 ? 2.310   -8.031  -13.492 1.00 43.62  ? 268 MET A CB  1 
ATOM   1048 C CG  . MET A 1 169 ? 3.832   -7.953  -13.500 1.00 54.35  ? 268 MET A CG  1 
ATOM   1049 S SD  . MET A 1 169 ? 4.693   -9.532  -13.331 1.00 90.84  ? 268 MET A SD  1 
ATOM   1050 C CE  . MET A 1 169 ? 3.939   -10.181 -11.840 1.00 75.44  ? 268 MET A CE  1 
ATOM   1051 N N   . GLY A 1 170 ? -0.787  -6.945  -14.579 1.00 40.24  ? 269 GLY A N   1 
ATOM   1052 C CA  . GLY A 1 170 ? -2.139  -7.371  -14.891 1.00 33.20  ? 269 GLY A CA  1 
ATOM   1053 C C   . GLY A 1 170 ? -2.839  -8.146  -13.801 1.00 34.56  ? 269 GLY A C   1 
ATOM   1054 O O   . GLY A 1 170 ? -3.897  -8.730  -14.060 1.00 32.17  ? 269 GLY A O   1 
ATOM   1055 N N   . HIS A 1 171 ? -2.296  -8.168  -12.589 1.00 38.35  ? 270 HIS A N   1 
ATOM   1056 C CA  . HIS A 1 171 ? -2.864  -8.942  -11.493 1.00 35.38  ? 270 HIS A CA  1 
ATOM   1057 C C   . HIS A 1 171 ? -3.695  -8.051  -10.580 1.00 37.49  ? 270 HIS A C   1 
ATOM   1058 O O   . HIS A 1 171 ? -3.275  -6.943  -10.230 1.00 35.80  ? 270 HIS A O   1 
ATOM   1059 C CB  . HIS A 1 171 ? -1.767  -9.629  -10.685 1.00 36.06  ? 270 HIS A CB  1 
ATOM   1060 C CG  . HIS A 1 171 ? -0.839  -10.456 -11.519 1.00 44.17  ? 270 HIS A CG  1 
ATOM   1061 N ND1 . HIS A 1 171 ? -1.275  -11.509 -12.287 1.00 62.47  ? 270 HIS A ND1 1 
ATOM   1062 C CD2 . HIS A 1 171 ? 0.499   -10.371 -11.708 1.00 48.90  ? 270 HIS A CD2 1 
ATOM   1063 C CE1 . HIS A 1 171 ? -0.240  -12.046 -12.916 1.00 51.96  ? 270 HIS A CE1 1 
ATOM   1064 N NE2 . HIS A 1 171 ? 0.844   -11.375 -12.582 1.00 65.84  ? 270 HIS A NE2 1 
ATOM   1065 N N   . THR A 1 172 ? -4.861  -8.548  -10.198 1.00 34.78  ? 271 THR A N   1 
ATOM   1066 C CA  . THR A 1 172 ? -5.728  -7.899  -9.231  1.00 41.26  ? 271 THR A CA  1 
ATOM   1067 C C   . THR A 1 172 ? -5.344  -8.321  -7.824  1.00 45.81  ? 271 THR A C   1 
ATOM   1068 O O   . THR A 1 172 ? -4.519  -9.218  -7.626  1.00 40.98  ? 271 THR A O   1 
ATOM   1069 C CB  . THR A 1 172 ? -7.177  -8.270  -9.518  1.00 38.84  ? 271 THR A CB  1 
ATOM   1070 O OG1 . THR A 1 172 ? -7.382  -9.653  -9.203  1.00 39.63  ? 271 THR A OG1 1 
ATOM   1071 C CG2 . THR A 1 172 ? -7.497  -8.045  -10.986 1.00 42.27  ? 271 THR A CG2 1 
ATOM   1072 N N   . PRO A 1 173 ? -5.919  -7.677  -6.806  1.00 39.45  ? 272 PRO A N   1 
ATOM   1073 C CA  . PRO A 1 173 ? -5.761  -8.197  -5.437  1.00 39.71  ? 272 PRO A CA  1 
ATOM   1074 C C   . PRO A 1 173 ? -6.185  -9.654  -5.258  1.00 43.81  ? 272 PRO A C   1 
ATOM   1075 O O   . PRO A 1 173 ? -5.554  -10.354 -4.457  1.00 44.49  ? 272 PRO A O   1 
ATOM   1076 C CB  . PRO A 1 173 ? -6.625  -7.243  -4.594  1.00 43.47  ? 272 PRO A CB  1 
ATOM   1077 C CG  . PRO A 1 173 ? -6.960  -6.074  -5.476  1.00 37.80  ? 272 PRO A CG  1 
ATOM   1078 C CD  . PRO A 1 173 ? -6.319  -6.259  -6.811  1.00 44.30  ? 272 PRO A CD  1 
ATOM   1079 N N   . LEU A 1 174 ? -7.229  -10.134 -5.952  1.00 44.34  ? 273 LEU A N   1 
ATOM   1080 C CA  . LEU A 1 174 ? -7.574  -11.557 -5.863  1.00 50.06  ? 273 LEU A CA  1 
ATOM   1081 C C   . LEU A 1 174 ? -6.388  -12.435 -6.219  1.00 43.78  ? 273 LEU A C   1 
ATOM   1082 O O   . LEU A 1 174 ? -6.098  -13.426 -5.536  1.00 71.76  ? 273 LEU A O   1 
ATOM   1083 C CB  . LEU A 1 174 ? -8.719  -11.936 -6.803  1.00 53.98  ? 273 LEU A CB  1 
ATOM   1084 C CG  . LEU A 1 174 ? -10.162 -12.198 -6.383  1.00 65.12  ? 273 LEU A CG  1 
ATOM   1085 C CD1 . LEU A 1 174 ? -11.044 -12.260 -7.653  1.00 78.30  ? 273 LEU A CD1 1 
ATOM   1086 C CD2 . LEU A 1 174 ? -10.289 -13.444 -5.486  1.00 75.90  ? 273 LEU A CD2 1 
ATOM   1087 N N   . ASP A 1 175 ? -5.720  -12.108 -7.323  1.00 42.38  ? 274 ASP A N   1 
ATOM   1088 C CA  . ASP A 1 175 ? -4.674  -12.964 -7.857  1.00 43.98  ? 274 ASP A CA  1 
ATOM   1089 C C   . ASP A 1 175 ? -3.559  -13.196 -6.850  1.00 49.41  ? 274 ASP A C   1 
ATOM   1090 O O   . ASP A 1 175 ? -2.794  -14.154 -7.000  1.00 56.01  ? 274 ASP A O   1 
ATOM   1091 C CB  . ASP A 1 175 ? -4.109  -12.350 -9.138  1.00 38.61  ? 274 ASP A CB  1 
ATOM   1092 C CG  . ASP A 1 175 ? -5.162  -12.186 -10.227 1.00 56.85  ? 274 ASP A CG  1 
ATOM   1093 O OD1 . ASP A 1 175 ? -6.236  -12.816 -10.120 1.00 60.07  ? 274 ASP A OD1 1 
ATOM   1094 O OD2 . ASP A 1 175 ? -4.917  -11.429 -11.191 1.00 44.60  ? 274 ASP A OD2 1 
ATOM   1095 N N   . TYR A 1 176 ? -3.458  -12.353 -5.824  1.00 52.96  ? 275 TYR A N   1 
ATOM   1096 C CA  . TYR A 1 176 ? -2.442  -12.496 -4.794  1.00 45.45  ? 275 TYR A CA  1 
ATOM   1097 C C   . TYR A 1 176 ? -2.981  -13.131 -3.517  1.00 43.47  ? 275 TYR A C   1 
ATOM   1098 O O   . TYR A 1 176 ? -2.212  -13.348 -2.578  1.00 52.97  ? 275 TYR A O   1 
ATOM   1099 C CB  . TYR A 1 176 ? -1.823  -11.127 -4.473  1.00 32.98  ? 275 TYR A CB  1 
ATOM   1100 C CG  . TYR A 1 176 ? -0.971  -10.545 -5.589  1.00 48.48  ? 275 TYR A CG  1 
ATOM   1101 C CD1 . TYR A 1 176 ? -0.707  -11.275 -6.742  1.00 42.67  ? 275 TYR A CD1 1 
ATOM   1102 C CD2 . TYR A 1 176 ? -0.439  -9.260  -5.492  1.00 46.83  ? 275 TYR A CD2 1 
ATOM   1103 C CE1 . TYR A 1 176 ? 0.061   -10.749 -7.762  1.00 50.58  ? 275 TYR A CE1 1 
ATOM   1104 C CE2 . TYR A 1 176 ? 0.333   -8.726  -6.512  1.00 44.13  ? 275 TYR A CE2 1 
ATOM   1105 C CZ  . TYR A 1 176 ? 0.579   -9.476  -7.643  1.00 51.50  ? 275 TYR A CZ  1 
ATOM   1106 O OH  . TYR A 1 176 ? 1.341   -8.961  -8.662  1.00 55.49  ? 275 TYR A OH  1 
ATOM   1107 N N   . ALA A 1 177 ? -4.274  -13.443 -3.458  1.00 49.07  ? 276 ALA A N   1 
ATOM   1108 C CA  . ALA A 1 177 ? -4.883  -13.942 -2.234  1.00 45.13  ? 276 ALA A CA  1 
ATOM   1109 C C   . ALA A 1 177 ? -4.652  -15.442 -2.077  1.00 73.74  ? 276 ALA A C   1 
ATOM   1110 O O   . ALA A 1 177 ? -4.064  -16.108 -2.932  1.00 70.09  ? 276 ALA A O   1 
ATOM   1111 C CB  . ALA A 1 177 ? -6.374  -13.613 -2.215  1.00 60.63  ? 276 ALA A CB  1 
ATOM   1112 N N   . ARG A 1 178 ? -5.110  -15.971 -0.944  1.00 89.00  ? 277 ARG A N   1 
ATOM   1113 C CA  . ARG A 1 178 ? -5.014  -17.385 -0.609  1.00 92.82  ? 277 ARG A CA  1 
ATOM   1114 C C   . ARG A 1 178 ? -6.287  -17.797 0.121   1.00 90.22  ? 277 ARG A C   1 
ATOM   1115 O O   . ARG A 1 178 ? -6.956  -16.970 0.749   1.00 92.76  ? 277 ARG A O   1 
ATOM   1116 C CB  . ARG A 1 178 ? -3.794  -17.685 0.274   1.00 85.52  ? 277 ARG A CB  1 
ATOM   1117 C CG  . ARG A 1 178 ? -2.494  -17.056 -0.201  1.00 89.99  ? 277 ARG A CG  1 
ATOM   1118 C CD  . ARG A 1 178 ? -1.552  -16.794 0.962   1.00 79.68  ? 277 ARG A CD  1 
ATOM   1119 N NE  . ARG A 1 178 ? -1.519  -17.898 1.914   1.00 109.87 ? 277 ARG A NE  1 
ATOM   1120 C CZ  . ARG A 1 178 ? -0.414  -18.524 2.293   1.00 103.44 ? 277 ARG A CZ  1 
ATOM   1121 N NH1 . ARG A 1 178 ? 0.773   -18.177 1.824   1.00 89.24  ? 277 ARG A NH1 1 
ATOM   1122 N NH2 . ARG A 1 178 ? -0.501  -19.524 3.166   1.00 103.64 ? 277 ARG A NH2 1 
ATOM   1123 N N   . GLU A 1 179 ? -6.600  -19.095 0.056   1.00 96.70  ? 278 GLU A N   1 
ATOM   1124 C CA  . GLU A 1 179 ? -7.865  -19.599 0.592   1.00 92.26  ? 278 GLU A CA  1 
ATOM   1125 C C   . GLU A 1 179 ? -8.067  -19.172 2.039   1.00 66.42  ? 278 GLU A C   1 
ATOM   1126 O O   . GLU A 1 179 ? -7.264  -19.494 2.918   1.00 86.67  ? 278 GLU A O   1 
ATOM   1127 C CB  . GLU A 1 179 ? -7.935  -21.128 0.468   1.00 90.92  ? 278 GLU A CB  1 
ATOM   1128 C CG  . GLU A 1 179 ? -8.696  -21.585 -0.776  1.00 94.72  ? 278 GLU A CG  1 
ATOM   1129 C CD  . GLU A 1 179 ? -8.684  -23.091 -0.996  1.00 118.45 ? 278 GLU A CD  1 
ATOM   1130 O OE1 . GLU A 1 179 ? -9.270  -23.829 -0.172  1.00 119.90 ? 278 GLU A OE1 1 
ATOM   1131 O OE2 . GLU A 1 179 ? -8.119  -23.527 -2.022  1.00 109.99 ? 278 GLU A OE2 1 
ATOM   1132 N N   . GLY A 1 180 ? -9.153  -18.441 2.276   1.00 69.05  ? 279 GLY A N   1 
ATOM   1133 C CA  . GLY A 1 180 ? -9.420  -17.880 3.576   1.00 62.16  ? 279 GLY A CA  1 
ATOM   1134 C C   . GLY A 1 180 ? -10.470 -16.784 3.465   1.00 73.98  ? 279 GLY A C   1 
ATOM   1135 O O   . GLY A 1 180 ? -11.129 -16.637 2.437   1.00 75.52  ? 279 GLY A O   1 
ATOM   1136 N N   . GLU A 1 181 ? -10.597 -16.025 4.555   1.00 70.12  ? 280 GLU A N   1 
ATOM   1137 C CA  . GLU A 1 181 ? -11.599 -14.961 4.598   1.00 72.96  ? 280 GLU A CA  1 
ATOM   1138 C C   . GLU A 1 181 ? -11.237 -13.802 3.682   1.00 62.57  ? 280 GLU A C   1 
ATOM   1139 O O   . GLU A 1 181 ? -12.130 -13.096 3.196   1.00 80.80  ? 280 GLU A O   1 
ATOM   1140 C CB  . GLU A 1 181 ? -11.756 -14.444 6.024   1.00 70.13  ? 280 GLU A CB  1 
ATOM   1141 C CG  . GLU A 1 181 ? -13.017 -14.893 6.730   1.00 85.58  ? 280 GLU A CG  1 
ATOM   1142 C CD  . GLU A 1 181 ? -14.293 -14.505 6.014   1.00 84.42  ? 280 GLU A CD  1 
ATOM   1143 O OE1 . GLU A 1 181 ? -14.621 -13.301 6.001   1.00 79.83  ? 280 GLU A OE1 1 
ATOM   1144 O OE2 . GLU A 1 181 ? -14.993 -15.402 5.502   1.00 88.24  ? 280 GLU A OE2 1 
ATOM   1145 N N   . VAL A 1 182 ? -9.940  -13.576 3.458   1.00 58.66  ? 281 VAL A N   1 
ATOM   1146 C CA  . VAL A 1 182 ? -9.505  -12.477 2.601   1.00 54.09  ? 281 VAL A CA  1 
ATOM   1147 C C   . VAL A 1 182 ? -10.062 -12.660 1.200   1.00 57.69  ? 281 VAL A C   1 
ATOM   1148 O O   . VAL A 1 182 ? -10.571 -11.714 0.590   1.00 66.63  ? 281 VAL A O   1 
ATOM   1149 C CB  . VAL A 1 182 ? -7.968  -12.373 2.586   1.00 52.60  ? 281 VAL A CB  1 
ATOM   1150 C CG1 . VAL A 1 182 ? -7.510  -11.419 1.487   1.00 50.87  ? 281 VAL A CG1 1 
ATOM   1151 C CG2 . VAL A 1 182 ? -7.452  -11.920 3.937   1.00 47.54  ? 281 VAL A CG2 1 
ATOM   1152 N N   . MET A 1 183 ? -9.970  -13.882 0.666   1.00 54.06  ? 282 MET A N   1 
ATOM   1153 C CA  . MET A 1 183 ? -10.599 -14.152 -0.621  1.00 57.32  ? 282 MET A CA  1 
ATOM   1154 C C   . MET A 1 183 ? -12.091 -13.872 -0.552  1.00 69.04  ? 282 MET A C   1 
ATOM   1155 O O   . MET A 1 183 ? -12.641 -13.139 -1.381  1.00 59.82  ? 282 MET A O   1 
ATOM   1156 C CB  . MET A 1 183 ? -10.376 -15.599 -1.059  1.00 65.92  ? 282 MET A CB  1 
ATOM   1157 C CG  . MET A 1 183 ? -8.957  -16.000 -1.388  1.00 80.14  ? 282 MET A CG  1 
ATOM   1158 S SD  . MET A 1 183 ? -8.961  -16.789 -3.019  1.00 107.61 ? 282 MET A SD  1 
ATOM   1159 C CE  . MET A 1 183 ? -9.487  -18.459 -2.631  1.00 77.15  ? 282 MET A CE  1 
ATOM   1160 N N   . LYS A 1 184 ? -12.762 -14.450 0.447   1.00 58.52  ? 283 LYS A N   1 
ATOM   1161 C CA  . LYS A 1 184 ? -14.208 -14.304 0.555   1.00 59.27  ? 283 LYS A CA  1 
ATOM   1162 C C   . LYS A 1 184 ? -14.604 -12.836 0.628   1.00 67.60  ? 283 LYS A C   1 
ATOM   1163 O O   . LYS A 1 184 ? -15.500 -12.386 -0.093  1.00 72.69  ? 283 LYS A O   1 
ATOM   1164 C CB  . LYS A 1 184 ? -14.717 -15.075 1.771   1.00 67.27  ? 283 LYS A CB  1 
ATOM   1165 C CG  . LYS A 1 184 ? -14.297 -16.535 1.760   1.00 67.18  ? 283 LYS A CG  1 
ATOM   1166 C CD  . LYS A 1 184 ? -14.736 -17.252 3.022   1.00 88.45  ? 283 LYS A CD  1 
ATOM   1167 C CE  . LYS A 1 184 ? -15.958 -18.112 2.780   1.00 84.08  ? 283 LYS A CE  1 
ATOM   1168 N NZ  . LYS A 1 184 ? -15.806 -19.454 3.408   1.00 64.42  ? 283 LYS A NZ  1 
ATOM   1169 N N   . LEU A 1 185 ? -13.924 -12.069 1.483   1.00 58.98  ? 284 LEU A N   1 
ATOM   1170 C CA  . LEU A 1 185 ? -14.132 -10.625 1.538   1.00 71.65  ? 284 LEU A CA  1 
ATOM   1171 C C   . LEU A 1 185 ? -14.007 -9.991  0.157   1.00 67.98  ? 284 LEU A C   1 
ATOM   1172 O O   . LEU A 1 185 ? -14.789 -9.102  -0.205  1.00 60.24  ? 284 LEU A O   1 
ATOM   1173 C CB  . LEU A 1 185 ? -13.115 -10.000 2.488   1.00 51.97  ? 284 LEU A CB  1 
ATOM   1174 C CG  . LEU A 1 185 ? -13.512 -8.745  3.256   1.00 68.23  ? 284 LEU A CG  1 
ATOM   1175 C CD1 . LEU A 1 185 ? -14.849 -8.935  3.956   1.00 74.34  ? 284 LEU A CD1 1 
ATOM   1176 C CD2 . LEU A 1 185 ? -12.413 -8.420  4.241   1.00 58.46  ? 284 LEU A CD2 1 
ATOM   1177 N N   . LEU A 1 186 ? -13.022 -10.435 -0.626  1.00 48.69  ? 285 LEU A N   1 
ATOM   1178 C CA  . LEU A 1 186 ? -12.812 -9.875  -1.958  1.00 61.78  ? 285 LEU A CA  1 
ATOM   1179 C C   . LEU A 1 186 ? -13.942 -10.267 -2.899  1.00 63.04  ? 285 LEU A C   1 
ATOM   1180 O O   . LEU A 1 186 ? -14.449 -9.437  -3.665  1.00 66.49  ? 285 LEU A O   1 
ATOM   1181 C CB  . LEU A 1 186 ? -11.466 -10.348 -2.501  1.00 47.37  ? 285 LEU A CB  1 
ATOM   1182 C CG  . LEU A 1 186 ? -10.234 -9.700  -1.866  1.00 55.30  ? 285 LEU A CG  1 
ATOM   1183 C CD1 . LEU A 1 186 ? -8.966  -10.333 -2.403  1.00 50.56  ? 285 LEU A CD1 1 
ATOM   1184 C CD2 . LEU A 1 186 ? -10.223 -8.197  -2.096  1.00 48.04  ? 285 LEU A CD2 1 
ATOM   1185 N N   . ARG A 1 187 ? -14.358 -11.534 -2.843  1.00 57.02  ? 286 ARG A N   1 
ATOM   1186 C CA  . ARG A 1 187 ? -15.376 -12.041 -3.757  1.00 58.67  ? 286 ARG A CA  1 
ATOM   1187 C C   . ARG A 1 187 ? -16.693 -11.284 -3.613  1.00 65.41  ? 286 ARG A C   1 
ATOM   1188 O O   . ARG A 1 187 ? -17.324 -10.918 -4.609  1.00 74.88  ? 286 ARG A O   1 
ATOM   1189 C CB  . ARG A 1 187 ? -15.573 -13.537 -3.512  1.00 54.21  ? 286 ARG A CB  1 
ATOM   1190 C CG  . ARG A 1 187 ? -14.290 -14.356 -3.645  1.00 71.37  ? 286 ARG A CG  1 
ATOM   1191 C CD  . ARG A 1 187 ? -14.554 -15.615 -4.430  1.00 66.02  ? 286 ARG A CD  1 
ATOM   1192 N NE  . ARG A 1 187 ? -13.795 -16.765 -3.955  1.00 71.10  ? 286 ARG A NE  1 
ATOM   1193 C CZ  . ARG A 1 187 ? -12.694 -17.229 -4.531  1.00 80.47  ? 286 ARG A CZ  1 
ATOM   1194 N NH1 . ARG A 1 187 ? -12.174 -16.647 -5.600  1.00 86.01  ? 286 ARG A NH1 1 
ATOM   1195 N NH2 . ARG A 1 187 ? -12.119 -18.320 -4.039  1.00 74.71  ? 286 ARG A NH2 1 
ATOM   1196 N N   . THR A 1 188 ? -17.123 -11.037 -2.374  1.00 60.08  ? 287 THR A N   1 
ATOM   1197 C CA  . THR A 1 188 ? -18.361 -10.290 -2.169  1.00 74.70  ? 287 THR A CA  1 
ATOM   1198 C C   . THR A 1 188 ? -18.234 -8.845  -2.637  1.00 72.83  ? 287 THR A C   1 
ATOM   1199 O O   . THR A 1 188 ? -19.154 -8.314  -3.272  1.00 74.58  ? 287 THR A O   1 
ATOM   1200 C CB  . THR A 1 188 ? -18.783 -10.329 -0.698  1.00 66.15  ? 287 THR A CB  1 
ATOM   1201 O OG1 . THR A 1 188 ? -18.177 -9.237  0.009   1.00 86.31  ? 287 THR A OG1 1 
ATOM   1202 C CG2 . THR A 1 188 ? -18.415 -11.655 -0.044  1.00 55.97  ? 287 THR A CG2 1 
ATOM   1203 N N   . SER A 1 189 ? -17.120 -8.184  -2.310  1.00 64.28  ? 288 SER A N   1 
ATOM   1204 C CA  . SER A 1 189 ? -16.915 -6.817  -2.782  1.00 71.52  ? 288 SER A CA  1 
ATOM   1205 C C   . SER A 1 189 ? -16.866 -6.777  -4.304  1.00 59.36  ? 288 SER A C   1 
ATOM   1206 O O   . SER A 1 189 ? -17.461 -5.897  -4.939  1.00 70.90  ? 288 SER A O   1 
ATOM   1207 C CB  . SER A 1 189 ? -15.631 -6.237  -2.192  1.00 72.22  ? 288 SER A CB  1 
ATOM   1208 O OG  . SER A 1 189 ? -15.556 -4.837  -2.422  1.00 73.96  ? 288 SER A OG  1 
ATOM   1209 N N   . GLU A 1 190 ? -16.161 -7.736  -4.905  1.00 59.97  ? 289 GLU A N   1 
ATOM   1210 C CA  . GLU A 1 190 ? -16.130 -7.828  -6.360  1.00 64.60  ? 289 GLU A CA  1 
ATOM   1211 C C   . GLU A 1 190 ? -17.526 -8.067  -6.918  1.00 54.33  ? 289 GLU A C   1 
ATOM   1212 O O   . GLU A 1 190 ? -17.898 -7.504  -7.956  1.00 70.56  ? 289 GLU A O   1 
ATOM   1213 C CB  . GLU A 1 190 ? -15.179 -8.946  -6.781  1.00 54.21  ? 289 GLU A CB  1 
ATOM   1214 C CG  . GLU A 1 190 ? -13.777 -8.453  -7.049  1.00 71.02  ? 289 GLU A CG  1 
ATOM   1215 C CD  . GLU A 1 190 ? -12.725 -9.470  -6.691  1.00 95.34  ? 289 GLU A CD  1 
ATOM   1216 O OE1 . GLU A 1 190 ? -13.072 -10.454 -5.999  1.00 94.64  ? 289 GLU A OE1 1 
ATOM   1217 O OE2 . GLU A 1 190 ? -11.554 -9.254  -7.073  1.00 94.25  ? 289 GLU A OE2 1 
ATOM   1218 N N   . ALA A 1 191 ? -18.318 -8.895  -6.235  1.00 63.95  ? 290 ALA A N   1 
ATOM   1219 C CA  . ALA A 1 191 ? -19.693 -9.105  -6.669  1.00 62.18  ? 290 ALA A CA  1 
ATOM   1220 C C   . ALA A 1 191 ? -20.516 -7.832  -6.515  1.00 69.87  ? 290 ALA A C   1 
ATOM   1221 O O   . ALA A 1 191 ? -21.302 -7.484  -7.404  1.00 72.92  ? 290 ALA A O   1 
ATOM   1222 C CB  . ALA A 1 191 ? -20.320 -10.256 -5.888  1.00 64.37  ? 290 ALA A CB  1 
ATOM   1223 N N   . LYS A 1 192 ? -20.334 -7.115  -5.402  1.00 59.43  ? 291 LYS A N   1 
ATOM   1224 C CA  . LYS A 1 192 ? -21.072 -5.872  -5.204  1.00 63.36  ? 291 LYS A CA  1 
ATOM   1225 C C   . LYS A 1 192 ? -20.664 -4.816  -6.222  1.00 67.24  ? 291 LYS A C   1 
ATOM   1226 O O   . LYS A 1 192 ? -21.491 -3.983  -6.608  1.00 83.13  ? 291 LYS A O   1 
ATOM   1227 C CB  . LYS A 1 192 ? -20.864 -5.348  -3.782  1.00 65.35  ? 291 LYS A CB  1 
ATOM   1228 N N   . TYR A 1 193 ? -19.409 -4.839  -6.676  1.00 67.82  ? 292 TYR A N   1 
ATOM   1229 C CA  . TYR A 1 193 ? -18.984 -3.891  -7.702  1.00 60.54  ? 292 TYR A CA  1 
ATOM   1230 C C   . TYR A 1 193 ? -19.857 -4.011  -8.942  1.00 77.31  ? 292 TYR A C   1 
ATOM   1231 O O   . TYR A 1 193 ? -20.419 -3.016  -9.415  1.00 80.74  ? 292 TYR A O   1 
ATOM   1232 C CB  . TYR A 1 193 ? -17.510 -4.105  -8.044  1.00 65.87  ? 292 TYR A CB  1 
ATOM   1233 C CG  . TYR A 1 193 ? -16.614 -3.000  -7.527  1.00 61.74  ? 292 TYR A CG  1 
ATOM   1234 C CD1 . TYR A 1 193 ? -16.442 -2.809  -6.164  1.00 64.65  ? 292 TYR A CD1 1 
ATOM   1235 C CD2 . TYR A 1 193 ? -15.941 -2.151  -8.401  1.00 57.87  ? 292 TYR A CD2 1 
ATOM   1236 C CE1 . TYR A 1 193 ? -15.633 -1.804  -5.680  1.00 60.68  ? 292 TYR A CE1 1 
ATOM   1237 C CE2 . TYR A 1 193 ? -15.123 -1.141  -7.925  1.00 52.20  ? 292 TYR A CE2 1 
ATOM   1238 C CZ  . TYR A 1 193 ? -14.973 -0.975  -6.564  1.00 51.84  ? 292 TYR A CZ  1 
ATOM   1239 O OH  . TYR A 1 193 ? -14.162 0.025   -6.085  1.00 68.32  ? 292 TYR A OH  1 
ATOM   1240 N N   . GLN A 1 194 ? -20.014 -5.230  -9.466  1.00 65.28  ? 293 GLN A N   1 
ATOM   1241 C CA  . GLN A 1 194 ? -20.905 -5.434  -10.604 1.00 72.82  ? 293 GLN A CA  1 
ATOM   1242 C C   . GLN A 1 194 ? -22.322 -4.966  -10.294 1.00 80.36  ? 293 GLN A C   1 
ATOM   1243 O O   . GLN A 1 194 ? -23.016 -4.434  -11.170 1.00 85.60  ? 293 GLN A O   1 
ATOM   1244 C CB  . GLN A 1 194 ? -20.917 -6.907  -11.010 1.00 75.76  ? 293 GLN A CB  1 
ATOM   1245 C CG  . GLN A 1 194 ? -19.545 -7.534  -11.171 1.00 73.36  ? 293 GLN A CG  1 
ATOM   1246 C CD  . GLN A 1 194 ? -19.505 -8.520  -12.321 1.00 90.78  ? 293 GLN A CD  1 
ATOM   1247 O OE1 . GLN A 1 194 ? -19.285 -9.715  -12.123 1.00 87.04  ? 293 GLN A OE1 1 
ATOM   1248 N NE2 . GLN A 1 194 ? -19.723 -8.024  -13.534 1.00 77.94  ? 293 GLN A NE2 1 
ATOM   1249 N N   . GLU A 1 195 ? -22.768 -5.145  -9.049  1.00 76.90  ? 294 GLU A N   1 
ATOM   1250 C CA  . GLU A 1 195 ? -24.135 -4.780  -8.695  1.00 80.90  ? 294 GLU A CA  1 
ATOM   1251 C C   . GLU A 1 195 ? -24.297 -3.270  -8.565  1.00 74.83  ? 294 GLU A C   1 
ATOM   1252 O O   . GLU A 1 195 ? -25.298 -2.705  -9.023  1.00 72.33  ? 294 GLU A O   1 
ATOM   1253 C CB  . GLU A 1 195 ? -24.543 -5.476  -7.396  1.00 75.88  ? 294 GLU A CB  1 
ATOM   1254 C CG  . GLU A 1 195 ? -26.022 -5.367  -7.058  1.00 76.54  ? 294 GLU A CG  1 
ATOM   1255 C CD  . GLU A 1 195 ? -26.363 -6.031  -5.736  1.00 88.18  ? 294 GLU A CD  1 
ATOM   1256 O OE1 . GLU A 1 195 ? -27.537 -5.960  -5.314  1.00 93.01  ? 294 GLU A OE1 1 
ATOM   1257 O OE2 . GLU A 1 195 ? -25.454 -6.624  -5.118  1.00 85.67  ? 294 GLU A OE2 1 
ATOM   1258 N N   . LYS A 1 196 ? -23.324 -2.596  -7.952  1.00 69.62  ? 295 LYS A N   1 
ATOM   1259 C CA  . LYS A 1 196 ? -23.445 -1.182  -7.621  1.00 65.12  ? 295 LYS A CA  1 
ATOM   1260 C C   . LYS A 1 196 ? -22.781 -0.254  -8.632  1.00 70.81  ? 295 LYS A C   1 
ATOM   1261 O O   . LYS A 1 196 ? -22.763 0.961   -8.407  1.00 71.55  ? 295 LYS A O   1 
ATOM   1262 C CB  . LYS A 1 196 ? -22.861 -0.912  -6.227  1.00 67.53  ? 295 LYS A CB  1 
ATOM   1263 C CG  . LYS A 1 196 ? -23.246 -1.932  -5.164  1.00 62.37  ? 295 LYS A CG  1 
ATOM   1264 C CD  . LYS A 1 196 ? -24.574 -1.597  -4.508  1.00 57.20  ? 295 LYS A CD  1 
ATOM   1265 C CE  . LYS A 1 196 ? -25.209 -2.835  -3.899  1.00 60.04  ? 295 LYS A CE  1 
ATOM   1266 N NZ  . LYS A 1 196 ? -26.578 -2.560  -3.384  1.00 70.60  ? 295 LYS A NZ  1 
ATOM   1267 N N   . GLN A 1 197 ? -22.237 -0.775  -9.730  1.00 72.46  ? 296 GLN A N   1 
ATOM   1268 C CA  . GLN A 1 197 ? -21.615 0.089   -10.729 1.00 76.11  ? 296 GLN A CA  1 
ATOM   1269 C C   . GLN A 1 197 ? -22.679 0.889   -11.468 1.00 64.19  ? 296 GLN A C   1 
ATOM   1270 O O   . GLN A 1 197 ? -23.532 0.316   -12.155 1.00 73.20  ? 296 GLN A O   1 
ATOM   1271 C CB  . GLN A 1 197 ? -20.781 -0.729  -11.710 1.00 63.55  ? 296 GLN A CB  1 
ATOM   1272 C CG  . GLN A 1 197 ? -19.360 -0.976  -11.242 1.00 72.89  ? 296 GLN A CG  1 
ATOM   1273 C CD  . GLN A 1 197 ? -18.357 -0.949  -12.367 1.00 77.35  ? 296 GLN A CD  1 
ATOM   1274 O OE1 . GLN A 1 197 ? -18.194 0.059   -13.056 1.00 69.62  ? 296 GLN A OE1 1 
ATOM   1275 N NE2 . GLN A 1 197 ? -17.688 -2.075  -12.574 1.00 78.66  ? 296 GLN A NE2 1 
ATOM   1276 N N   . ARG A 1 198 ? -22.605 2.213   -11.329 1.00 76.25  ? 297 ARG A N   1 
ATOM   1277 C CA  . ARG A 1 198 ? -23.553 3.177   -11.893 1.00 89.77  ? 297 ARG A CA  1 
ATOM   1278 C C   . ARG A 1 198 ? -24.994 2.671   -11.922 1.00 94.49  ? 297 ARG A C   1 
ATOM   1279 O O   . ARG A 1 198 ? -25.495 2.237   -12.959 1.00 98.39  ? 297 ARG A O   1 
ATOM   1280 C CB  . ARG A 1 198 ? -23.114 3.591   -13.301 1.00 87.79  ? 297 ARG A CB  1 
ATOM   1281 C CG  . ARG A 1 198 ? -22.197 4.812   -13.315 1.00 90.56  ? 297 ARG A CG  1 
ATOM   1282 C CD  . ARG A 1 198 ? -22.863 6.006   -12.629 1.00 68.53  ? 297 ARG A CD  1 
ATOM   1283 N NE  . ARG A 1 198 ? -22.329 7.296   -13.053 1.00 83.65  ? 297 ARG A NE  1 
ATOM   1284 C CZ  . ARG A 1 198 ? -22.464 7.816   -14.268 1.00 99.63  ? 297 ARG A CZ  1 
ATOM   1285 N NH1 . ARG A 1 198 ? -23.130 7.185   -15.222 1.00 84.18  ? 297 ARG A NH1 1 
ATOM   1286 N NH2 . ARG A 1 198 ? -21.925 9.004   -14.529 1.00 84.39  ? 297 ARG A NH2 1 
ATOM   1287 O OXT . ARG A 1 198 ? -25.686 2.686   -10.902 1.00 90.23  ? 297 ARG A OXT 1 
HETATM 1288 O O   . HOH B 2 .   ? 7.792   12.581  13.533  1.00 55.05  ? 301 HOH A O   1 
HETATM 1289 O O   . HOH B 2 .   ? -7.381  11.727  -1.646  1.00 53.65  ? 302 HOH A O   1 
HETATM 1290 O O   . HOH B 2 .   ? -2.866  14.625  -1.454  1.00 51.78  ? 303 HOH A O   1 
HETATM 1291 O O   . HOH B 2 .   ? 9.062   -2.172  8.819   1.00 51.48  ? 304 HOH A O   1 
HETATM 1292 O O   . HOH B 2 .   ? 8.126   3.941   4.075   1.00 40.13  ? 305 HOH A O   1 
HETATM 1293 O O   . HOH B 2 .   ? 13.317  -8.161  -10.668 1.00 40.66  ? 306 HOH A O   1 
HETATM 1294 O O   . HOH B 2 .   ? 1.109   10.720  -4.333  1.00 48.15  ? 307 HOH A O   1 
HETATM 1295 O O   . HOH B 2 .   ? -3.198  7.080   -0.658  1.00 31.28  ? 308 HOH A O   1 
HETATM 1296 O O   . HOH B 2 .   ? -2.903  -0.308  -10.268 1.00 37.12  ? 309 HOH A O   1 
HETATM 1297 O O   . HOH B 2 .   ? -14.548 -0.825  -2.315  1.00 37.37  ? 310 HOH A O   1 
HETATM 1298 O O   . HOH B 2 .   ? -7.823  10.814  10.054  1.00 33.70  ? 311 HOH A O   1 
HETATM 1299 O O   . HOH B 2 .   ? -2.689  17.371  5.705   1.00 49.49  ? 312 HOH A O   1 
HETATM 1300 O O   . HOH B 2 .   ? -12.157 6.935   0.461   1.00 37.72  ? 313 HOH A O   1 
HETATM 1301 O O   . HOH B 2 .   ? 7.701   10.194  12.056  1.00 55.64  ? 314 HOH A O   1 
HETATM 1302 O O   . HOH B 2 .   ? -3.187  2.458   -2.920  1.00 29.90  ? 315 HOH A O   1 
HETATM 1303 O O   . HOH B 2 .   ? 2.737   12.632  18.360  1.00 49.43  ? 316 HOH A O   1 
HETATM 1304 O O   . HOH B 2 .   ? -2.100  4.590   -1.658  1.00 32.38  ? 317 HOH A O   1 
HETATM 1305 O O   . HOH B 2 .   ? -3.355  -1.571  14.187  1.00 36.66  ? 318 HOH A O   1 
HETATM 1306 O O   . HOH B 2 .   ? -1.148  7.341   1.530   1.00 43.67  ? 319 HOH A O   1 
HETATM 1307 O O   . HOH B 2 .   ? -10.199 8.031   1.939   1.00 29.86  ? 320 HOH A O   1 
HETATM 1308 O O   . HOH B 2 .   ? 7.899   17.575  12.737  1.00 54.35  ? 321 HOH A O   1 
HETATM 1309 O O   . HOH B 2 .   ? 6.703   -4.862  10.180  1.00 56.14  ? 322 HOH A O   1 
HETATM 1310 O O   . HOH B 2 .   ? 3.066   -5.426  -11.344 1.00 38.91  ? 323 HOH A O   1 
HETATM 1311 O O   . HOH B 2 .   ? -13.733 4.900   -4.261  1.00 51.18  ? 324 HOH A O   1 
HETATM 1312 O O   . HOH B 2 .   ? 6.161   9.527   18.669  1.00 42.10  ? 325 HOH A O   1 
HETATM 1313 O O   . HOH B 2 .   ? 15.181  -14.263 -4.408  1.00 50.30  ? 326 HOH A O   1 
HETATM 1314 O O   . HOH B 2 .   ? 14.916  -7.539  -8.985  1.00 42.65  ? 327 HOH A O   1 
HETATM 1315 O O   . HOH B 2 .   ? 10.441  5.752   5.057   1.00 42.29  ? 328 HOH A O   1 
HETATM 1316 O O   . HOH B 2 .   ? 10.229  -4.119  7.777   1.00 50.95  ? 329 HOH A O   1 
# 
